data_2EDO
#
_entry.id   2EDO
#
_entity_poly.entity_id   1
_entity_poly.type   'polypeptide(L)'
_entity_poly.pdbx_seq_one_letter_code
;GSSGSSGQGHLVHMTVVSGSNVTLNISESLPENYKQLTWFYTFDQKIVEWDSRKSKYFESKFKGRVRLDPQSGALYISKV
QKEDNSTYIMRVLKKTGNEQEWKIKLQVLDPVPKPVIKIEK
;
_entity_poly.pdbx_strand_id   A
#
# COMPACT_ATOMS: atom_id res chain seq x y z
N GLY A 1 11.47 9.85 -2.36
CA GLY A 1 10.62 10.10 -1.20
C GLY A 1 11.36 9.91 0.11
N SER A 2 11.27 10.90 0.98
CA SER A 2 11.94 10.84 2.28
C SER A 2 11.04 11.39 3.38
N SER A 3 11.49 11.25 4.63
CA SER A 3 10.73 11.73 5.77
C SER A 3 10.38 13.20 5.61
N GLY A 4 9.27 13.62 6.22
CA GLY A 4 8.85 15.01 6.14
C GLY A 4 7.56 15.26 6.89
N SER A 5 7.47 14.73 8.11
CA SER A 5 6.28 14.91 8.93
C SER A 5 6.57 14.56 10.39
N SER A 6 5.68 14.99 11.29
CA SER A 6 5.84 14.74 12.71
C SER A 6 4.48 14.59 13.39
N GLY A 7 4.51 14.25 14.67
CA GLY A 7 3.27 14.08 15.42
C GLY A 7 3.03 12.64 15.82
N GLN A 8 1.83 12.36 16.32
CA GLN A 8 1.47 11.02 16.73
C GLN A 8 1.04 10.17 15.54
N GLY A 9 1.85 10.20 14.48
CA GLY A 9 1.54 9.43 13.29
C GLY A 9 2.00 10.12 12.02
N HIS A 10 3.30 10.02 11.73
CA HIS A 10 3.86 10.64 10.53
C HIS A 10 3.36 9.94 9.28
N LEU A 11 3.27 10.70 8.19
CA LEU A 11 2.81 10.15 6.92
C LEU A 11 3.95 9.48 6.16
N VAL A 12 3.65 8.36 5.52
CA VAL A 12 4.65 7.61 4.76
C VAL A 12 4.63 8.01 3.29
N HIS A 13 5.80 8.33 2.75
CA HIS A 13 5.91 8.72 1.35
C HIS A 13 6.91 7.83 0.61
N MET A 14 6.40 6.81 -0.07
CA MET A 14 7.24 5.89 -0.82
C MET A 14 7.24 6.23 -2.31
N THR A 15 8.35 5.94 -2.98
CA THR A 15 8.48 6.22 -4.40
C THR A 15 9.16 5.06 -5.13
N VAL A 16 8.51 4.57 -6.18
CA VAL A 16 9.05 3.47 -6.97
C VAL A 16 8.87 3.71 -8.46
N VAL A 17 9.42 2.81 -9.27
CA VAL A 17 9.31 2.93 -10.72
C VAL A 17 8.11 2.16 -11.24
N SER A 18 7.51 2.67 -12.33
CA SER A 18 6.34 2.04 -12.92
C SER A 18 6.69 0.66 -13.48
N GLY A 19 5.71 -0.23 -13.50
CA GLY A 19 5.94 -1.56 -14.01
C GLY A 19 6.94 -2.35 -13.18
N SER A 20 6.96 -2.07 -11.87
CA SER A 20 7.88 -2.74 -10.97
C SER A 20 7.14 -3.31 -9.77
N ASN A 21 7.65 -4.40 -9.22
CA ASN A 21 7.04 -5.04 -8.06
C ASN A 21 7.28 -4.22 -6.80
N VAL A 22 6.20 -3.70 -6.23
CA VAL A 22 6.29 -2.90 -5.01
C VAL A 22 5.94 -3.73 -3.77
N THR A 23 6.15 -3.15 -2.59
CA THR A 23 5.87 -3.83 -1.34
C THR A 23 5.46 -2.84 -0.26
N LEU A 24 4.16 -2.81 0.04
CA LEU A 24 3.64 -1.91 1.06
C LEU A 24 3.70 -2.56 2.44
N ASN A 25 4.56 -2.02 3.30
CA ASN A 25 4.72 -2.54 4.66
C ASN A 25 4.67 -1.40 5.68
N ILE A 26 3.66 -1.44 6.55
CA ILE A 26 3.50 -0.43 7.58
C ILE A 26 4.73 -0.36 8.48
N SER A 27 5.24 0.85 8.70
CA SER A 27 6.41 1.06 9.54
C SER A 27 6.41 0.09 10.72
N GLU A 28 5.42 0.25 11.61
CA GLU A 28 5.31 -0.62 12.78
C GLU A 28 4.69 -1.96 12.41
N SER A 29 5.44 -3.04 12.63
CA SER A 29 4.97 -4.38 12.31
C SER A 29 3.74 -4.73 13.14
N LEU A 30 2.83 -5.48 12.54
CA LEU A 30 1.60 -5.89 13.21
C LEU A 30 1.88 -6.25 14.67
N PRO A 31 0.89 -5.99 15.54
CA PRO A 31 1.00 -6.28 16.97
C PRO A 31 1.00 -7.78 17.26
N GLU A 32 1.15 -8.13 18.54
CA GLU A 32 1.17 -9.53 18.95
C GLU A 32 0.23 -10.36 18.09
N ASN A 33 -1.01 -9.88 17.94
CA ASN A 33 -2.01 -10.58 17.14
C ASN A 33 -3.16 -9.64 16.78
N TYR A 34 -3.30 -9.37 15.48
CA TYR A 34 -4.34 -8.49 14.99
C TYR A 34 -5.65 -9.26 14.80
N LYS A 35 -6.75 -8.52 14.67
CA LYS A 35 -8.06 -9.12 14.48
C LYS A 35 -8.58 -8.88 13.06
N GLN A 36 -8.47 -7.64 12.60
CA GLN A 36 -8.93 -7.28 11.26
C GLN A 36 -7.80 -6.63 10.47
N LEU A 37 -7.70 -6.99 9.19
CA LEU A 37 -6.66 -6.44 8.32
C LEU A 37 -7.22 -6.13 6.94
N THR A 38 -7.41 -4.85 6.65
CA THR A 38 -7.93 -4.42 5.36
C THR A 38 -7.05 -3.35 4.74
N TRP A 39 -7.13 -3.22 3.42
CA TRP A 39 -6.34 -2.23 2.70
C TRP A 39 -7.23 -1.27 1.92
N PHE A 40 -6.97 0.02 2.05
CA PHE A 40 -7.76 1.04 1.36
C PHE A 40 -6.95 1.67 0.22
N TYR A 41 -7.55 1.68 -0.96
CA TYR A 41 -6.88 2.26 -2.13
C TYR A 41 -7.02 3.78 -2.16
N THR A 42 -8.18 4.27 -1.73
CA THR A 42 -8.44 5.69 -1.69
C THR A 42 -9.15 6.10 -0.41
N PHE A 43 -9.58 7.36 -0.34
CA PHE A 43 -10.28 7.87 0.84
C PHE A 43 -11.38 6.91 1.27
N ASP A 44 -12.28 6.60 0.34
CA ASP A 44 -13.39 5.70 0.62
C ASP A 44 -13.38 4.51 -0.34
N GLN A 45 -12.21 3.91 -0.53
CA GLN A 45 -12.07 2.78 -1.43
C GLN A 45 -11.27 1.66 -0.75
N LYS A 46 -11.69 0.42 -0.98
CA LYS A 46 -11.03 -0.73 -0.41
C LYS A 46 -10.39 -1.59 -1.49
N ILE A 47 -9.47 -2.48 -1.09
CA ILE A 47 -8.80 -3.36 -2.03
C ILE A 47 -8.95 -4.82 -1.62
N VAL A 48 -8.72 -5.10 -0.35
CA VAL A 48 -8.83 -6.46 0.17
C VAL A 48 -9.03 -6.45 1.68
N GLU A 49 -9.87 -7.36 2.17
CA GLU A 49 -10.14 -7.46 3.59
C GLU A 49 -9.80 -8.85 4.12
N TRP A 50 -9.31 -8.90 5.36
CA TRP A 50 -8.94 -10.17 5.98
C TRP A 50 -9.62 -10.33 7.33
N ASP A 51 -10.72 -11.08 7.34
CA ASP A 51 -11.47 -11.32 8.56
C ASP A 51 -10.89 -12.50 9.33
N SER A 52 -9.63 -12.39 9.73
CA SER A 52 -8.96 -13.46 10.47
C SER A 52 -9.36 -14.82 9.93
N ARG A 53 -9.74 -14.87 8.65
CA ARG A 53 -10.15 -16.11 8.02
C ARG A 53 -9.47 -16.28 6.67
N LYS A 54 -9.92 -15.52 5.69
CA LYS A 54 -9.35 -15.58 4.34
C LYS A 54 -9.50 -14.25 3.63
N SER A 55 -8.42 -13.78 3.01
CA SER A 55 -8.43 -12.52 2.28
C SER A 55 -9.66 -12.42 1.38
N LYS A 56 -10.17 -11.20 1.22
CA LYS A 56 -11.35 -10.96 0.40
C LYS A 56 -11.15 -9.73 -0.48
N TYR A 57 -11.10 -9.95 -1.79
CA TYR A 57 -10.92 -8.85 -2.74
C TYR A 57 -12.27 -8.27 -3.16
N PHE A 58 -12.43 -6.96 -2.97
CA PHE A 58 -13.67 -6.29 -3.32
C PHE A 58 -13.64 -5.84 -4.78
N GLU A 59 -13.86 -6.78 -5.69
CA GLU A 59 -13.85 -6.49 -7.12
C GLU A 59 -12.83 -5.40 -7.45
N SER A 60 -11.63 -5.53 -6.88
CA SER A 60 -10.57 -4.57 -7.11
C SER A 60 -9.65 -5.02 -8.25
N LYS A 61 -9.51 -4.16 -9.26
CA LYS A 61 -8.66 -4.47 -10.40
C LYS A 61 -7.38 -5.17 -9.96
N PHE A 62 -6.76 -4.64 -8.91
CA PHE A 62 -5.52 -5.21 -8.39
C PHE A 62 -5.61 -6.73 -8.29
N LYS A 63 -6.76 -7.22 -7.83
CA LYS A 63 -6.98 -8.65 -7.69
C LYS A 63 -6.42 -9.40 -8.90
N GLY A 64 -5.70 -10.48 -8.63
CA GLY A 64 -5.13 -11.28 -9.70
C GLY A 64 -3.61 -11.20 -9.73
N ARG A 65 -3.08 -9.98 -9.71
CA ARG A 65 -1.63 -9.78 -9.74
C ARG A 65 -1.10 -9.52 -8.34
N VAL A 66 -1.81 -8.68 -7.58
CA VAL A 66 -1.40 -8.35 -6.22
C VAL A 66 -1.50 -9.56 -5.30
N ARG A 67 -1.19 -9.35 -4.02
CA ARG A 67 -1.25 -10.43 -3.04
C ARG A 67 -1.10 -9.88 -1.63
N LEU A 68 -1.96 -10.34 -0.73
CA LEU A 68 -1.93 -9.89 0.67
C LEU A 68 -1.35 -10.98 1.56
N ASP A 69 -0.30 -10.63 2.29
CA ASP A 69 0.36 -11.57 3.20
C ASP A 69 -0.19 -11.42 4.61
N PRO A 70 -0.99 -12.40 5.05
CA PRO A 70 -1.60 -12.40 6.38
C PRO A 70 -0.56 -12.64 7.49
N GLN A 71 0.66 -12.96 7.08
CA GLN A 71 1.73 -13.21 8.03
C GLN A 71 2.35 -11.90 8.52
N SER A 72 2.63 -11.00 7.58
CA SER A 72 3.22 -9.71 7.91
C SER A 72 2.22 -8.58 7.66
N GLY A 73 1.40 -8.74 6.63
CA GLY A 73 0.42 -7.72 6.31
C GLY A 73 0.91 -6.74 5.26
N ALA A 74 1.73 -7.24 4.34
CA ALA A 74 2.29 -6.40 3.28
C ALA A 74 1.57 -6.66 1.95
N LEU A 75 1.45 -5.60 1.15
CA LEU A 75 0.78 -5.71 -0.14
C LEU A 75 1.79 -5.64 -1.28
N TYR A 76 1.88 -6.72 -2.06
CA TYR A 76 2.80 -6.78 -3.18
C TYR A 76 2.08 -6.59 -4.51
N ILE A 77 2.39 -5.49 -5.19
CA ILE A 77 1.77 -5.18 -6.46
C ILE A 77 2.73 -5.40 -7.62
N SER A 78 2.25 -6.05 -8.67
CA SER A 78 3.08 -6.32 -9.85
C SER A 78 2.73 -5.38 -11.00
N LYS A 79 3.69 -5.14 -11.87
CA LYS A 79 3.48 -4.26 -13.02
C LYS A 79 2.61 -3.07 -12.65
N VAL A 80 2.88 -2.48 -11.48
CA VAL A 80 2.12 -1.34 -11.01
C VAL A 80 1.86 -0.34 -12.14
N GLN A 81 0.94 0.58 -11.90
CA GLN A 81 0.60 1.58 -12.90
C GLN A 81 0.61 2.98 -12.29
N LYS A 82 1.02 3.96 -13.08
CA LYS A 82 1.09 5.35 -12.62
C LYS A 82 -0.15 5.70 -11.80
N GLU A 83 -1.31 5.18 -12.20
CA GLU A 83 -2.55 5.44 -11.49
C GLU A 83 -2.44 5.00 -10.04
N ASP A 84 -1.83 3.85 -9.82
CA ASP A 84 -1.66 3.31 -8.48
C ASP A 84 -1.32 4.42 -7.48
N ASN A 85 -0.51 5.37 -7.92
CA ASN A 85 -0.11 6.49 -7.08
C ASN A 85 -1.32 7.08 -6.35
N SER A 86 -1.42 6.80 -5.06
CA SER A 86 -2.52 7.31 -4.25
C SER A 86 -2.25 7.09 -2.76
N THR A 87 -3.08 7.71 -1.92
CA THR A 87 -2.92 7.59 -0.47
C THR A 87 -3.48 6.26 0.03
N TYR A 88 -2.58 5.35 0.38
CA TYR A 88 -2.98 4.04 0.88
C TYR A 88 -3.20 4.07 2.39
N ILE A 89 -4.32 3.50 2.82
CA ILE A 89 -4.65 3.47 4.25
C ILE A 89 -4.96 2.04 4.70
N MET A 90 -4.10 1.51 5.57
CA MET A 90 -4.28 0.15 6.08
C MET A 90 -4.92 0.18 7.47
N ARG A 91 -6.20 -0.19 7.53
CA ARG A 91 -6.92 -0.20 8.80
C ARG A 91 -6.83 -1.57 9.46
N VAL A 92 -6.44 -1.59 10.73
CA VAL A 92 -6.31 -2.84 11.48
C VAL A 92 -6.93 -2.71 12.86
N LEU A 93 -7.63 -3.76 13.29
CA LEU A 93 -8.27 -3.77 14.59
C LEU A 93 -7.42 -4.51 15.61
N LYS A 94 -6.79 -3.77 16.51
CA LYS A 94 -5.95 -4.35 17.55
C LYS A 94 -6.77 -5.25 18.48
N LYS A 95 -6.16 -6.35 18.91
CA LYS A 95 -6.83 -7.30 19.80
C LYS A 95 -7.38 -6.57 21.03
N THR A 96 -6.52 -5.82 21.70
CA THR A 96 -6.92 -5.08 22.89
C THR A 96 -8.27 -4.40 22.69
N GLY A 97 -8.57 -4.04 21.44
CA GLY A 97 -9.82 -3.38 21.14
C GLY A 97 -9.62 -1.96 20.64
N ASN A 98 -8.64 -1.79 19.76
CA ASN A 98 -8.35 -0.47 19.19
C ASN A 98 -8.44 -0.48 17.68
N GLU A 99 -8.36 0.70 17.06
CA GLU A 99 -8.43 0.81 15.62
C GLU A 99 -7.43 1.84 15.10
N GLN A 100 -6.40 1.36 14.42
CA GLN A 100 -5.38 2.25 13.87
C GLN A 100 -5.45 2.30 12.35
N GLU A 101 -4.89 3.36 11.77
CA GLU A 101 -4.90 3.53 10.32
C GLU A 101 -3.66 4.30 9.85
N TRP A 102 -2.85 3.65 9.02
CA TRP A 102 -1.64 4.27 8.51
C TRP A 102 -1.91 4.97 7.18
N LYS A 103 -0.88 5.64 6.65
CA LYS A 103 -1.01 6.35 5.39
C LYS A 103 0.26 6.21 4.56
N ILE A 104 0.09 5.90 3.28
CA ILE A 104 1.22 5.75 2.37
C ILE A 104 0.92 6.34 1.00
N LYS A 105 1.52 7.50 0.71
CA LYS A 105 1.31 8.17 -0.57
C LYS A 105 2.21 7.57 -1.64
N LEU A 106 1.73 6.51 -2.29
CA LEU A 106 2.50 5.85 -3.35
C LEU A 106 2.87 6.84 -4.45
N GLN A 107 4.14 6.86 -4.82
CA GLN A 107 4.62 7.75 -5.86
C GLN A 107 5.36 6.96 -6.95
N VAL A 108 4.71 6.82 -8.11
CA VAL A 108 5.29 6.09 -9.23
C VAL A 108 6.03 7.04 -10.16
N LEU A 109 7.18 6.59 -10.66
CA LEU A 109 7.98 7.40 -11.58
C LEU A 109 8.18 6.68 -12.91
N ASP A 110 8.64 7.42 -13.91
CA ASP A 110 8.88 6.86 -15.24
C ASP A 110 10.34 6.49 -15.41
N PRO A 111 10.59 5.33 -16.05
CA PRO A 111 11.94 4.83 -16.30
C PRO A 111 12.69 5.68 -17.33
N VAL A 112 12.06 5.90 -18.46
CA VAL A 112 12.66 6.69 -19.53
C VAL A 112 13.40 7.90 -18.97
N PRO A 113 14.65 8.09 -19.43
CA PRO A 113 15.50 9.20 -18.99
C PRO A 113 15.00 10.55 -19.50
N LYS A 114 15.84 11.56 -19.37
CA LYS A 114 15.49 12.90 -19.83
C LYS A 114 16.65 13.55 -20.59
N PRO A 115 16.31 14.40 -21.56
CA PRO A 115 17.32 15.10 -22.38
C PRO A 115 18.07 16.15 -21.59
N VAL A 116 19.07 16.77 -22.23
CA VAL A 116 19.87 17.80 -21.59
C VAL A 116 19.45 19.20 -22.03
N ILE A 117 18.53 19.80 -21.27
CA ILE A 117 18.04 21.14 -21.59
C ILE A 117 18.89 22.21 -20.91
N LYS A 118 19.49 23.08 -21.71
CA LYS A 118 20.31 24.16 -21.18
C LYS A 118 19.78 25.52 -21.61
N ILE A 119 19.94 26.51 -20.74
CA ILE A 119 19.48 27.86 -21.03
C ILE A 119 20.64 28.86 -21.03
N GLU A 120 20.69 29.69 -22.07
CA GLU A 120 21.74 30.69 -22.18
C GLU A 120 21.16 32.11 -22.16
N LYS A 121 21.30 32.78 -21.02
CA LYS A 121 20.79 34.14 -20.86
C LYS A 121 21.12 34.98 -22.09
N GLY A 1 16.63 4.53 19.11
CA GLY A 1 15.24 4.47 18.70
C GLY A 1 14.48 5.74 19.03
N SER A 2 13.55 6.11 18.16
CA SER A 2 12.75 7.32 18.38
C SER A 2 11.30 7.09 17.97
N SER A 3 10.40 7.20 18.94
CA SER A 3 8.97 7.00 18.69
C SER A 3 8.13 7.97 19.51
N GLY A 4 7.25 8.70 18.83
CA GLY A 4 6.39 9.65 19.50
C GLY A 4 5.12 9.03 20.04
N SER A 5 4.93 9.09 21.35
CA SER A 5 3.75 8.53 21.99
C SER A 5 2.60 9.52 21.97
N SER A 6 2.89 10.77 22.33
CA SER A 6 1.88 11.82 22.36
C SER A 6 1.20 11.97 21.01
N GLY A 7 2.01 12.09 19.96
CA GLY A 7 1.46 12.24 18.62
C GLY A 7 1.29 10.91 17.92
N GLN A 8 0.13 10.74 17.27
CA GLN A 8 -0.16 9.50 16.56
C GLN A 8 -0.68 9.80 15.15
N GLY A 9 0.21 9.67 14.16
CA GLY A 9 -0.18 9.92 12.78
C GLY A 9 1.02 10.19 11.89
N HIS A 10 1.84 9.17 11.70
CA HIS A 10 3.03 9.30 10.86
C HIS A 10 2.67 9.14 9.39
N LEU A 11 3.13 10.08 8.56
CA LEU A 11 2.86 10.04 7.13
C LEU A 11 4.03 9.45 6.37
N VAL A 12 3.77 8.38 5.60
CA VAL A 12 4.81 7.72 4.82
C VAL A 12 4.66 8.05 3.34
N HIS A 13 5.77 8.45 2.72
CA HIS A 13 5.77 8.79 1.30
C HIS A 13 6.60 7.80 0.50
N MET A 14 5.93 6.91 -0.21
CA MET A 14 6.61 5.91 -1.03
C MET A 14 6.98 6.47 -2.39
N THR A 15 7.96 5.83 -3.05
CA THR A 15 8.41 6.26 -4.36
C THR A 15 9.09 5.14 -5.11
N VAL A 16 8.44 4.63 -6.14
CA VAL A 16 8.99 3.55 -6.94
C VAL A 16 8.76 3.78 -8.43
N VAL A 17 9.26 2.88 -9.26
CA VAL A 17 9.11 2.98 -10.70
C VAL A 17 7.87 2.23 -11.19
N SER A 18 7.27 2.73 -12.26
CA SER A 18 6.08 2.11 -12.83
C SER A 18 6.40 0.73 -13.38
N GLY A 19 5.43 -0.18 -13.28
CA GLY A 19 5.62 -1.54 -13.78
C GLY A 19 6.63 -2.31 -12.96
N SER A 20 6.73 -1.98 -11.67
CA SER A 20 7.67 -2.65 -10.78
C SER A 20 6.96 -3.16 -9.53
N ASN A 21 7.31 -4.37 -9.11
CA ASN A 21 6.71 -4.97 -7.92
C ASN A 21 6.93 -4.10 -6.70
N VAL A 22 5.83 -3.66 -6.09
CA VAL A 22 5.89 -2.82 -4.90
C VAL A 22 5.59 -3.63 -3.64
N THR A 23 5.98 -3.08 -2.50
CA THR A 23 5.76 -3.74 -1.22
C THR A 23 5.23 -2.76 -0.17
N LEU A 24 3.91 -2.65 -0.08
CA LEU A 24 3.29 -1.74 0.88
C LEU A 24 3.29 -2.34 2.28
N ASN A 25 4.15 -1.81 3.14
CA ASN A 25 4.25 -2.29 4.51
C ASN A 25 4.55 -1.14 5.48
N ILE A 26 3.83 -1.12 6.58
CA ILE A 26 4.01 -0.07 7.59
C ILE A 26 5.21 -0.37 8.48
N SER A 27 5.97 0.67 8.82
CA SER A 27 7.15 0.53 9.65
C SER A 27 6.80 -0.16 10.97
N GLU A 28 5.69 0.26 11.58
CA GLU A 28 5.23 -0.30 12.83
C GLU A 28 4.73 -1.73 12.64
N SER A 29 5.65 -2.70 12.65
CA SER A 29 5.30 -4.10 12.47
C SER A 29 4.09 -4.47 13.32
N LEU A 30 3.07 -5.04 12.68
CA LEU A 30 1.86 -5.44 13.37
C LEU A 30 2.16 -5.90 14.80
N PRO A 31 1.19 -5.71 15.70
CA PRO A 31 1.33 -6.10 17.10
C PRO A 31 1.34 -7.62 17.28
N GLU A 32 1.56 -8.06 18.53
CA GLU A 32 1.58 -9.48 18.83
C GLU A 32 0.61 -10.25 17.95
N ASN A 33 -0.56 -9.66 17.72
CA ASN A 33 -1.58 -10.29 16.90
C ASN A 33 -2.72 -9.32 16.60
N TYR A 34 -3.36 -9.51 15.45
CA TYR A 34 -4.46 -8.64 15.04
C TYR A 34 -5.75 -9.45 14.85
N LYS A 35 -6.82 -8.76 14.47
CA LYS A 35 -8.11 -9.40 14.24
C LYS A 35 -8.53 -9.28 12.78
N GLN A 36 -8.34 -8.10 12.21
CA GLN A 36 -8.71 -7.85 10.83
C GLN A 36 -7.65 -6.98 10.14
N LEU A 37 -7.46 -7.21 8.84
CA LEU A 37 -6.49 -6.46 8.07
C LEU A 37 -7.06 -6.05 6.72
N THR A 38 -7.25 -4.76 6.52
CA THR A 38 -7.79 -4.24 5.26
C THR A 38 -6.90 -3.14 4.71
N TRP A 39 -6.75 -3.13 3.38
CA TRP A 39 -5.93 -2.13 2.71
C TRP A 39 -6.80 -1.15 1.93
N PHE A 40 -6.42 0.12 1.96
CA PHE A 40 -7.17 1.16 1.24
C PHE A 40 -6.32 1.78 0.14
N TYR A 41 -6.83 1.75 -1.08
CA TYR A 41 -6.12 2.30 -2.23
C TYR A 41 -6.16 3.82 -2.20
N THR A 42 -7.30 4.38 -1.78
CA THR A 42 -7.46 5.82 -1.71
C THR A 42 -8.09 6.24 -0.39
N PHE A 43 -8.42 7.52 -0.28
CA PHE A 43 -9.03 8.04 0.94
C PHE A 43 -10.34 7.34 1.24
N ASP A 44 -11.19 7.21 0.23
CA ASP A 44 -12.48 6.55 0.38
C ASP A 44 -12.57 5.32 -0.52
N GLN A 45 -11.46 4.62 -0.67
CA GLN A 45 -11.42 3.43 -1.51
C GLN A 45 -10.77 2.26 -0.76
N LYS A 46 -11.19 1.04 -1.07
CA LYS A 46 -10.65 -0.14 -0.44
C LYS A 46 -10.05 -1.09 -1.48
N ILE A 47 -9.12 -1.94 -1.05
CA ILE A 47 -8.48 -2.88 -1.94
C ILE A 47 -8.85 -4.32 -1.58
N VAL A 48 -8.42 -4.77 -0.40
CA VAL A 48 -8.71 -6.11 0.06
C VAL A 48 -9.02 -6.13 1.55
N GLU A 49 -10.08 -6.85 1.93
CA GLU A 49 -10.47 -6.94 3.33
C GLU A 49 -10.30 -8.36 3.85
N TRP A 50 -9.23 -8.58 4.60
CA TRP A 50 -8.94 -9.90 5.16
C TRP A 50 -9.66 -10.08 6.51
N ASP A 51 -10.20 -11.27 6.72
CA ASP A 51 -10.89 -11.57 7.97
C ASP A 51 -9.99 -12.32 8.94
N SER A 52 -10.34 -12.30 10.22
CA SER A 52 -9.55 -12.97 11.24
C SER A 52 -8.96 -14.28 10.71
N ARG A 53 -9.68 -14.90 9.79
CA ARG A 53 -9.23 -16.16 9.19
C ARG A 53 -9.33 -16.11 7.67
N LYS A 54 -10.56 -16.08 7.17
CA LYS A 54 -10.80 -16.03 5.74
C LYS A 54 -10.36 -14.68 5.15
N SER A 55 -10.25 -14.62 3.83
CA SER A 55 -9.84 -13.40 3.15
C SER A 55 -10.92 -12.91 2.19
N LYS A 56 -11.03 -11.60 2.03
CA LYS A 56 -12.02 -11.01 1.13
C LYS A 56 -11.36 -10.09 0.12
N TYR A 57 -11.17 -10.59 -1.10
CA TYR A 57 -10.55 -9.80 -2.15
C TYR A 57 -11.60 -9.03 -2.95
N PHE A 58 -11.82 -7.77 -2.57
CA PHE A 58 -12.80 -6.93 -3.24
C PHE A 58 -12.60 -6.96 -4.76
N GLU A 59 -13.66 -7.31 -5.48
CA GLU A 59 -13.60 -7.39 -6.93
C GLU A 59 -13.02 -6.10 -7.52
N SER A 60 -11.75 -6.16 -7.92
CA SER A 60 -11.08 -5.00 -8.50
C SER A 60 -9.86 -5.43 -9.31
N LYS A 61 -9.39 -4.53 -10.17
CA LYS A 61 -8.23 -4.82 -11.01
C LYS A 61 -7.05 -5.27 -10.16
N PHE A 62 -7.11 -4.99 -8.87
CA PHE A 62 -6.03 -5.36 -7.95
C PHE A 62 -6.06 -6.86 -7.66
N LYS A 63 -7.27 -7.43 -7.67
CA LYS A 63 -7.43 -8.85 -7.42
C LYS A 63 -6.89 -9.68 -8.57
N GLY A 64 -6.01 -10.64 -8.25
CA GLY A 64 -5.42 -11.48 -9.27
C GLY A 64 -3.90 -11.49 -9.22
N ARG A 65 -3.32 -10.33 -8.96
CA ARG A 65 -1.87 -10.20 -8.88
C ARG A 65 -1.43 -9.91 -7.45
N VAL A 66 -2.02 -8.89 -6.85
CA VAL A 66 -1.69 -8.50 -5.48
C VAL A 66 -1.61 -9.73 -4.57
N ARG A 67 -1.02 -9.55 -3.39
CA ARG A 67 -0.88 -10.63 -2.43
C ARG A 67 -0.69 -10.09 -1.02
N LEU A 68 -1.74 -10.18 -0.21
CA LEU A 68 -1.69 -9.69 1.16
C LEU A 68 -1.23 -10.79 2.11
N ASP A 69 -0.17 -10.52 2.87
CA ASP A 69 0.36 -11.48 3.82
C ASP A 69 -0.13 -11.20 5.23
N PRO A 70 -0.91 -12.13 5.78
CA PRO A 70 -1.47 -12.01 7.14
C PRO A 70 -0.40 -12.11 8.22
N GLN A 71 0.81 -12.44 7.81
CA GLN A 71 1.93 -12.57 8.74
C GLN A 71 2.56 -11.22 9.03
N SER A 72 2.84 -10.47 7.97
CA SER A 72 3.46 -9.16 8.11
C SER A 72 2.46 -8.05 7.77
N GLY A 73 1.57 -8.33 6.84
CA GLY A 73 0.57 -7.36 6.44
C GLY A 73 1.03 -6.49 5.29
N ALA A 74 1.93 -7.03 4.48
CA ALA A 74 2.45 -6.29 3.32
C ALA A 74 1.69 -6.65 2.05
N LEU A 75 1.31 -5.64 1.29
CA LEU A 75 0.58 -5.85 0.05
C LEU A 75 1.50 -5.70 -1.17
N TYR A 76 1.93 -6.83 -1.70
CA TYR A 76 2.82 -6.83 -2.86
C TYR A 76 2.03 -6.68 -4.16
N ILE A 77 2.26 -5.59 -4.87
CA ILE A 77 1.57 -5.32 -6.12
C ILE A 77 2.50 -5.57 -7.32
N SER A 78 2.06 -6.43 -8.23
CA SER A 78 2.85 -6.75 -9.42
C SER A 78 2.36 -5.94 -10.61
N LYS A 79 3.30 -5.49 -11.43
CA LYS A 79 2.98 -4.71 -12.63
C LYS A 79 2.09 -3.53 -12.27
N VAL A 80 2.50 -2.77 -11.26
CA VAL A 80 1.74 -1.60 -10.81
C VAL A 80 1.52 -0.63 -11.97
N GLN A 81 0.55 0.27 -11.80
CA GLN A 81 0.24 1.26 -12.82
C GLN A 81 0.39 2.67 -12.28
N LYS A 82 0.71 3.62 -13.16
CA LYS A 82 0.88 5.01 -12.77
C LYS A 82 -0.28 5.47 -11.90
N GLU A 83 -1.51 5.17 -12.34
CA GLU A 83 -2.69 5.56 -11.60
C GLU A 83 -2.54 5.23 -10.11
N ASP A 84 -1.88 4.13 -9.82
CA ASP A 84 -1.67 3.70 -8.44
C ASP A 84 -1.38 4.90 -7.54
N ASN A 85 -0.67 5.89 -8.09
CA ASN A 85 -0.32 7.09 -7.34
C ASN A 85 -1.52 7.59 -6.54
N SER A 86 -1.59 7.19 -5.28
CA SER A 86 -2.69 7.60 -4.40
C SER A 86 -2.32 7.39 -2.94
N THR A 87 -3.10 7.98 -2.05
CA THR A 87 -2.86 7.87 -0.62
C THR A 87 -3.45 6.57 -0.07
N TYR A 88 -2.58 5.64 0.29
CA TYR A 88 -3.01 4.36 0.83
C TYR A 88 -3.20 4.43 2.34
N ILE A 89 -4.24 3.76 2.84
CA ILE A 89 -4.53 3.76 4.27
C ILE A 89 -4.81 2.35 4.77
N MET A 90 -3.81 1.74 5.38
CA MET A 90 -3.93 0.39 5.91
C MET A 90 -4.57 0.40 7.30
N ARG A 91 -5.72 -0.26 7.43
CA ARG A 91 -6.43 -0.32 8.70
C ARG A 91 -6.31 -1.71 9.32
N VAL A 92 -6.10 -1.74 10.63
CA VAL A 92 -5.98 -3.01 11.35
C VAL A 92 -6.80 -3.00 12.63
N LEU A 93 -7.50 -4.10 12.89
CA LEU A 93 -8.33 -4.22 14.08
C LEU A 93 -7.54 -4.87 15.23
N LYS A 94 -7.12 -4.04 16.18
CA LYS A 94 -6.36 -4.53 17.32
C LYS A 94 -7.26 -5.31 18.27
N LYS A 95 -6.75 -6.40 18.82
CA LYS A 95 -7.50 -7.23 19.75
C LYS A 95 -8.01 -6.40 20.92
N THR A 96 -7.20 -5.42 21.33
CA THR A 96 -7.57 -4.56 22.44
C THR A 96 -8.93 -3.90 22.22
N GLY A 97 -9.34 -3.83 20.96
CA GLY A 97 -10.61 -3.23 20.62
C GLY A 97 -10.46 -1.85 20.02
N ASN A 98 -9.37 -1.64 19.28
CA ASN A 98 -9.12 -0.35 18.64
C ASN A 98 -8.86 -0.52 17.14
N GLU A 99 -8.71 0.60 16.44
CA GLU A 99 -8.47 0.57 15.01
C GLU A 99 -7.44 1.63 14.61
N GLN A 100 -6.23 1.19 14.32
CA GLN A 100 -5.15 2.09 13.93
C GLN A 100 -4.99 2.13 12.41
N GLU A 101 -5.15 3.32 11.84
CA GLU A 101 -5.03 3.49 10.39
C GLU A 101 -3.74 4.25 10.04
N TRP A 102 -3.06 3.78 9.01
CA TRP A 102 -1.82 4.42 8.56
C TRP A 102 -2.02 5.16 7.25
N LYS A 103 -0.96 5.78 6.76
CA LYS A 103 -1.03 6.53 5.50
C LYS A 103 0.25 6.31 4.68
N ILE A 104 0.07 6.09 3.38
CA ILE A 104 1.20 5.88 2.49
C ILE A 104 0.96 6.50 1.12
N LYS A 105 1.63 7.62 0.86
CA LYS A 105 1.48 8.32 -0.40
C LYS A 105 2.38 7.70 -1.48
N LEU A 106 1.86 6.70 -2.19
CA LEU A 106 2.61 6.04 -3.24
C LEU A 106 2.97 7.01 -4.36
N GLN A 107 4.23 6.96 -4.79
CA GLN A 107 4.71 7.84 -5.85
C GLN A 107 5.36 7.03 -6.97
N VAL A 108 4.72 7.03 -8.14
CA VAL A 108 5.24 6.30 -9.29
C VAL A 108 5.99 7.22 -10.24
N LEU A 109 7.18 6.80 -10.66
CA LEU A 109 7.99 7.59 -11.57
C LEU A 109 8.19 6.86 -12.90
N ASP A 110 8.27 7.63 -13.98
CA ASP A 110 8.47 7.06 -15.31
C ASP A 110 9.88 6.49 -15.46
N PRO A 111 9.97 5.29 -16.05
CA PRO A 111 11.26 4.62 -16.26
C PRO A 111 12.11 5.31 -17.31
N VAL A 112 11.52 5.59 -18.47
CA VAL A 112 12.22 6.25 -19.56
C VAL A 112 11.36 7.31 -20.21
N PRO A 113 11.96 8.48 -20.51
CA PRO A 113 11.26 9.60 -21.14
C PRO A 113 10.88 9.31 -22.59
N LYS A 114 10.43 10.34 -23.29
CA LYS A 114 10.03 10.19 -24.70
C LYS A 114 11.17 9.59 -25.52
N PRO A 115 10.82 8.65 -26.41
CA PRO A 115 11.80 7.99 -27.28
C PRO A 115 12.36 8.93 -28.35
N VAL A 116 13.57 8.65 -28.79
CA VAL A 116 14.22 9.47 -29.81
C VAL A 116 13.63 9.21 -31.19
N ILE A 117 12.73 10.10 -31.61
CA ILE A 117 12.09 9.98 -32.91
C ILE A 117 12.95 10.57 -34.02
N LYS A 118 13.88 9.78 -34.53
CA LYS A 118 14.77 10.23 -35.59
C LYS A 118 15.55 9.05 -36.18
N ILE A 119 16.05 9.24 -37.39
CA ILE A 119 16.82 8.19 -38.07
C ILE A 119 18.28 8.25 -37.67
N GLU A 120 18.95 7.09 -37.68
CA GLU A 120 20.36 7.01 -37.32
C GLU A 120 20.89 5.60 -37.56
N LYS A 121 22.00 5.51 -38.28
CA LYS A 121 22.62 4.21 -38.57
C LYS A 121 22.71 3.36 -37.31
N GLY A 1 13.03 -13.91 23.26
CA GLY A 1 13.46 -12.54 23.07
C GLY A 1 12.36 -11.54 23.39
N SER A 2 12.47 -10.34 22.83
CA SER A 2 11.49 -9.30 23.06
C SER A 2 11.65 -8.17 22.04
N SER A 3 10.74 -8.11 21.08
CA SER A 3 10.78 -7.09 20.05
C SER A 3 9.37 -6.64 19.67
N GLY A 4 9.26 -5.39 19.21
CA GLY A 4 7.97 -4.85 18.82
C GLY A 4 7.56 -3.67 19.67
N SER A 5 8.25 -2.55 19.50
CA SER A 5 7.95 -1.34 20.25
C SER A 5 6.60 -0.76 19.86
N SER A 6 5.95 -0.08 20.79
CA SER A 6 4.64 0.51 20.55
C SER A 6 4.78 1.94 20.03
N GLY A 7 3.74 2.43 19.37
CA GLY A 7 3.76 3.78 18.83
C GLY A 7 2.52 4.12 18.05
N GLN A 8 2.49 5.31 17.46
CA GLN A 8 1.34 5.75 16.68
C GLN A 8 1.72 5.89 15.20
N GLY A 9 0.80 5.51 14.32
CA GLY A 9 1.05 5.61 12.90
C GLY A 9 1.88 6.83 12.54
N HIS A 10 2.62 6.72 11.44
CA HIS A 10 3.47 7.83 10.99
C HIS A 10 3.41 7.97 9.46
N LEU A 11 3.17 9.19 9.00
CA LEU A 11 3.09 9.45 7.57
C LEU A 11 4.28 8.84 6.84
N VAL A 12 3.98 8.02 5.83
CA VAL A 12 5.02 7.37 5.04
C VAL A 12 4.92 7.76 3.58
N HIS A 13 6.02 8.26 3.02
CA HIS A 13 6.06 8.66 1.62
C HIS A 13 7.04 7.81 0.83
N MET A 14 6.50 6.83 0.11
CA MET A 14 7.34 5.93 -0.69
C MET A 14 7.35 6.38 -2.16
N THR A 15 8.26 5.79 -2.94
CA THR A 15 8.38 6.13 -4.35
C THR A 15 9.00 4.98 -5.14
N VAL A 16 8.37 4.60 -6.23
CA VAL A 16 8.86 3.51 -7.07
C VAL A 16 8.58 3.79 -8.55
N VAL A 17 9.08 2.91 -9.42
CA VAL A 17 8.89 3.06 -10.85
C VAL A 17 7.65 2.30 -11.32
N SER A 18 7.03 2.79 -12.38
CA SER A 18 5.84 2.17 -12.93
C SER A 18 6.16 0.80 -13.51
N GLY A 19 5.19 -0.10 -13.45
CA GLY A 19 5.39 -1.45 -13.98
C GLY A 19 6.41 -2.23 -13.18
N SER A 20 6.56 -1.88 -11.90
CA SER A 20 7.51 -2.57 -11.03
C SER A 20 6.82 -3.07 -9.77
N ASN A 21 7.17 -4.29 -9.36
CA ASN A 21 6.59 -4.89 -8.17
C ASN A 21 6.88 -4.05 -6.93
N VAL A 22 5.83 -3.53 -6.31
CA VAL A 22 5.97 -2.70 -5.12
C VAL A 22 5.68 -3.50 -3.85
N THR A 23 6.14 -2.99 -2.71
CA THR A 23 5.93 -3.65 -1.44
C THR A 23 5.47 -2.67 -0.37
N LEU A 24 4.17 -2.63 -0.12
CA LEU A 24 3.60 -1.74 0.88
C LEU A 24 3.71 -2.34 2.28
N ASN A 25 4.63 -1.82 3.08
CA ASN A 25 4.83 -2.32 4.43
C ASN A 25 5.10 -1.16 5.39
N ILE A 26 4.39 -1.15 6.51
CA ILE A 26 4.56 -0.11 7.51
C ILE A 26 5.75 -0.38 8.40
N SER A 27 6.59 0.63 8.61
CA SER A 27 7.77 0.49 9.45
C SER A 27 7.42 -0.13 10.79
N GLU A 28 6.17 0.04 11.20
CA GLU A 28 5.71 -0.51 12.47
C GLU A 28 5.03 -1.87 12.27
N SER A 29 5.84 -2.91 12.14
CA SER A 29 5.33 -4.26 11.94
C SER A 29 4.06 -4.48 12.74
N LEU A 30 3.09 -5.16 12.14
CA LEU A 30 1.82 -5.44 12.80
C LEU A 30 2.03 -5.70 14.28
N PRO A 31 0.99 -5.42 15.08
CA PRO A 31 1.04 -5.62 16.54
C PRO A 31 1.06 -7.10 16.91
N GLU A 32 1.21 -7.37 18.21
CA GLU A 32 1.25 -8.74 18.70
C GLU A 32 0.26 -9.62 17.94
N ASN A 33 -0.98 -9.15 17.83
CA ASN A 33 -2.02 -9.89 17.13
C ASN A 33 -3.04 -8.93 16.52
N TYR A 34 -3.48 -9.24 15.30
CA TYR A 34 -4.45 -8.41 14.60
C TYR A 34 -5.74 -9.18 14.35
N LYS A 35 -6.84 -8.46 14.21
CA LYS A 35 -8.14 -9.08 13.95
C LYS A 35 -8.51 -8.99 12.47
N GLN A 36 -8.35 -7.80 11.90
CA GLN A 36 -8.66 -7.58 10.49
C GLN A 36 -7.57 -6.75 9.82
N LEU A 37 -7.36 -7.02 8.53
CA LEU A 37 -6.34 -6.29 7.76
C LEU A 37 -6.93 -5.75 6.46
N THR A 38 -7.21 -4.45 6.44
CA THR A 38 -7.77 -3.80 5.26
C THR A 38 -6.75 -2.91 4.58
N TRP A 39 -6.85 -2.80 3.26
CA TRP A 39 -5.93 -1.96 2.48
C TRP A 39 -6.69 -0.96 1.63
N PHE A 40 -6.76 0.28 2.10
CA PHE A 40 -7.46 1.33 1.38
C PHE A 40 -6.60 1.89 0.25
N TYR A 41 -7.14 1.89 -0.96
CA TYR A 41 -6.43 2.39 -2.12
C TYR A 41 -6.52 3.90 -2.23
N THR A 42 -7.69 4.43 -1.88
CA THR A 42 -7.92 5.87 -1.93
C THR A 42 -8.61 6.36 -0.66
N PHE A 43 -9.02 7.63 -0.66
CA PHE A 43 -9.69 8.22 0.49
C PHE A 43 -10.85 7.34 0.96
N ASP A 44 -11.77 7.05 0.05
CA ASP A 44 -12.93 6.22 0.37
C ASP A 44 -12.96 4.98 -0.52
N GLN A 45 -11.81 4.37 -0.73
CA GLN A 45 -11.70 3.17 -1.56
C GLN A 45 -10.96 2.06 -0.83
N LYS A 46 -11.41 0.83 -1.03
CA LYS A 46 -10.79 -0.33 -0.40
C LYS A 46 -10.14 -1.24 -1.43
N ILE A 47 -9.22 -2.09 -0.98
CA ILE A 47 -8.54 -3.01 -1.87
C ILE A 47 -8.81 -4.46 -1.47
N VAL A 48 -8.64 -4.75 -0.19
CA VAL A 48 -8.88 -6.10 0.33
C VAL A 48 -8.97 -6.10 1.85
N GLU A 49 -9.99 -6.77 2.37
CA GLU A 49 -10.19 -6.85 3.81
C GLU A 49 -9.97 -8.27 4.32
N TRP A 50 -8.72 -8.61 4.59
CA TRP A 50 -8.37 -9.93 5.08
C TRP A 50 -9.00 -10.21 6.45
N ASP A 51 -9.23 -11.47 6.75
CA ASP A 51 -9.84 -11.86 8.03
C ASP A 51 -8.87 -12.71 8.84
N SER A 52 -8.97 -12.61 10.16
CA SER A 52 -8.12 -13.37 11.06
C SER A 52 -7.83 -14.75 10.49
N ARG A 53 -8.78 -15.28 9.73
CA ARG A 53 -8.63 -16.60 9.12
C ARG A 53 -8.78 -16.53 7.61
N LYS A 54 -9.99 -16.24 7.15
CA LYS A 54 -10.28 -16.13 5.73
C LYS A 54 -9.89 -14.76 5.19
N SER A 55 -10.06 -14.57 3.89
CA SER A 55 -9.73 -13.30 3.25
C SER A 55 -10.89 -12.80 2.39
N LYS A 56 -10.90 -11.50 2.12
CA LYS A 56 -11.95 -10.90 1.31
C LYS A 56 -11.36 -10.01 0.22
N TYR A 57 -11.12 -10.59 -0.96
CA TYR A 57 -10.56 -9.85 -2.07
C TYR A 57 -11.66 -9.15 -2.88
N PHE A 58 -11.81 -7.85 -2.64
CA PHE A 58 -12.82 -7.07 -3.33
C PHE A 58 -12.52 -7.00 -4.83
N GLU A 59 -13.45 -7.48 -5.65
CA GLU A 59 -13.28 -7.47 -7.09
C GLU A 59 -12.71 -6.14 -7.57
N SER A 60 -11.41 -6.11 -7.80
CA SER A 60 -10.73 -4.89 -8.26
C SER A 60 -9.53 -5.23 -9.14
N LYS A 61 -9.19 -4.31 -10.03
CA LYS A 61 -8.07 -4.51 -10.93
C LYS A 61 -6.92 -5.23 -10.23
N PHE A 62 -6.42 -4.62 -9.16
CA PHE A 62 -5.33 -5.21 -8.39
C PHE A 62 -5.56 -6.70 -8.16
N LYS A 63 -6.81 -7.07 -7.93
CA LYS A 63 -7.17 -8.47 -7.70
C LYS A 63 -6.70 -9.34 -8.86
N GLY A 64 -5.86 -10.33 -8.56
CA GLY A 64 -5.36 -11.22 -9.58
C GLY A 64 -3.86 -11.39 -9.54
N ARG A 65 -3.17 -10.35 -9.06
CA ARG A 65 -1.71 -10.39 -8.97
C ARG A 65 -1.26 -10.08 -7.54
N VAL A 66 -1.84 -9.05 -6.96
CA VAL A 66 -1.49 -8.65 -5.59
C VAL A 66 -1.40 -9.86 -4.67
N ARG A 67 -0.78 -9.68 -3.51
CA ARG A 67 -0.63 -10.75 -2.55
C ARG A 67 -0.40 -10.19 -1.14
N LEU A 68 -1.41 -10.35 -0.28
CA LEU A 68 -1.32 -9.86 1.10
C LEU A 68 -0.77 -10.94 2.02
N ASP A 69 0.26 -10.60 2.78
CA ASP A 69 0.87 -11.54 3.71
C ASP A 69 0.33 -11.33 5.13
N PRO A 70 -0.39 -12.35 5.64
CA PRO A 70 -0.98 -12.31 6.98
C PRO A 70 0.08 -12.37 8.07
N GLN A 71 1.34 -12.41 7.67
CA GLN A 71 2.44 -12.48 8.63
C GLN A 71 2.94 -11.08 8.97
N SER A 72 3.16 -10.25 7.95
CA SER A 72 3.64 -8.90 8.15
C SER A 72 2.57 -7.87 7.77
N GLY A 73 1.67 -8.26 6.87
CA GLY A 73 0.61 -7.39 6.45
C GLY A 73 1.03 -6.47 5.31
N ALA A 74 1.97 -6.94 4.49
CA ALA A 74 2.47 -6.16 3.37
C ALA A 74 1.71 -6.51 2.09
N LEU A 75 1.43 -5.49 1.28
CA LEU A 75 0.70 -5.70 0.02
C LEU A 75 1.63 -5.51 -1.16
N TYR A 76 1.95 -6.60 -1.85
CA TYR A 76 2.83 -6.55 -3.00
C TYR A 76 2.02 -6.47 -4.29
N ILE A 77 2.17 -5.35 -5.00
CA ILE A 77 1.45 -5.15 -6.26
C ILE A 77 2.36 -5.40 -7.45
N SER A 78 1.88 -6.20 -8.40
CA SER A 78 2.65 -6.51 -9.60
C SER A 78 2.18 -5.69 -10.78
N LYS A 79 3.12 -5.30 -11.64
CA LYS A 79 2.79 -4.50 -12.82
C LYS A 79 1.89 -3.33 -12.46
N VAL A 80 2.25 -2.61 -11.40
CA VAL A 80 1.48 -1.46 -10.95
C VAL A 80 1.20 -0.51 -12.10
N GLN A 81 0.48 0.58 -11.80
CA GLN A 81 0.15 1.57 -12.81
C GLN A 81 0.28 2.99 -12.25
N LYS A 82 0.59 3.94 -13.12
CA LYS A 82 0.74 5.33 -12.72
C LYS A 82 -0.38 5.74 -11.75
N GLU A 83 -1.60 5.37 -12.09
CA GLU A 83 -2.76 5.70 -11.26
C GLU A 83 -2.54 5.23 -9.81
N ASP A 84 -1.90 4.09 -9.67
CA ASP A 84 -1.62 3.53 -8.35
C ASP A 84 -1.12 4.61 -7.39
N ASN A 85 -0.49 5.63 -7.96
CA ASN A 85 0.03 6.73 -7.16
C ASN A 85 -1.08 7.42 -6.37
N SER A 86 -1.20 7.06 -5.10
CA SER A 86 -2.24 7.63 -4.24
C SER A 86 -1.91 7.40 -2.77
N THR A 87 -2.76 7.91 -1.89
CA THR A 87 -2.57 7.76 -0.46
C THR A 87 -3.22 6.49 0.06
N TYR A 88 -2.40 5.51 0.43
CA TYR A 88 -2.90 4.24 0.94
C TYR A 88 -3.11 4.30 2.45
N ILE A 89 -4.20 3.70 2.91
CA ILE A 89 -4.51 3.68 4.33
C ILE A 89 -4.83 2.27 4.81
N MET A 90 -3.82 1.59 5.32
CA MET A 90 -4.01 0.22 5.82
C MET A 90 -4.59 0.22 7.22
N ARG A 91 -5.88 -0.11 7.32
CA ARG A 91 -6.57 -0.14 8.60
C ARG A 91 -6.47 -1.52 9.24
N VAL A 92 -6.15 -1.55 10.53
CA VAL A 92 -6.02 -2.80 11.25
C VAL A 92 -6.86 -2.79 12.53
N LEU A 93 -7.60 -3.87 12.76
CA LEU A 93 -8.45 -3.97 13.95
C LEU A 93 -7.71 -4.72 15.06
N LYS A 94 -7.43 -4.01 16.15
CA LYS A 94 -6.75 -4.62 17.29
C LYS A 94 -7.67 -5.54 18.06
N LYS A 95 -7.09 -6.50 18.78
CA LYS A 95 -7.87 -7.45 19.57
C LYS A 95 -8.67 -6.73 20.65
N THR A 96 -8.01 -5.79 21.34
CA THR A 96 -8.67 -5.03 22.40
C THR A 96 -9.99 -4.44 21.92
N GLY A 97 -10.07 -4.16 20.63
CA GLY A 97 -11.28 -3.59 20.06
C GLY A 97 -11.07 -2.20 19.51
N ASN A 98 -9.83 -1.88 19.18
CA ASN A 98 -9.49 -0.56 18.64
C ASN A 98 -9.41 -0.60 17.12
N GLU A 99 -9.11 0.55 16.52
CA GLU A 99 -9.00 0.64 15.07
C GLU A 99 -7.86 1.58 14.67
N GLN A 100 -6.82 1.03 14.07
CA GLN A 100 -5.67 1.82 13.65
C GLN A 100 -5.76 2.16 12.16
N GLU A 101 -4.86 3.03 11.70
CA GLU A 101 -4.85 3.43 10.30
C GLU A 101 -3.54 4.14 9.96
N TRP A 102 -2.87 3.67 8.91
CA TRP A 102 -1.62 4.26 8.48
C TRP A 102 -1.81 5.09 7.21
N LYS A 103 -0.71 5.64 6.71
CA LYS A 103 -0.76 6.46 5.50
C LYS A 103 0.50 6.25 4.65
N ILE A 104 0.30 5.83 3.41
CA ILE A 104 1.43 5.60 2.50
C ILE A 104 1.14 6.19 1.12
N LYS A 105 1.68 7.38 0.88
CA LYS A 105 1.50 8.06 -0.40
C LYS A 105 2.41 7.47 -1.47
N LEU A 106 1.88 6.54 -2.25
CA LEU A 106 2.66 5.90 -3.31
C LEU A 106 2.92 6.88 -4.46
N GLN A 107 4.18 6.93 -4.88
CA GLN A 107 4.58 7.83 -5.97
C GLN A 107 5.21 7.04 -7.11
N VAL A 108 4.42 6.78 -8.15
CA VAL A 108 4.91 6.05 -9.31
C VAL A 108 5.59 6.97 -10.31
N LEU A 109 6.71 6.52 -10.85
CA LEU A 109 7.46 7.31 -11.83
C LEU A 109 7.71 6.52 -13.10
N ASP A 110 7.63 7.19 -14.25
CA ASP A 110 7.85 6.55 -15.53
C ASP A 110 9.26 5.97 -15.62
N PRO A 111 9.37 4.76 -16.20
CA PRO A 111 10.66 4.07 -16.34
C PRO A 111 11.56 4.75 -17.37
N VAL A 112 11.01 5.01 -18.56
CA VAL A 112 11.76 5.66 -19.62
C VAL A 112 10.89 6.64 -20.40
N PRO A 113 11.41 7.85 -20.65
CA PRO A 113 10.70 8.89 -21.38
C PRO A 113 10.53 8.55 -22.87
N LYS A 114 10.04 9.51 -23.64
CA LYS A 114 9.84 9.31 -25.07
C LYS A 114 11.04 9.80 -25.87
N PRO A 115 11.48 8.99 -26.84
CA PRO A 115 12.63 9.32 -27.70
C PRO A 115 12.32 10.47 -28.65
N VAL A 116 13.35 10.96 -29.33
CA VAL A 116 13.20 12.06 -30.27
C VAL A 116 13.24 11.56 -31.71
N ILE A 117 12.10 11.08 -32.20
CA ILE A 117 12.01 10.56 -33.56
C ILE A 117 11.98 11.71 -34.58
N LYS A 118 13.01 11.79 -35.40
CA LYS A 118 13.10 12.83 -36.42
C LYS A 118 13.47 12.23 -37.77
N ILE A 119 12.46 11.78 -38.51
CA ILE A 119 12.67 11.20 -39.83
C ILE A 119 11.84 11.90 -40.88
N GLU A 120 12.19 11.68 -42.15
CA GLU A 120 11.47 12.29 -43.26
C GLU A 120 11.08 11.25 -44.30
N LYS A 121 9.99 11.52 -45.01
CA LYS A 121 9.51 10.60 -46.04
C LYS A 121 8.33 11.20 -46.80
N GLY A 1 22.82 6.61 10.17
CA GLY A 1 22.43 6.73 11.57
C GLY A 1 21.01 6.30 11.82
N SER A 2 20.57 6.39 13.07
CA SER A 2 19.22 5.99 13.45
C SER A 2 18.75 6.76 14.69
N SER A 3 17.77 7.64 14.49
CA SER A 3 17.23 8.44 15.59
C SER A 3 15.87 9.01 15.22
N GLY A 4 14.90 8.85 16.12
CA GLY A 4 13.57 9.35 15.87
C GLY A 4 12.96 10.00 17.09
N SER A 5 11.65 9.82 17.27
CA SER A 5 10.94 10.40 18.41
C SER A 5 9.68 9.60 18.73
N SER A 6 9.32 9.57 20.00
CA SER A 6 8.14 8.84 20.45
C SER A 6 6.87 9.44 19.84
N GLY A 7 5.95 8.57 19.44
CA GLY A 7 4.71 9.02 18.85
C GLY A 7 4.33 8.23 17.61
N GLN A 8 4.25 6.91 17.75
CA GLN A 8 3.90 6.04 16.63
C GLN A 8 2.74 6.62 15.83
N GLY A 9 2.67 6.28 14.55
CA GLY A 9 1.61 6.77 13.70
C GLY A 9 2.03 8.00 12.91
N HIS A 10 2.90 7.81 11.93
CA HIS A 10 3.38 8.91 11.10
C HIS A 10 3.14 8.62 9.62
N LEU A 11 2.88 9.66 8.84
CA LEU A 11 2.63 9.52 7.41
C LEU A 11 3.87 8.97 6.71
N VAL A 12 3.64 8.12 5.70
CA VAL A 12 4.74 7.53 4.95
C VAL A 12 4.67 7.93 3.47
N HIS A 13 5.81 8.33 2.92
CA HIS A 13 5.88 8.74 1.52
C HIS A 13 6.89 7.89 0.75
N MET A 14 6.40 6.90 0.03
CA MET A 14 7.27 6.02 -0.74
C MET A 14 7.24 6.40 -2.22
N THR A 15 8.11 5.76 -3.01
CA THR A 15 8.19 6.04 -4.44
C THR A 15 8.88 4.91 -5.17
N VAL A 16 8.26 4.42 -6.25
CA VAL A 16 8.84 3.34 -7.04
C VAL A 16 8.64 3.60 -8.53
N VAL A 17 9.07 2.64 -9.35
CA VAL A 17 8.94 2.75 -10.79
C VAL A 17 7.77 1.93 -11.32
N SER A 18 7.06 2.47 -12.31
CA SER A 18 5.92 1.78 -12.90
C SER A 18 6.34 0.44 -13.51
N GLY A 19 5.53 -0.59 -13.30
CA GLY A 19 5.83 -1.90 -13.84
C GLY A 19 6.86 -2.64 -13.01
N SER A 20 6.93 -2.30 -11.72
CA SER A 20 7.88 -2.93 -10.82
C SER A 20 7.19 -3.39 -9.54
N ASN A 21 7.53 -4.59 -9.08
CA ASN A 21 6.95 -5.15 -7.87
C ASN A 21 7.23 -4.26 -6.66
N VAL A 22 6.15 -3.75 -6.05
CA VAL A 22 6.29 -2.89 -4.88
C VAL A 22 5.91 -3.62 -3.60
N THR A 23 6.28 -3.05 -2.46
CA THR A 23 5.97 -3.65 -1.17
C THR A 23 5.46 -2.60 -0.19
N LEU A 24 4.13 -2.51 -0.07
CA LEU A 24 3.51 -1.56 0.84
C LEU A 24 3.57 -2.04 2.27
N ASN A 25 4.43 -1.42 3.07
CA ASN A 25 4.58 -1.80 4.47
C ASN A 25 4.37 -0.60 5.38
N ILE A 26 3.80 -0.84 6.56
CA ILE A 26 3.54 0.22 7.51
C ILE A 26 4.74 0.45 8.42
N SER A 27 5.93 0.22 7.88
CA SER A 27 7.17 0.41 8.64
C SER A 27 6.98 -0.02 10.09
N GLU A 28 6.19 -1.08 10.29
CA GLU A 28 5.94 -1.59 11.64
C GLU A 28 5.44 -3.03 11.59
N SER A 29 5.99 -3.86 12.46
CA SER A 29 5.60 -5.27 12.52
C SER A 29 4.27 -5.45 13.23
N LEU A 30 3.27 -5.93 12.51
CA LEU A 30 1.94 -6.15 13.07
C LEU A 30 2.04 -6.63 14.52
N PRO A 31 0.98 -6.36 15.30
CA PRO A 31 0.93 -6.75 16.71
C PRO A 31 0.81 -8.26 16.89
N GLU A 32 1.02 -8.72 18.12
CA GLU A 32 0.94 -10.15 18.43
C GLU A 32 -0.16 -10.82 17.59
N ASN A 33 -1.37 -10.27 17.65
CA ASN A 33 -2.50 -10.82 16.90
C ASN A 33 -3.59 -9.77 16.72
N TYR A 34 -3.97 -9.53 15.47
CA TYR A 34 -5.00 -8.54 15.16
C TYR A 34 -6.35 -9.23 14.95
N LYS A 35 -7.36 -8.42 14.62
CA LYS A 35 -8.70 -8.95 14.38
C LYS A 35 -9.04 -8.92 12.89
N GLN A 36 -8.68 -7.83 12.23
CA GLN A 36 -8.94 -7.67 10.80
C GLN A 36 -7.86 -6.84 10.14
N LEU A 37 -7.59 -7.12 8.86
CA LEU A 37 -6.57 -6.40 8.11
C LEU A 37 -7.12 -5.97 6.75
N THR A 38 -7.41 -4.68 6.61
CA THR A 38 -7.93 -4.14 5.37
C THR A 38 -6.96 -3.15 4.75
N TRP A 39 -6.97 -3.05 3.42
CA TRP A 39 -6.08 -2.14 2.71
C TRP A 39 -6.88 -1.15 1.87
N PHE A 40 -6.46 0.10 1.87
CA PHE A 40 -7.14 1.15 1.11
C PHE A 40 -6.23 1.70 0.01
N TYR A 41 -6.76 1.77 -1.20
CA TYR A 41 -5.99 2.28 -2.33
C TYR A 41 -6.01 3.80 -2.38
N THR A 42 -7.19 4.37 -2.16
CA THR A 42 -7.36 5.82 -2.17
C THR A 42 -7.94 6.32 -0.85
N PHE A 43 -8.29 7.60 -0.80
CA PHE A 43 -8.85 8.20 0.40
C PHE A 43 -10.10 7.44 0.85
N ASP A 44 -11.06 7.30 -0.05
CA ASP A 44 -12.30 6.59 0.25
C ASP A 44 -12.48 5.38 -0.66
N GLN A 45 -11.37 4.68 -0.91
CA GLN A 45 -11.41 3.49 -1.77
C GLN A 45 -10.66 2.33 -1.11
N LYS A 46 -11.34 1.19 -1.02
CA LYS A 46 -10.74 0.00 -0.43
C LYS A 46 -10.24 -0.96 -1.50
N ILE A 47 -9.23 -1.75 -1.16
CA ILE A 47 -8.67 -2.72 -2.10
C ILE A 47 -9.08 -4.15 -1.74
N VAL A 48 -8.62 -4.60 -0.58
CA VAL A 48 -8.94 -5.95 -0.11
C VAL A 48 -9.09 -5.99 1.41
N GLU A 49 -9.96 -6.88 1.88
CA GLU A 49 -10.19 -7.01 3.32
C GLU A 49 -9.92 -8.44 3.78
N TRP A 50 -8.97 -8.59 4.70
CA TRP A 50 -8.61 -9.90 5.22
C TRP A 50 -9.54 -10.29 6.37
N ASP A 51 -10.07 -11.51 6.30
CA ASP A 51 -10.97 -12.02 7.33
C ASP A 51 -10.20 -12.81 8.39
N SER A 52 -10.60 -12.64 9.64
CA SER A 52 -9.94 -13.34 10.75
C SER A 52 -9.49 -14.74 10.32
N ARG A 53 -10.24 -15.34 9.41
CA ARG A 53 -9.93 -16.68 8.92
C ARG A 53 -9.26 -16.60 7.54
N LYS A 54 -10.07 -16.34 6.52
CA LYS A 54 -9.57 -16.24 5.15
C LYS A 54 -9.55 -14.79 4.68
N SER A 55 -9.17 -14.58 3.42
CA SER A 55 -9.11 -13.24 2.85
C SER A 55 -10.31 -12.98 1.95
N LYS A 56 -10.63 -11.71 1.74
CA LYS A 56 -11.75 -11.34 0.89
C LYS A 56 -11.36 -10.19 -0.05
N TYR A 57 -11.11 -10.53 -1.31
CA TYR A 57 -10.73 -9.54 -2.31
C TYR A 57 -11.95 -8.87 -2.91
N PHE A 58 -12.00 -7.54 -2.82
CA PHE A 58 -13.11 -6.78 -3.36
C PHE A 58 -13.00 -6.62 -4.87
N GLU A 59 -14.13 -6.46 -5.54
CA GLU A 59 -14.17 -6.31 -6.99
C GLU A 59 -13.37 -5.06 -7.41
N SER A 60 -12.10 -5.27 -7.72
CA SER A 60 -11.24 -4.17 -8.14
C SER A 60 -10.25 -4.63 -9.22
N LYS A 61 -9.44 -3.70 -9.70
CA LYS A 61 -8.45 -4.00 -10.73
C LYS A 61 -7.28 -4.78 -10.14
N PHE A 62 -6.56 -4.14 -9.22
CA PHE A 62 -5.41 -4.77 -8.58
C PHE A 62 -5.67 -6.26 -8.33
N LYS A 63 -6.91 -6.59 -8.01
CA LYS A 63 -7.30 -7.96 -7.74
C LYS A 63 -6.84 -8.88 -8.87
N GLY A 64 -5.90 -9.78 -8.56
CA GLY A 64 -5.39 -10.70 -9.56
C GLY A 64 -3.88 -10.79 -9.54
N ARG A 65 -3.23 -9.69 -9.17
CA ARG A 65 -1.78 -9.65 -9.11
C ARG A 65 -1.28 -9.40 -7.69
N VAL A 66 -1.88 -8.40 -7.04
CA VAL A 66 -1.49 -8.05 -5.67
C VAL A 66 -1.46 -9.29 -4.78
N ARG A 67 -0.89 -9.15 -3.59
CA ARG A 67 -0.79 -10.25 -2.65
C ARG A 67 -0.66 -9.73 -1.22
N LEU A 68 -1.73 -9.86 -0.45
CA LEU A 68 -1.74 -9.41 0.94
C LEU A 68 -1.18 -10.49 1.87
N ASP A 69 -0.17 -10.12 2.65
CA ASP A 69 0.45 -11.06 3.58
C ASP A 69 -0.04 -10.80 5.01
N PRO A 70 -0.89 -11.70 5.52
CA PRO A 70 -1.45 -11.59 6.87
C PRO A 70 -0.39 -11.84 7.94
N GLN A 71 0.84 -12.06 7.51
CA GLN A 71 1.94 -12.31 8.44
C GLN A 71 2.64 -11.02 8.83
N SER A 72 2.99 -10.22 7.83
CA SER A 72 3.67 -8.95 8.06
C SER A 72 2.74 -7.77 7.76
N GLY A 73 1.70 -8.03 6.97
CA GLY A 73 0.76 -6.99 6.62
C GLY A 73 1.27 -6.09 5.51
N ALA A 74 2.08 -6.66 4.62
CA ALA A 74 2.64 -5.91 3.52
C ALA A 74 1.92 -6.25 2.21
N LEU A 75 1.41 -5.22 1.55
CA LEU A 75 0.70 -5.40 0.28
C LEU A 75 1.63 -5.22 -0.90
N TYR A 76 2.00 -6.33 -1.53
CA TYR A 76 2.90 -6.31 -2.68
C TYR A 76 2.11 -6.26 -3.98
N ILE A 77 2.36 -5.24 -4.79
CA ILE A 77 1.68 -5.08 -6.07
C ILE A 77 2.64 -5.29 -7.23
N SER A 78 2.25 -6.12 -8.18
CA SER A 78 3.07 -6.40 -9.35
C SER A 78 2.60 -5.59 -10.55
N LYS A 79 3.52 -5.29 -11.46
CA LYS A 79 3.21 -4.53 -12.66
C LYS A 79 2.26 -3.37 -12.33
N VAL A 80 2.60 -2.62 -11.29
CA VAL A 80 1.78 -1.49 -10.89
C VAL A 80 1.52 -0.54 -12.05
N GLN A 81 0.72 0.49 -11.81
CA GLN A 81 0.39 1.46 -12.84
C GLN A 81 0.53 2.89 -12.30
N LYS A 82 0.90 3.81 -13.18
CA LYS A 82 1.06 5.21 -12.80
C LYS A 82 -0.08 5.66 -11.91
N GLU A 83 -1.30 5.25 -12.25
CA GLU A 83 -2.47 5.61 -11.47
C GLU A 83 -2.30 5.22 -10.01
N ASP A 84 -1.76 4.02 -9.79
CA ASP A 84 -1.55 3.53 -8.43
C ASP A 84 -1.13 4.65 -7.49
N ASN A 85 -0.37 5.61 -8.02
CA ASN A 85 0.09 6.75 -7.24
C ASN A 85 -1.07 7.43 -6.53
N SER A 86 -1.29 7.05 -5.27
CA SER A 86 -2.37 7.62 -4.48
C SER A 86 -2.11 7.45 -2.99
N THR A 87 -3.04 7.92 -2.17
CA THR A 87 -2.91 7.82 -0.72
C THR A 87 -3.53 6.53 -0.21
N TYR A 88 -2.70 5.63 0.30
CA TYR A 88 -3.17 4.35 0.82
C TYR A 88 -3.38 4.43 2.33
N ILE A 89 -4.33 3.64 2.83
CA ILE A 89 -4.63 3.61 4.25
C ILE A 89 -4.90 2.19 4.73
N MET A 90 -3.97 1.65 5.50
CA MET A 90 -4.11 0.29 6.02
C MET A 90 -4.80 0.31 7.39
N ARG A 91 -6.03 -0.17 7.42
CA ARG A 91 -6.80 -0.21 8.66
C ARG A 91 -6.73 -1.60 9.30
N VAL A 92 -6.57 -1.63 10.61
CA VAL A 92 -6.49 -2.88 11.36
C VAL A 92 -7.14 -2.77 12.72
N LEU A 93 -7.84 -3.82 13.12
CA LEU A 93 -8.53 -3.83 14.42
C LEU A 93 -7.75 -4.66 15.43
N LYS A 94 -7.13 -3.98 16.39
CA LYS A 94 -6.35 -4.65 17.43
C LYS A 94 -7.22 -5.61 18.22
N LYS A 95 -6.59 -6.62 18.81
CA LYS A 95 -7.32 -7.61 19.61
C LYS A 95 -8.04 -6.94 20.78
N THR A 96 -7.27 -6.29 21.64
CA THR A 96 -7.84 -5.61 22.80
C THR A 96 -9.11 -4.86 22.43
N GLY A 97 -9.19 -4.40 21.18
CA GLY A 97 -10.36 -3.68 20.73
C GLY A 97 -10.03 -2.26 20.28
N ASN A 98 -8.88 -2.10 19.65
CA ASN A 98 -8.44 -0.79 19.18
C ASN A 98 -8.41 -0.76 17.65
N GLU A 99 -8.26 0.44 17.10
CA GLU A 99 -8.22 0.61 15.64
C GLU A 99 -7.10 1.58 15.25
N GLN A 100 -6.24 1.14 14.33
CA GLN A 100 -5.13 1.96 13.87
C GLN A 100 -5.15 2.10 12.35
N GLU A 101 -4.39 3.05 11.84
CA GLU A 101 -4.32 3.29 10.40
C GLU A 101 -2.96 3.84 9.99
N TRP A 102 -2.52 3.48 8.80
CA TRP A 102 -1.22 3.94 8.30
C TRP A 102 -1.36 4.51 6.89
N LYS A 103 -1.09 5.80 6.76
CA LYS A 103 -1.18 6.47 5.47
C LYS A 103 0.10 6.28 4.65
N ILE A 104 -0.06 6.03 3.36
CA ILE A 104 1.09 5.81 2.47
C ILE A 104 0.82 6.40 1.10
N LYS A 105 1.46 7.53 0.80
CA LYS A 105 1.30 8.19 -0.48
C LYS A 105 2.20 7.56 -1.54
N LEU A 106 1.69 6.52 -2.19
CA LEU A 106 2.45 5.81 -3.22
C LEU A 106 2.75 6.73 -4.39
N GLN A 107 4.00 6.74 -4.83
CA GLN A 107 4.42 7.58 -5.94
C GLN A 107 5.11 6.74 -7.02
N VAL A 108 4.48 6.66 -8.19
CA VAL A 108 5.04 5.89 -9.30
C VAL A 108 5.78 6.80 -10.28
N LEU A 109 6.90 6.32 -10.80
CA LEU A 109 7.71 7.08 -11.75
C LEU A 109 7.86 6.34 -13.06
N ASP A 110 8.07 7.08 -14.14
CA ASP A 110 8.24 6.49 -15.46
C ASP A 110 9.67 6.01 -15.67
N PRO A 111 9.81 4.79 -16.21
CA PRO A 111 11.13 4.18 -16.47
C PRO A 111 11.87 4.88 -17.60
N VAL A 112 11.19 5.08 -18.72
CA VAL A 112 11.79 5.74 -19.87
C VAL A 112 10.92 6.90 -20.36
N PRO A 113 11.57 8.03 -20.68
CA PRO A 113 10.88 9.22 -21.16
C PRO A 113 10.30 9.05 -22.56
N LYS A 114 9.79 10.13 -23.13
CA LYS A 114 9.21 10.09 -24.47
C LYS A 114 10.19 9.48 -25.47
N PRO A 115 9.66 8.70 -26.42
CA PRO A 115 10.46 8.05 -27.46
C PRO A 115 11.05 9.05 -28.45
N VAL A 116 12.15 8.66 -29.08
CA VAL A 116 12.82 9.52 -30.05
C VAL A 116 12.16 9.41 -31.43
N ILE A 117 11.05 10.12 -31.60
CA ILE A 117 10.32 10.11 -32.86
C ILE A 117 11.24 10.48 -34.03
N LYS A 118 11.83 9.46 -34.66
CA LYS A 118 12.71 9.68 -35.79
C LYS A 118 11.97 9.48 -37.11
N ILE A 119 11.40 10.57 -37.62
CA ILE A 119 10.66 10.52 -38.88
C ILE A 119 11.58 10.14 -40.04
N GLU A 120 11.05 9.36 -40.97
CA GLU A 120 11.83 8.93 -42.13
C GLU A 120 11.00 9.03 -43.40
N LYS A 121 11.68 9.14 -44.54
CA LYS A 121 11.01 9.25 -45.83
C LYS A 121 11.96 8.90 -46.96
N GLY A 1 19.49 0.68 -0.52
CA GLY A 1 18.25 1.30 -0.12
C GLY A 1 18.38 2.11 1.15
N SER A 2 18.09 3.41 1.06
CA SER A 2 18.19 4.29 2.21
C SER A 2 17.31 5.54 2.02
N SER A 3 17.24 6.36 3.06
CA SER A 3 16.43 7.57 3.01
C SER A 3 14.98 7.24 2.68
N GLY A 4 14.43 6.24 3.36
CA GLY A 4 13.06 5.84 3.12
C GLY A 4 12.09 6.52 4.07
N SER A 5 11.69 5.80 5.11
CA SER A 5 10.75 6.34 6.10
C SER A 5 10.96 5.69 7.46
N SER A 6 10.84 6.48 8.52
CA SER A 6 11.03 5.99 9.88
C SER A 6 10.13 6.75 10.86
N GLY A 7 9.67 6.04 11.89
CA GLY A 7 8.81 6.67 12.88
C GLY A 7 7.62 5.82 13.23
N GLN A 8 6.72 6.36 14.06
CA GLN A 8 5.52 5.64 14.47
C GLN A 8 4.27 6.41 14.08
N GLY A 9 3.26 5.69 13.60
CA GLY A 9 2.01 6.33 13.21
C GLY A 9 2.23 7.67 12.54
N HIS A 10 2.95 7.66 11.42
CA HIS A 10 3.24 8.88 10.68
C HIS A 10 3.01 8.67 9.18
N LEU A 11 2.73 9.77 8.48
CA LEU A 11 2.50 9.71 7.04
C LEU A 11 3.70 9.12 6.30
N VAL A 12 3.48 8.03 5.59
CA VAL A 12 4.55 7.37 4.85
C VAL A 12 4.56 7.81 3.39
N HIS A 13 5.73 8.18 2.89
CA HIS A 13 5.88 8.63 1.51
C HIS A 13 6.85 7.74 0.76
N MET A 14 6.32 6.77 0.02
CA MET A 14 7.15 5.86 -0.75
C MET A 14 7.16 6.26 -2.23
N THR A 15 8.14 5.73 -2.96
CA THR A 15 8.27 6.03 -4.39
C THR A 15 8.97 4.89 -5.12
N VAL A 16 8.38 4.49 -6.26
CA VAL A 16 8.94 3.41 -7.06
C VAL A 16 8.73 3.66 -8.54
N VAL A 17 9.43 2.89 -9.38
CA VAL A 17 9.30 3.03 -10.82
C VAL A 17 8.06 2.32 -11.34
N SER A 18 7.54 2.79 -12.47
CA SER A 18 6.35 2.19 -13.07
C SER A 18 6.66 0.81 -13.63
N GLY A 19 5.64 -0.05 -13.64
CA GLY A 19 5.83 -1.40 -14.16
C GLY A 19 6.78 -2.21 -13.33
N SER A 20 6.83 -1.92 -12.03
CA SER A 20 7.71 -2.64 -11.12
C SER A 20 6.94 -3.17 -9.91
N ASN A 21 7.47 -4.22 -9.29
CA ASN A 21 6.83 -4.83 -8.12
C ASN A 21 7.04 -3.96 -6.88
N VAL A 22 5.94 -3.54 -6.28
CA VAL A 22 5.99 -2.71 -5.08
C VAL A 22 5.66 -3.52 -3.83
N THR A 23 5.90 -2.94 -2.67
CA THR A 23 5.63 -3.60 -1.40
C THR A 23 5.10 -2.62 -0.36
N LEU A 24 3.80 -2.68 -0.10
CA LEU A 24 3.17 -1.80 0.88
C LEU A 24 3.09 -2.46 2.25
N ASN A 25 3.90 -1.98 3.19
CA ASN A 25 3.91 -2.52 4.54
C ASN A 25 4.09 -1.43 5.56
N ILE A 26 3.20 -1.38 6.55
CA ILE A 26 3.26 -0.37 7.60
C ILE A 26 4.66 -0.29 8.20
N SER A 27 5.22 0.92 8.23
CA SER A 27 6.56 1.12 8.77
C SER A 27 6.76 0.30 10.04
N GLU A 28 5.81 0.41 10.97
CA GLU A 28 5.88 -0.32 12.23
C GLU A 28 5.36 -1.74 12.06
N SER A 29 6.07 -2.71 12.64
CA SER A 29 5.68 -4.10 12.56
C SER A 29 4.29 -4.32 13.15
N LEU A 30 3.60 -5.36 12.66
CA LEU A 30 2.26 -5.67 13.13
C LEU A 30 2.27 -6.00 14.62
N PRO A 31 1.40 -5.33 15.39
CA PRO A 31 1.28 -5.54 16.83
C PRO A 31 0.68 -6.89 17.17
N GLU A 32 0.42 -7.11 18.46
CA GLU A 32 -0.17 -8.37 18.92
C GLU A 32 -1.21 -8.87 17.93
N ASN A 33 -1.50 -10.17 18.00
CA ASN A 33 -2.49 -10.77 17.12
C ASN A 33 -3.63 -9.80 16.82
N TYR A 34 -3.75 -9.41 15.55
CA TYR A 34 -4.78 -8.48 15.13
C TYR A 34 -6.10 -9.21 14.89
N LYS A 35 -7.14 -8.43 14.60
CA LYS A 35 -8.47 -9.01 14.35
C LYS A 35 -8.91 -8.74 12.91
N GLN A 36 -8.83 -7.49 12.49
CA GLN A 36 -9.23 -7.10 11.14
C GLN A 36 -8.06 -6.43 10.40
N LEU A 37 -7.83 -6.86 9.17
CA LEU A 37 -6.76 -6.31 8.35
C LEU A 37 -7.24 -6.01 6.94
N THR A 38 -7.57 -4.74 6.69
CA THR A 38 -8.04 -4.32 5.38
C THR A 38 -7.09 -3.32 4.73
N TRP A 39 -7.13 -3.25 3.41
CA TRP A 39 -6.26 -2.32 2.68
C TRP A 39 -7.07 -1.37 1.82
N PHE A 40 -6.73 -0.09 1.87
CA PHE A 40 -7.44 0.93 1.10
C PHE A 40 -6.57 1.45 -0.04
N TYR A 41 -7.15 1.54 -1.23
CA TYR A 41 -6.43 2.01 -2.40
C TYR A 41 -6.49 3.53 -2.50
N THR A 42 -7.57 4.11 -1.98
CA THR A 42 -7.75 5.56 -2.00
C THR A 42 -8.57 6.03 -0.81
N PHE A 43 -8.89 7.32 -0.79
CA PHE A 43 -9.68 7.90 0.29
C PHE A 43 -10.73 6.92 0.78
N ASP A 44 -11.67 6.58 -0.10
CA ASP A 44 -12.74 5.65 0.23
C ASP A 44 -12.70 4.43 -0.68
N GLN A 45 -11.50 3.94 -0.95
CA GLN A 45 -11.32 2.78 -1.81
C GLN A 45 -10.76 1.60 -1.02
N LYS A 46 -11.13 0.39 -1.42
CA LYS A 46 -10.66 -0.82 -0.75
C LYS A 46 -10.00 -1.77 -1.76
N ILE A 47 -9.08 -2.60 -1.26
CA ILE A 47 -8.39 -3.56 -2.12
C ILE A 47 -8.65 -4.99 -1.65
N VAL A 48 -8.52 -5.22 -0.35
CA VAL A 48 -8.74 -6.54 0.22
C VAL A 48 -8.97 -6.46 1.72
N GLU A 49 -9.91 -7.26 2.21
CA GLU A 49 -10.23 -7.28 3.64
C GLU A 49 -9.96 -8.66 4.23
N TRP A 50 -9.37 -8.67 5.43
CA TRP A 50 -9.06 -9.93 6.10
C TRP A 50 -9.74 -9.99 7.47
N ASP A 51 -10.87 -10.70 7.53
CA ASP A 51 -11.61 -10.83 8.78
C ASP A 51 -11.11 -12.03 9.58
N SER A 52 -9.86 -11.96 10.01
CA SER A 52 -9.25 -13.05 10.78
C SER A 52 -9.77 -14.40 10.30
N ARG A 53 -10.09 -14.48 9.01
CA ARG A 53 -10.58 -15.72 8.43
C ARG A 53 -9.89 -16.00 7.09
N LYS A 54 -10.26 -15.24 6.06
CA LYS A 54 -9.69 -15.42 4.73
C LYS A 54 -9.82 -14.14 3.92
N SER A 55 -8.71 -13.68 3.35
CA SER A 55 -8.70 -12.47 2.55
C SER A 55 -9.90 -12.42 1.61
N LYS A 56 -10.51 -11.26 1.49
CA LYS A 56 -11.68 -11.08 0.63
C LYS A 56 -11.41 -10.03 -0.45
N TYR A 57 -10.83 -10.46 -1.57
CA TYR A 57 -10.52 -9.58 -2.67
C TYR A 57 -11.78 -8.92 -3.22
N PHE A 58 -11.86 -7.60 -3.11
CA PHE A 58 -13.01 -6.85 -3.59
C PHE A 58 -12.91 -6.61 -5.10
N GLU A 59 -14.01 -6.15 -5.69
CA GLU A 59 -14.04 -5.87 -7.12
C GLU A 59 -13.09 -4.73 -7.47
N SER A 60 -11.90 -5.08 -7.92
CA SER A 60 -10.89 -4.10 -8.29
C SER A 60 -9.84 -4.70 -9.23
N LYS A 61 -9.49 -3.95 -10.27
CA LYS A 61 -8.49 -4.41 -11.22
C LYS A 61 -7.31 -5.06 -10.52
N PHE A 62 -7.02 -4.59 -9.31
CA PHE A 62 -5.91 -5.13 -8.52
C PHE A 62 -6.03 -6.65 -8.38
N LYS A 63 -7.25 -7.12 -8.13
CA LYS A 63 -7.50 -8.54 -7.96
C LYS A 63 -6.90 -9.34 -9.11
N GLY A 64 -5.85 -10.10 -8.82
CA GLY A 64 -5.20 -10.89 -9.85
C GLY A 64 -3.69 -10.77 -9.81
N ARG A 65 -3.21 -9.55 -9.63
CA ARG A 65 -1.77 -9.30 -9.58
C ARG A 65 -1.31 -9.03 -8.15
N VAL A 66 -2.09 -8.24 -7.43
CA VAL A 66 -1.77 -7.90 -6.05
C VAL A 66 -1.75 -9.14 -5.17
N ARG A 67 -1.06 -9.05 -4.03
CA ARG A 67 -0.96 -10.16 -3.11
C ARG A 67 -0.84 -9.66 -1.67
N LEU A 68 -1.68 -10.21 -0.79
CA LEU A 68 -1.67 -9.82 0.62
C LEU A 68 -1.15 -10.96 1.49
N ASP A 69 -0.25 -10.61 2.41
CA ASP A 69 0.33 -11.61 3.31
C ASP A 69 -0.12 -11.37 4.74
N PRO A 70 -0.98 -12.27 5.25
CA PRO A 70 -1.52 -12.19 6.61
C PRO A 70 -0.46 -12.47 7.67
N GLN A 71 0.75 -12.79 7.22
CA GLN A 71 1.86 -13.08 8.13
C GLN A 71 2.57 -11.79 8.54
N SER A 72 2.77 -10.89 7.58
CA SER A 72 3.44 -9.63 7.84
C SER A 72 2.50 -8.45 7.59
N GLY A 73 1.63 -8.60 6.59
CA GLY A 73 0.69 -7.55 6.27
C GLY A 73 1.21 -6.63 5.17
N ALA A 74 2.00 -7.18 4.26
CA ALA A 74 2.56 -6.41 3.17
C ALA A 74 1.82 -6.71 1.85
N LEU A 75 1.47 -5.65 1.13
CA LEU A 75 0.77 -5.80 -0.14
C LEU A 75 1.73 -5.61 -1.32
N TYR A 76 1.94 -6.68 -2.08
CA TYR A 76 2.83 -6.63 -3.23
C TYR A 76 2.04 -6.53 -4.52
N ILE A 77 2.29 -5.47 -5.29
CA ILE A 77 1.60 -5.27 -6.56
C ILE A 77 2.52 -5.53 -7.75
N SER A 78 2.01 -6.27 -8.73
CA SER A 78 2.79 -6.61 -9.91
C SER A 78 2.35 -5.77 -11.11
N LYS A 79 3.32 -5.31 -11.89
CA LYS A 79 3.03 -4.50 -13.07
C LYS A 79 2.21 -3.27 -12.69
N VAL A 80 2.64 -2.58 -11.64
CA VAL A 80 1.93 -1.38 -11.18
C VAL A 80 1.69 -0.41 -12.33
N GLN A 81 0.96 0.66 -12.04
CA GLN A 81 0.65 1.67 -13.05
C GLN A 81 0.63 3.06 -12.44
N LYS A 82 1.03 4.06 -13.23
CA LYS A 82 1.05 5.44 -12.77
C LYS A 82 -0.19 5.75 -11.92
N GLU A 83 -1.34 5.29 -12.39
CA GLU A 83 -2.60 5.52 -11.68
C GLU A 83 -2.47 5.11 -10.21
N ASP A 84 -1.84 3.96 -9.98
CA ASP A 84 -1.66 3.44 -8.63
C ASP A 84 -1.32 4.58 -7.66
N ASN A 85 -0.52 5.53 -8.13
CA ASN A 85 -0.13 6.67 -7.29
C ASN A 85 -1.33 7.27 -6.58
N SER A 86 -1.53 6.85 -5.33
CA SER A 86 -2.65 7.34 -4.53
C SER A 86 -2.38 7.15 -3.05
N THR A 87 -3.17 7.82 -2.21
CA THR A 87 -3.02 7.72 -0.76
C THR A 87 -3.62 6.42 -0.24
N TYR A 88 -2.76 5.51 0.17
CA TYR A 88 -3.20 4.22 0.70
C TYR A 88 -3.45 4.30 2.20
N ILE A 89 -4.36 3.47 2.69
CA ILE A 89 -4.69 3.44 4.12
C ILE A 89 -4.95 2.02 4.59
N MET A 90 -4.11 1.53 5.49
CA MET A 90 -4.26 0.18 6.03
C MET A 90 -4.87 0.22 7.42
N ARG A 91 -6.14 -0.12 7.52
CA ARG A 91 -6.85 -0.13 8.79
C ARG A 91 -6.73 -1.50 9.47
N VAL A 92 -6.25 -1.49 10.71
CA VAL A 92 -6.09 -2.73 11.46
C VAL A 92 -6.76 -2.62 12.83
N LEU A 93 -7.49 -3.67 13.20
CA LEU A 93 -8.19 -3.70 14.49
C LEU A 93 -7.37 -4.45 15.54
N LYS A 94 -7.39 -3.95 16.77
CA LYS A 94 -6.66 -4.58 17.86
C LYS A 94 -7.57 -5.49 18.68
N LYS A 95 -7.04 -6.63 19.10
CA LYS A 95 -7.80 -7.59 19.90
C LYS A 95 -8.69 -6.88 20.91
N THR A 96 -8.07 -6.03 21.74
CA THR A 96 -8.82 -5.28 22.75
C THR A 96 -10.01 -4.56 22.13
N GLY A 97 -9.83 -4.09 20.91
CA GLY A 97 -10.90 -3.38 20.23
C GLY A 97 -10.44 -2.06 19.64
N ASN A 98 -9.18 -1.70 19.90
CA ASN A 98 -8.62 -0.45 19.40
C ASN A 98 -8.78 -0.35 17.88
N GLU A 99 -8.22 0.70 17.31
CA GLU A 99 -8.29 0.91 15.86
C GLU A 99 -7.18 1.83 15.39
N GLN A 100 -6.23 1.27 14.65
CA GLN A 100 -5.10 2.03 14.13
C GLN A 100 -5.01 1.90 12.62
N GLU A 101 -4.62 2.99 11.95
CA GLU A 101 -4.49 3.00 10.50
C GLU A 101 -3.26 3.79 10.07
N TRP A 102 -2.63 3.35 8.99
CA TRP A 102 -1.44 4.02 8.48
C TRP A 102 -1.66 4.51 7.05
N LYS A 103 -1.10 5.67 6.73
CA LYS A 103 -1.24 6.25 5.40
C LYS A 103 0.05 6.09 4.59
N ILE A 104 -0.10 5.85 3.30
CA ILE A 104 1.05 5.69 2.42
C ILE A 104 0.81 6.34 1.06
N LYS A 105 1.53 7.42 0.80
CA LYS A 105 1.39 8.14 -0.46
C LYS A 105 2.28 7.53 -1.53
N LEU A 106 1.72 6.65 -2.34
CA LEU A 106 2.45 5.99 -3.41
C LEU A 106 2.85 6.99 -4.50
N GLN A 107 4.09 6.91 -4.95
CA GLN A 107 4.58 7.80 -5.99
C GLN A 107 5.27 7.02 -7.10
N VAL A 108 4.68 7.04 -8.29
CA VAL A 108 5.23 6.33 -9.43
C VAL A 108 6.18 7.22 -10.23
N LEU A 109 7.25 6.63 -10.74
CA LEU A 109 8.24 7.37 -11.51
C LEU A 109 8.44 6.72 -12.89
N ASP A 110 9.33 7.31 -13.67
CA ASP A 110 9.63 6.79 -15.01
C ASP A 110 10.92 5.98 -15.01
N PRO A 111 10.91 4.86 -15.74
CA PRO A 111 12.08 3.97 -15.84
C PRO A 111 13.22 4.60 -16.63
N VAL A 112 12.90 5.10 -17.82
CA VAL A 112 13.90 5.73 -18.67
C VAL A 112 13.44 7.12 -19.13
N PRO A 113 14.28 8.13 -18.86
CA PRO A 113 13.99 9.51 -19.24
C PRO A 113 14.04 9.73 -20.74
N LYS A 114 13.95 11.00 -21.15
CA LYS A 114 14.00 11.34 -22.58
C LYS A 114 15.39 11.78 -22.99
N PRO A 115 15.78 11.43 -24.22
CA PRO A 115 17.09 11.77 -24.77
C PRO A 115 17.24 13.26 -25.04
N VAL A 116 18.46 13.69 -25.32
CA VAL A 116 18.73 15.10 -25.61
C VAL A 116 19.26 15.29 -27.02
N ILE A 117 18.34 15.47 -27.96
CA ILE A 117 18.72 15.67 -29.36
C ILE A 117 18.94 17.14 -29.67
N LYS A 118 20.15 17.61 -29.42
CA LYS A 118 20.50 19.01 -29.68
C LYS A 118 21.47 19.12 -30.85
N ILE A 119 20.93 19.16 -32.07
CA ILE A 119 21.75 19.27 -33.26
C ILE A 119 21.31 20.44 -34.12
N GLU A 120 22.24 20.95 -34.93
CA GLU A 120 21.94 22.08 -35.81
C GLU A 120 22.37 21.79 -37.25
N LYS A 121 21.40 21.75 -38.14
CA LYS A 121 21.67 21.47 -39.56
C LYS A 121 20.53 21.98 -40.44
N GLY A 1 24.76 0.79 8.18
CA GLY A 1 23.39 0.31 8.21
C GLY A 1 22.99 -0.24 9.55
N SER A 2 21.76 -0.77 9.64
CA SER A 2 21.26 -1.33 10.88
C SER A 2 21.29 -0.30 12.00
N SER A 3 20.89 0.93 11.69
CA SER A 3 20.88 2.01 12.67
C SER A 3 19.46 2.28 13.16
N GLY A 4 19.35 2.79 14.39
CA GLY A 4 18.05 3.08 14.96
C GLY A 4 17.06 3.55 13.92
N SER A 5 15.90 2.91 13.88
CA SER A 5 14.86 3.26 12.93
C SER A 5 13.73 4.04 13.60
N SER A 6 13.96 5.34 13.81
CA SER A 6 12.98 6.19 14.45
C SER A 6 11.88 6.58 13.47
N GLY A 7 10.87 5.72 13.36
CA GLY A 7 9.77 5.98 12.45
C GLY A 7 8.62 5.01 12.64
N GLN A 8 7.87 5.18 13.72
CA GLN A 8 6.74 4.31 14.02
C GLN A 8 5.42 5.06 13.88
N GLY A 9 4.38 4.36 13.45
CA GLY A 9 3.07 4.97 13.29
C GLY A 9 3.17 6.41 12.82
N HIS A 10 3.46 6.58 11.52
CA HIS A 10 3.58 7.92 10.94
C HIS A 10 3.42 7.87 9.43
N LEU A 11 3.09 9.02 8.84
CA LEU A 11 2.90 9.10 7.40
C LEU A 11 4.12 8.57 6.65
N VAL A 12 3.90 7.57 5.80
CA VAL A 12 4.98 6.98 5.03
C VAL A 12 4.96 7.47 3.58
N HIS A 13 6.14 7.80 3.07
CA HIS A 13 6.27 8.30 1.70
C HIS A 13 7.21 7.41 0.90
N MET A 14 6.65 6.47 0.14
CA MET A 14 7.44 5.56 -0.68
C MET A 14 7.47 6.02 -2.13
N THR A 15 8.43 5.52 -2.89
CA THR A 15 8.57 5.88 -4.30
C THR A 15 9.10 4.70 -5.11
N VAL A 16 8.48 4.47 -6.27
CA VAL A 16 8.90 3.38 -7.15
C VAL A 16 8.61 3.71 -8.61
N VAL A 17 9.14 2.88 -9.50
CA VAL A 17 8.93 3.08 -10.94
C VAL A 17 7.67 2.36 -11.42
N SER A 18 7.04 2.92 -12.45
CA SER A 18 5.82 2.34 -12.99
C SER A 18 6.11 1.01 -13.67
N GLY A 19 5.15 0.09 -13.60
CA GLY A 19 5.33 -1.22 -14.21
C GLY A 19 6.28 -2.09 -13.43
N SER A 20 6.48 -1.77 -12.16
CA SER A 20 7.38 -2.54 -11.30
C SER A 20 6.64 -3.08 -10.08
N ASN A 21 7.11 -4.21 -9.57
CA ASN A 21 6.49 -4.83 -8.40
C ASN A 21 6.73 -4.00 -7.15
N VAL A 22 5.64 -3.56 -6.52
CA VAL A 22 5.73 -2.75 -5.30
C VAL A 22 5.46 -3.60 -4.06
N THR A 23 5.79 -3.05 -2.90
CA THR A 23 5.59 -3.75 -1.64
C THR A 23 5.16 -2.78 -0.54
N LEU A 24 3.89 -2.82 -0.17
CA LEU A 24 3.36 -1.95 0.87
C LEU A 24 3.43 -2.63 2.23
N ASN A 25 4.46 -2.28 2.99
CA ASN A 25 4.66 -2.85 4.33
C ASN A 25 4.87 -1.75 5.36
N ILE A 26 3.84 -1.49 6.15
CA ILE A 26 3.91 -0.45 7.18
C ILE A 26 5.11 -0.68 8.09
N SER A 27 5.95 0.34 8.22
CA SER A 27 7.14 0.25 9.05
C SER A 27 6.81 -0.33 10.42
N GLU A 28 5.69 0.10 10.98
CA GLU A 28 5.25 -0.38 12.28
C GLU A 28 4.58 -1.75 12.16
N SER A 29 5.34 -2.80 12.44
CA SER A 29 4.83 -4.16 12.35
C SER A 29 3.57 -4.31 13.19
N LEU A 30 2.60 -5.06 12.67
CA LEU A 30 1.34 -5.29 13.36
C LEU A 30 1.57 -5.51 14.86
N PRO A 31 0.56 -5.19 15.67
CA PRO A 31 0.62 -5.35 17.12
C PRO A 31 0.64 -6.82 17.54
N GLU A 32 0.90 -7.05 18.83
CA GLU A 32 0.94 -8.41 19.35
C GLU A 32 -0.07 -9.31 18.67
N ASN A 33 -1.32 -8.84 18.60
CA ASN A 33 -2.39 -9.59 17.96
C ASN A 33 -3.43 -8.65 17.35
N TYR A 34 -3.74 -8.87 16.08
CA TYR A 34 -4.71 -8.05 15.37
C TYR A 34 -6.02 -8.80 15.18
N LYS A 35 -7.09 -8.06 14.86
CA LYS A 35 -8.39 -8.66 14.64
C LYS A 35 -8.69 -8.78 13.14
N GLN A 36 -8.37 -7.74 12.39
CA GLN A 36 -8.61 -7.73 10.95
C GLN A 36 -7.56 -6.88 10.24
N LEU A 37 -7.36 -7.17 8.95
CA LEU A 37 -6.40 -6.42 8.15
C LEU A 37 -7.00 -6.00 6.82
N THR A 38 -7.37 -4.73 6.72
CA THR A 38 -7.97 -4.21 5.49
C THR A 38 -7.03 -3.22 4.81
N TRP A 39 -7.14 -3.12 3.49
CA TRP A 39 -6.30 -2.21 2.72
C TRP A 39 -7.14 -1.28 1.86
N PHE A 40 -6.96 0.02 2.04
CA PHE A 40 -7.71 1.01 1.28
C PHE A 40 -6.85 1.63 0.19
N TYR A 41 -7.39 1.68 -1.02
CA TYR A 41 -6.67 2.25 -2.15
C TYR A 41 -6.81 3.76 -2.19
N THR A 42 -7.99 4.26 -1.81
CA THR A 42 -8.26 5.69 -1.79
C THR A 42 -9.13 6.07 -0.62
N PHE A 43 -9.53 7.34 -0.56
CA PHE A 43 -10.38 7.83 0.52
C PHE A 43 -11.38 6.76 0.95
N ASP A 44 -12.30 6.42 0.06
CA ASP A 44 -13.32 5.41 0.35
C ASP A 44 -13.18 4.22 -0.58
N GLN A 45 -11.95 3.80 -0.83
CA GLN A 45 -11.68 2.67 -1.72
C GLN A 45 -11.00 1.53 -0.96
N LYS A 46 -11.39 0.30 -1.27
CA LYS A 46 -10.83 -0.87 -0.63
C LYS A 46 -10.16 -1.79 -1.65
N ILE A 47 -9.18 -2.57 -1.19
CA ILE A 47 -8.46 -3.49 -2.06
C ILE A 47 -8.65 -4.93 -1.60
N VAL A 48 -8.56 -5.14 -0.29
CA VAL A 48 -8.71 -6.47 0.28
C VAL A 48 -8.94 -6.41 1.79
N GLU A 49 -9.79 -7.30 2.29
CA GLU A 49 -10.10 -7.34 3.72
C GLU A 49 -9.76 -8.71 4.31
N TRP A 50 -9.09 -8.69 5.46
CA TRP A 50 -8.69 -9.93 6.13
C TRP A 50 -9.37 -10.04 7.49
N ASP A 51 -10.42 -10.86 7.57
CA ASP A 51 -11.13 -11.05 8.83
C ASP A 51 -10.56 -12.22 9.61
N SER A 52 -9.28 -12.12 9.98
CA SER A 52 -8.61 -13.18 10.72
C SER A 52 -9.09 -14.55 10.27
N ARG A 53 -9.48 -14.65 9.01
CA ARG A 53 -9.96 -15.91 8.45
C ARG A 53 -9.34 -16.16 7.08
N LYS A 54 -9.80 -15.43 6.08
CA LYS A 54 -9.30 -15.57 4.71
C LYS A 54 -9.40 -14.26 3.95
N SER A 55 -8.34 -13.91 3.23
CA SER A 55 -8.32 -12.67 2.45
C SER A 55 -9.63 -12.49 1.69
N LYS A 56 -10.15 -11.27 1.70
CA LYS A 56 -11.40 -10.97 1.00
C LYS A 56 -11.15 -10.03 -0.17
N TYR A 57 -10.75 -10.59 -1.30
CA TYR A 57 -10.48 -9.81 -2.49
C TYR A 57 -11.77 -9.19 -3.04
N PHE A 58 -11.81 -7.87 -3.07
CA PHE A 58 -12.98 -7.15 -3.58
C PHE A 58 -12.84 -6.86 -5.07
N GLU A 59 -13.87 -7.20 -5.83
CA GLU A 59 -13.87 -6.99 -7.27
C GLU A 59 -13.15 -5.69 -7.63
N SER A 60 -11.92 -5.81 -8.11
CA SER A 60 -11.13 -4.63 -8.48
C SER A 60 -9.88 -5.05 -9.26
N LYS A 61 -9.45 -4.18 -10.16
CA LYS A 61 -8.26 -4.44 -10.96
C LYS A 61 -7.22 -5.23 -10.17
N PHE A 62 -6.68 -4.59 -9.14
CA PHE A 62 -5.67 -5.22 -8.30
C PHE A 62 -5.94 -6.72 -8.16
N LYS A 63 -7.21 -7.08 -7.98
CA LYS A 63 -7.60 -8.47 -7.85
C LYS A 63 -7.10 -9.30 -9.02
N GLY A 64 -6.19 -10.23 -8.74
CA GLY A 64 -5.65 -11.08 -9.78
C GLY A 64 -4.14 -11.03 -9.84
N ARG A 65 -3.58 -9.83 -9.66
CA ARG A 65 -2.13 -9.64 -9.69
C ARG A 65 -1.58 -9.43 -8.30
N VAL A 66 -2.19 -8.49 -7.57
CA VAL A 66 -1.76 -8.18 -6.21
C VAL A 66 -1.77 -9.43 -5.33
N ARG A 67 -1.05 -9.36 -4.21
CA ARG A 67 -0.97 -10.48 -3.28
C ARG A 67 -0.77 -9.99 -1.85
N LEU A 68 -1.72 -10.33 -0.98
CA LEU A 68 -1.65 -9.92 0.42
C LEU A 68 -1.13 -11.06 1.29
N ASP A 69 -0.25 -10.72 2.24
CA ASP A 69 0.33 -11.71 3.14
C ASP A 69 -0.19 -11.52 4.56
N PRO A 70 -1.03 -12.46 5.01
CA PRO A 70 -1.61 -12.42 6.36
C PRO A 70 -0.58 -12.68 7.45
N GLN A 71 0.67 -12.90 7.04
CA GLN A 71 1.75 -13.16 7.98
C GLN A 71 2.40 -11.86 8.42
N SER A 72 2.75 -11.01 7.46
CA SER A 72 3.39 -9.73 7.75
C SER A 72 2.41 -8.58 7.53
N GLY A 73 1.42 -8.80 6.66
CA GLY A 73 0.44 -7.77 6.39
C GLY A 73 0.90 -6.82 5.30
N ALA A 74 1.66 -7.34 4.34
CA ALA A 74 2.16 -6.52 3.24
C ALA A 74 1.43 -6.84 1.95
N LEU A 75 1.22 -5.82 1.13
CA LEU A 75 0.52 -5.99 -0.14
C LEU A 75 1.47 -5.75 -1.32
N TYR A 76 1.73 -6.81 -2.09
CA TYR A 76 2.62 -6.71 -3.24
C TYR A 76 1.82 -6.55 -4.52
N ILE A 77 2.06 -5.45 -5.23
CA ILE A 77 1.37 -5.17 -6.48
C ILE A 77 2.31 -5.33 -7.67
N SER A 78 1.84 -6.02 -8.71
CA SER A 78 2.63 -6.24 -9.91
C SER A 78 2.15 -5.36 -11.05
N LYS A 79 3.04 -5.11 -12.00
CA LYS A 79 2.70 -4.27 -13.16
C LYS A 79 1.84 -3.09 -12.74
N VAL A 80 2.23 -2.44 -11.64
CA VAL A 80 1.48 -1.29 -11.14
C VAL A 80 1.19 -0.29 -12.25
N GLN A 81 0.39 0.72 -11.94
CA GLN A 81 0.04 1.74 -12.92
C GLN A 81 0.18 3.14 -12.33
N LYS A 82 0.58 4.09 -13.16
CA LYS A 82 0.76 5.48 -12.71
C LYS A 82 -0.34 5.88 -11.74
N GLU A 83 -1.59 5.55 -12.10
CA GLU A 83 -2.73 5.89 -11.26
C GLU A 83 -2.54 5.36 -9.84
N ASP A 84 -2.00 4.14 -9.73
CA ASP A 84 -1.76 3.53 -8.43
C ASP A 84 -1.35 4.57 -7.41
N ASN A 85 -0.52 5.53 -7.83
CA ASN A 85 -0.04 6.58 -6.95
C ASN A 85 -1.19 7.23 -6.20
N SER A 86 -1.28 6.95 -4.90
CA SER A 86 -2.34 7.51 -4.07
C SER A 86 -2.00 7.37 -2.59
N THR A 87 -2.86 7.91 -1.74
CA THR A 87 -2.65 7.84 -0.30
C THR A 87 -3.27 6.59 0.30
N TYR A 88 -2.53 5.49 0.26
CA TYR A 88 -3.00 4.22 0.79
C TYR A 88 -3.26 4.32 2.30
N ILE A 89 -4.32 3.65 2.76
CA ILE A 89 -4.67 3.67 4.17
C ILE A 89 -4.97 2.26 4.68
N MET A 90 -4.06 1.72 5.48
CA MET A 90 -4.23 0.38 6.03
C MET A 90 -4.88 0.43 7.41
N ARG A 91 -6.06 -0.17 7.53
CA ARG A 91 -6.78 -0.18 8.80
C ARG A 91 -6.67 -1.55 9.47
N VAL A 92 -6.28 -1.54 10.74
CA VAL A 92 -6.14 -2.78 11.51
C VAL A 92 -6.88 -2.70 12.84
N LEU A 93 -7.89 -3.55 13.00
CA LEU A 93 -8.67 -3.57 14.23
C LEU A 93 -7.91 -4.27 15.36
N LYS A 94 -7.60 -3.52 16.41
CA LYS A 94 -6.88 -4.07 17.55
C LYS A 94 -7.80 -4.92 18.43
N LYS A 95 -7.21 -5.73 19.29
CA LYS A 95 -7.97 -6.59 20.17
C LYS A 95 -8.78 -5.77 21.18
N THR A 96 -8.10 -4.82 21.83
CA THR A 96 -8.75 -3.96 22.82
C THR A 96 -9.98 -3.29 22.22
N GLY A 97 -10.05 -3.23 20.90
CA GLY A 97 -11.18 -2.61 20.23
C GLY A 97 -10.84 -1.27 19.62
N ASN A 98 -9.60 -1.13 19.18
CA ASN A 98 -9.14 0.11 18.57
C ASN A 98 -9.00 -0.03 17.06
N GLU A 99 -8.88 1.09 16.36
CA GLU A 99 -8.74 1.08 14.91
C GLU A 99 -7.60 1.99 14.47
N GLN A 100 -6.44 1.39 14.20
CA GLN A 100 -5.27 2.15 13.78
C GLN A 100 -5.16 2.18 12.26
N GLU A 101 -5.18 3.38 11.70
CA GLU A 101 -5.09 3.55 10.25
C GLU A 101 -3.77 4.22 9.86
N TRP A 102 -3.05 3.59 8.93
CA TRP A 102 -1.77 4.12 8.47
C TRP A 102 -1.95 4.95 7.20
N LYS A 103 -0.85 5.46 6.67
CA LYS A 103 -0.88 6.27 5.46
C LYS A 103 0.39 6.07 4.63
N ILE A 104 0.22 5.72 3.36
CA ILE A 104 1.36 5.50 2.48
C ILE A 104 1.14 6.19 1.13
N LYS A 105 1.81 7.31 0.93
CA LYS A 105 1.70 8.05 -0.33
C LYS A 105 2.57 7.43 -1.41
N LEU A 106 2.01 6.51 -2.17
CA LEU A 106 2.73 5.85 -3.25
C LEU A 106 3.11 6.84 -4.34
N GLN A 107 4.39 6.86 -4.70
CA GLN A 107 4.87 7.77 -5.73
C GLN A 107 5.44 6.98 -6.92
N VAL A 108 4.68 6.94 -8.01
CA VAL A 108 5.11 6.23 -9.21
C VAL A 108 5.90 7.14 -10.14
N LEU A 109 6.96 6.59 -10.75
CA LEU A 109 7.80 7.35 -11.66
C LEU A 109 7.83 6.70 -13.03
N ASP A 110 8.40 7.41 -14.00
CA ASP A 110 8.50 6.91 -15.36
C ASP A 110 9.91 6.44 -15.67
N PRO A 111 10.03 5.29 -16.35
CA PRO A 111 11.32 4.71 -16.73
C PRO A 111 12.05 5.53 -17.78
N VAL A 112 11.34 5.87 -18.85
CA VAL A 112 11.92 6.66 -19.94
C VAL A 112 12.90 7.70 -19.40
N PRO A 113 14.14 7.66 -19.91
CA PRO A 113 15.20 8.58 -19.51
C PRO A 113 14.95 10.01 -19.98
N LYS A 114 15.93 10.87 -19.82
CA LYS A 114 15.82 12.26 -20.24
C LYS A 114 17.02 12.68 -21.08
N PRO A 115 16.76 13.40 -22.18
CA PRO A 115 17.81 13.88 -23.08
C PRO A 115 18.66 14.97 -22.45
N VAL A 116 19.88 15.14 -22.95
CA VAL A 116 20.79 16.15 -22.44
C VAL A 116 20.58 17.48 -23.14
N ILE A 117 19.84 18.38 -22.50
CA ILE A 117 19.57 19.69 -23.08
C ILE A 117 20.81 20.57 -23.06
N LYS A 118 21.34 20.86 -24.24
CA LYS A 118 22.54 21.69 -24.37
C LYS A 118 22.40 22.68 -25.51
N ILE A 119 23.01 23.85 -25.37
CA ILE A 119 22.95 24.87 -26.41
C ILE A 119 24.32 25.07 -27.06
N GLU A 120 24.32 25.70 -28.22
CA GLU A 120 25.56 25.95 -28.96
C GLU A 120 26.01 27.40 -28.78
N LYS A 121 27.32 27.62 -28.84
CA LYS A 121 27.88 28.95 -28.69
C LYS A 121 28.04 29.64 -30.05
N GLY A 1 9.46 16.93 -3.97
CA GLY A 1 9.74 15.77 -3.14
C GLY A 1 10.24 16.14 -1.76
N SER A 2 9.65 15.54 -0.73
CA SER A 2 10.03 15.83 0.65
C SER A 2 10.54 14.57 1.35
N SER A 3 11.15 14.74 2.51
CA SER A 3 11.68 13.62 3.28
C SER A 3 10.89 13.42 4.56
N GLY A 4 11.06 12.26 5.19
CA GLY A 4 10.36 11.97 6.41
C GLY A 4 11.18 11.10 7.36
N SER A 5 12.24 11.69 7.92
CA SER A 5 13.11 10.96 8.84
C SER A 5 12.29 10.22 9.89
N SER A 6 11.36 10.94 10.52
CA SER A 6 10.51 10.36 11.56
C SER A 6 10.05 8.96 11.15
N GLY A 7 9.60 8.19 12.15
CA GLY A 7 9.13 6.85 11.87
C GLY A 7 8.13 6.36 12.91
N GLN A 8 7.32 7.29 13.42
CA GLN A 8 6.32 6.94 14.43
C GLN A 8 5.09 7.83 14.30
N GLY A 9 3.98 7.24 13.87
CA GLY A 9 2.75 7.99 13.70
C GLY A 9 2.91 9.16 12.75
N HIS A 10 3.42 8.87 11.56
CA HIS A 10 3.63 9.91 10.55
C HIS A 10 3.19 9.42 9.17
N LEU A 11 3.21 10.31 8.19
CA LEU A 11 2.81 9.98 6.83
C LEU A 11 3.98 9.40 6.05
N VAL A 12 3.79 8.21 5.51
CA VAL A 12 4.84 7.54 4.73
C VAL A 12 4.77 7.94 3.26
N HIS A 13 5.90 8.35 2.70
CA HIS A 13 5.97 8.75 1.31
C HIS A 13 6.93 7.87 0.53
N MET A 14 6.39 6.84 -0.13
CA MET A 14 7.20 5.93 -0.91
C MET A 14 7.18 6.30 -2.39
N THR A 15 8.21 5.88 -3.12
CA THR A 15 8.30 6.17 -4.55
C THR A 15 9.01 5.04 -5.29
N VAL A 16 8.34 4.49 -6.30
CA VAL A 16 8.91 3.41 -7.09
C VAL A 16 8.70 3.65 -8.58
N VAL A 17 9.36 2.84 -9.40
CA VAL A 17 9.23 2.95 -10.85
C VAL A 17 8.02 2.20 -11.37
N SER A 18 7.43 2.71 -12.46
CA SER A 18 6.26 2.08 -13.05
C SER A 18 6.60 0.71 -13.63
N GLY A 19 5.62 -0.18 -13.62
CA GLY A 19 5.82 -1.52 -14.14
C GLY A 19 6.82 -2.31 -13.32
N SER A 20 6.87 -2.04 -12.03
CA SER A 20 7.78 -2.73 -11.13
C SER A 20 7.05 -3.24 -9.89
N ASN A 21 7.39 -4.46 -9.47
CA ASN A 21 6.77 -5.06 -8.30
C ASN A 21 7.08 -4.26 -7.04
N VAL A 22 6.03 -3.74 -6.41
CA VAL A 22 6.19 -2.96 -5.20
C VAL A 22 5.88 -3.79 -3.95
N THR A 23 6.11 -3.20 -2.78
CA THR A 23 5.85 -3.89 -1.53
C THR A 23 5.50 -2.91 -0.42
N LEU A 24 4.22 -2.86 -0.07
CA LEU A 24 3.74 -1.95 0.98
C LEU A 24 3.84 -2.61 2.35
N ASN A 25 4.71 -2.08 3.20
CA ASN A 25 4.90 -2.62 4.54
C ASN A 25 5.06 -1.49 5.55
N ILE A 26 4.07 -1.37 6.45
CA ILE A 26 4.10 -0.34 7.47
C ILE A 26 5.27 -0.54 8.42
N SER A 27 6.09 0.50 8.59
CA SER A 27 7.24 0.43 9.48
C SER A 27 6.85 -0.12 10.85
N GLU A 28 5.77 0.41 11.41
CA GLU A 28 5.29 -0.03 12.70
C GLU A 28 4.84 -1.48 12.66
N SER A 29 5.78 -2.40 12.79
CA SER A 29 5.48 -3.83 12.75
C SER A 29 4.19 -4.12 13.51
N LEU A 30 3.29 -4.86 12.87
CA LEU A 30 2.02 -5.21 13.48
C LEU A 30 2.23 -5.72 14.91
N PRO A 31 1.18 -5.57 15.75
CA PRO A 31 1.22 -6.01 17.15
C PRO A 31 1.24 -7.53 17.28
N GLU A 32 1.51 -8.01 18.49
CA GLU A 32 1.56 -9.44 18.75
C GLU A 32 0.47 -10.17 17.95
N ASN A 33 -0.76 -9.68 18.06
CA ASN A 33 -1.88 -10.29 17.34
C ASN A 33 -2.99 -9.27 17.10
N TYR A 34 -3.38 -9.13 15.84
CA TYR A 34 -4.43 -8.17 15.48
C TYR A 34 -5.76 -8.90 15.27
N LYS A 35 -6.83 -8.11 15.14
CA LYS A 35 -8.16 -8.67 14.94
C LYS A 35 -8.43 -8.88 13.44
N GLN A 36 -8.19 -7.85 12.65
CA GLN A 36 -8.40 -7.92 11.21
C GLN A 36 -7.37 -7.08 10.47
N LEU A 37 -7.23 -7.34 9.17
CA LEU A 37 -6.28 -6.61 8.34
C LEU A 37 -6.91 -6.22 7.00
N THR A 38 -7.21 -4.93 6.84
CA THR A 38 -7.81 -4.44 5.61
C THR A 38 -6.90 -3.44 4.92
N TRP A 39 -7.04 -3.32 3.60
CA TRP A 39 -6.23 -2.40 2.83
C TRP A 39 -7.10 -1.47 1.99
N PHE A 40 -6.79 -0.18 2.00
CA PHE A 40 -7.54 0.81 1.25
C PHE A 40 -6.66 1.48 0.20
N TYR A 41 -7.16 1.55 -1.02
CA TYR A 41 -6.43 2.17 -2.12
C TYR A 41 -6.60 3.68 -2.12
N THR A 42 -7.80 4.12 -1.76
CA THR A 42 -8.10 5.55 -1.71
C THR A 42 -8.87 5.91 -0.44
N PHE A 43 -9.33 7.15 -0.37
CA PHE A 43 -10.08 7.62 0.80
C PHE A 43 -11.14 6.60 1.21
N ASP A 44 -12.07 6.32 0.30
CA ASP A 44 -13.13 5.37 0.57
C ASP A 44 -13.05 4.18 -0.38
N GLN A 45 -11.83 3.68 -0.59
CA GLN A 45 -11.60 2.54 -1.47
C GLN A 45 -10.94 1.40 -0.72
N LYS A 46 -11.41 0.18 -0.96
CA LYS A 46 -10.86 -1.01 -0.32
C LYS A 46 -10.34 -2.01 -1.34
N ILE A 47 -9.12 -2.49 -1.13
CA ILE A 47 -8.52 -3.46 -2.04
C ILE A 47 -8.83 -4.89 -1.62
N VAL A 48 -8.66 -5.16 -0.33
CA VAL A 48 -8.93 -6.50 0.21
C VAL A 48 -9.15 -6.45 1.71
N GLU A 49 -10.07 -7.28 2.20
CA GLU A 49 -10.38 -7.33 3.62
C GLU A 49 -10.10 -8.72 4.19
N TRP A 50 -9.28 -8.76 5.24
CA TRP A 50 -8.93 -10.02 5.88
C TRP A 50 -9.59 -10.15 7.25
N ASP A 51 -10.73 -10.84 7.29
CA ASP A 51 -11.45 -11.03 8.54
C ASP A 51 -10.89 -12.22 9.33
N SER A 52 -9.62 -12.12 9.71
CA SER A 52 -8.97 -13.18 10.46
C SER A 52 -9.43 -14.56 9.98
N ARG A 53 -9.81 -14.64 8.71
CA ARG A 53 -10.30 -15.89 8.14
C ARG A 53 -9.67 -16.12 6.77
N LYS A 54 -10.16 -15.39 5.77
CA LYS A 54 -9.66 -15.51 4.41
C LYS A 54 -9.79 -14.20 3.65
N SER A 55 -8.68 -13.73 3.08
CA SER A 55 -8.66 -12.48 2.34
C SER A 55 -9.87 -12.39 1.41
N LYS A 56 -10.59 -11.27 1.49
CA LYS A 56 -11.77 -11.05 0.66
C LYS A 56 -11.53 -9.94 -0.35
N TYR A 57 -11.02 -10.31 -1.53
CA TYR A 57 -10.74 -9.34 -2.58
C TYR A 57 -12.01 -8.64 -3.03
N PHE A 58 -11.93 -7.34 -3.25
CA PHE A 58 -13.08 -6.55 -3.69
C PHE A 58 -13.00 -6.25 -5.17
N GLU A 59 -14.10 -5.75 -5.73
CA GLU A 59 -14.14 -5.41 -7.15
C GLU A 59 -13.14 -4.32 -7.49
N SER A 60 -11.99 -4.73 -8.02
CA SER A 60 -10.94 -3.79 -8.39
C SER A 60 -9.97 -4.42 -9.37
N LYS A 61 -9.39 -3.60 -10.24
CA LYS A 61 -8.44 -4.08 -11.24
C LYS A 61 -7.22 -4.70 -10.58
N PHE A 62 -6.93 -4.25 -9.36
CA PHE A 62 -5.78 -4.75 -8.60
C PHE A 62 -5.94 -6.25 -8.32
N LYS A 63 -7.17 -6.66 -8.02
CA LYS A 63 -7.45 -8.06 -7.72
C LYS A 63 -6.92 -8.96 -8.82
N GLY A 64 -6.20 -10.01 -8.43
CA GLY A 64 -5.64 -10.93 -9.40
C GLY A 64 -4.13 -10.89 -9.44
N ARG A 65 -3.58 -9.68 -9.57
CA ARG A 65 -2.13 -9.51 -9.63
C ARG A 65 -1.57 -9.25 -8.24
N VAL A 66 -2.20 -8.35 -7.50
CA VAL A 66 -1.75 -8.01 -6.15
C VAL A 66 -1.88 -9.21 -5.22
N ARG A 67 -1.23 -9.12 -4.06
CA ARG A 67 -1.26 -10.21 -3.09
C ARG A 67 -1.15 -9.64 -1.66
N LEU A 68 -1.90 -10.25 -0.75
CA LEU A 68 -1.89 -9.81 0.65
C LEU A 68 -1.32 -10.90 1.55
N ASP A 69 -0.29 -10.54 2.32
CA ASP A 69 0.34 -11.50 3.24
C ASP A 69 -0.20 -11.33 4.66
N PRO A 70 -1.07 -12.26 5.06
CA PRO A 70 -1.69 -12.25 6.40
C PRO A 70 -0.68 -12.56 7.50
N GLN A 71 0.57 -12.82 7.11
CA GLN A 71 1.62 -13.12 8.07
C GLN A 71 2.31 -11.85 8.55
N SER A 72 2.62 -10.96 7.62
CA SER A 72 3.28 -9.71 7.96
C SER A 72 2.36 -8.52 7.71
N GLY A 73 1.47 -8.66 6.73
CA GLY A 73 0.54 -7.60 6.40
C GLY A 73 1.07 -6.68 5.32
N ALA A 74 1.87 -7.23 4.42
CA ALA A 74 2.44 -6.45 3.33
C ALA A 74 1.71 -6.71 2.02
N LEU A 75 1.50 -5.65 1.24
CA LEU A 75 0.79 -5.77 -0.03
C LEU A 75 1.78 -5.63 -1.20
N TYR A 76 1.79 -6.63 -2.07
CA TYR A 76 2.67 -6.63 -3.23
C TYR A 76 1.88 -6.48 -4.52
N ILE A 77 2.18 -5.40 -5.26
CA ILE A 77 1.49 -5.14 -6.52
C ILE A 77 2.40 -5.43 -7.71
N SER A 78 1.83 -6.03 -8.75
CA SER A 78 2.59 -6.37 -9.95
C SER A 78 2.18 -5.48 -11.11
N LYS A 79 3.16 -5.09 -11.93
CA LYS A 79 2.91 -4.24 -13.08
C LYS A 79 2.14 -2.99 -12.67
N VAL A 80 2.52 -2.41 -11.54
CA VAL A 80 1.87 -1.21 -11.04
C VAL A 80 1.63 -0.20 -12.17
N GLN A 81 0.82 0.81 -11.88
CA GLN A 81 0.51 1.84 -12.87
C GLN A 81 0.56 3.23 -12.24
N LYS A 82 0.93 4.22 -13.04
CA LYS A 82 1.02 5.61 -12.57
C LYS A 82 -0.16 5.94 -11.66
N GLU A 83 -1.35 5.47 -12.05
CA GLU A 83 -2.56 5.73 -11.27
C GLU A 83 -2.38 5.26 -9.83
N ASP A 84 -1.74 4.11 -9.67
CA ASP A 84 -1.52 3.55 -8.34
C ASP A 84 -1.17 4.64 -7.33
N ASN A 85 -0.44 5.65 -7.79
CA ASN A 85 -0.04 6.76 -6.93
C ASN A 85 -1.24 7.33 -6.20
N SER A 86 -1.37 6.98 -4.92
CA SER A 86 -2.47 7.46 -4.10
C SER A 86 -2.18 7.27 -2.62
N THR A 87 -3.06 7.80 -1.78
CA THR A 87 -2.90 7.68 -0.33
C THR A 87 -3.48 6.38 0.19
N TYR A 88 -2.60 5.40 0.42
CA TYR A 88 -3.04 4.09 0.92
C TYR A 88 -3.31 4.15 2.42
N ILE A 89 -4.40 3.52 2.83
CA ILE A 89 -4.78 3.50 4.25
C ILE A 89 -5.02 2.06 4.72
N MET A 90 -4.08 1.55 5.51
CA MET A 90 -4.19 0.19 6.04
C MET A 90 -4.88 0.20 7.41
N ARG A 91 -6.06 -0.40 7.48
CA ARG A 91 -6.81 -0.46 8.73
C ARG A 91 -6.56 -1.79 9.45
N VAL A 92 -6.24 -1.70 10.73
CA VAL A 92 -5.97 -2.89 11.54
C VAL A 92 -6.64 -2.79 12.91
N LEU A 93 -7.67 -3.61 13.12
CA LEU A 93 -8.39 -3.60 14.39
C LEU A 93 -7.54 -4.22 15.50
N LYS A 94 -7.12 -3.39 16.44
CA LYS A 94 -6.31 -3.85 17.56
C LYS A 94 -7.06 -4.88 18.40
N LYS A 95 -6.32 -5.82 18.97
CA LYS A 95 -6.93 -6.85 19.81
C LYS A 95 -7.75 -6.24 20.94
N THR A 96 -7.12 -5.36 21.70
CA THR A 96 -7.78 -4.71 22.82
C THR A 96 -9.17 -4.20 22.42
N GLY A 97 -9.25 -3.66 21.20
CA GLY A 97 -10.52 -3.14 20.71
C GLY A 97 -10.40 -1.73 20.19
N ASN A 98 -9.38 -1.47 19.39
CA ASN A 98 -9.15 -0.14 18.82
C ASN A 98 -9.07 -0.20 17.30
N GLU A 99 -8.96 0.96 16.67
CA GLU A 99 -8.88 1.04 15.21
C GLU A 99 -7.75 1.97 14.78
N GLN A 100 -6.70 1.40 14.23
CA GLN A 100 -5.55 2.17 13.77
C GLN A 100 -5.41 2.10 12.26
N GLU A 101 -5.17 3.25 11.63
CA GLU A 101 -5.02 3.31 10.19
C GLU A 101 -3.74 4.05 9.80
N TRP A 102 -2.97 3.45 8.90
CA TRP A 102 -1.72 4.05 8.45
C TRP A 102 -1.93 4.86 7.18
N LYS A 103 -0.87 5.50 6.71
CA LYS A 103 -0.93 6.31 5.51
C LYS A 103 0.33 6.14 4.67
N ILE A 104 0.15 5.88 3.38
CA ILE A 104 1.27 5.70 2.46
C ILE A 104 0.98 6.32 1.10
N LYS A 105 1.59 7.46 0.82
CA LYS A 105 1.40 8.14 -0.45
C LYS A 105 2.26 7.53 -1.54
N LEU A 106 1.73 6.50 -2.20
CA LEU A 106 2.45 5.83 -3.27
C LEU A 106 2.78 6.79 -4.41
N GLN A 107 3.96 6.61 -4.99
CA GLN A 107 4.40 7.46 -6.09
C GLN A 107 5.12 6.65 -7.17
N VAL A 108 4.67 6.79 -8.41
CA VAL A 108 5.27 6.07 -9.53
C VAL A 108 6.14 6.99 -10.36
N LEU A 109 7.29 6.47 -10.79
CA LEU A 109 8.22 7.25 -11.61
C LEU A 109 8.43 6.58 -12.97
N ASP A 110 8.76 7.39 -13.97
CA ASP A 110 8.99 6.88 -15.31
C ASP A 110 10.44 6.45 -15.49
N PRO A 111 10.65 5.29 -16.14
CA PRO A 111 11.98 4.73 -16.37
C PRO A 111 12.77 5.55 -17.39
N VAL A 112 12.16 5.82 -18.54
CA VAL A 112 12.81 6.59 -19.59
C VAL A 112 13.68 7.71 -19.00
N PRO A 113 14.95 7.74 -19.41
CA PRO A 113 15.90 8.75 -18.93
C PRO A 113 15.59 10.15 -19.47
N LYS A 114 16.50 11.08 -19.25
CA LYS A 114 16.32 12.45 -19.71
C LYS A 114 17.51 12.90 -20.54
N PRO A 115 17.24 13.66 -21.61
CA PRO A 115 18.27 14.18 -22.51
C PRO A 115 19.14 15.24 -21.86
N VAL A 116 20.31 15.50 -22.43
CA VAL A 116 21.22 16.50 -21.89
C VAL A 116 20.98 17.86 -22.53
N ILE A 117 20.19 18.70 -21.85
CA ILE A 117 19.88 20.02 -22.35
C ILE A 117 20.98 21.02 -22.00
N LYS A 118 22.02 21.07 -22.82
CA LYS A 118 23.14 21.98 -22.59
C LYS A 118 23.18 23.06 -23.66
N ILE A 119 23.50 24.28 -23.25
CA ILE A 119 23.58 25.41 -24.17
C ILE A 119 24.97 26.04 -24.16
N GLU A 120 25.49 26.32 -25.34
CA GLU A 120 26.81 26.93 -25.47
C GLU A 120 26.78 28.13 -26.41
N LYS A 121 26.93 29.32 -25.84
CA LYS A 121 26.92 30.55 -26.62
C LYS A 121 27.39 31.73 -25.78
N GLY A 1 21.76 20.27 13.26
CA GLY A 1 20.63 19.90 14.09
C GLY A 1 19.33 19.84 13.30
N SER A 2 18.90 18.63 12.97
CA SER A 2 17.67 18.44 12.20
C SER A 2 16.52 18.04 13.12
N SER A 3 15.30 18.18 12.62
CA SER A 3 14.12 17.84 13.40
C SER A 3 12.88 17.77 12.51
N GLY A 4 11.98 16.83 12.80
CA GLY A 4 10.77 16.68 12.03
C GLY A 4 10.05 15.38 12.33
N SER A 5 9.42 15.32 13.49
CA SER A 5 8.69 14.13 13.91
C SER A 5 7.18 14.40 13.94
N SER A 6 6.40 13.34 13.76
CA SER A 6 4.94 13.47 13.77
C SER A 6 4.41 13.48 15.20
N GLY A 7 3.12 13.73 15.33
CA GLY A 7 2.49 13.76 16.65
C GLY A 7 1.47 12.67 16.84
N GLN A 8 0.29 12.85 16.28
CA GLN A 8 -0.78 11.86 16.40
C GLN A 8 -0.91 11.05 15.11
N GLY A 9 -0.09 10.01 14.99
CA GLY A 9 -0.12 9.17 13.81
C GLY A 9 1.23 9.07 13.12
N HIS A 10 1.21 8.63 11.87
CA HIS A 10 2.45 8.48 11.10
C HIS A 10 2.15 8.42 9.61
N LEU A 11 2.72 9.36 8.85
CA LEU A 11 2.52 9.41 7.41
C LEU A 11 3.71 8.83 6.67
N VAL A 12 3.48 7.72 5.96
CA VAL A 12 4.54 7.06 5.21
C VAL A 12 4.59 7.57 3.77
N HIS A 13 5.80 7.85 3.28
CA HIS A 13 5.97 8.34 1.91
C HIS A 13 6.90 7.42 1.13
N MET A 14 6.32 6.55 0.32
CA MET A 14 7.11 5.62 -0.50
C MET A 14 7.19 6.10 -1.94
N THR A 15 8.14 5.52 -2.70
CA THR A 15 8.32 5.90 -4.09
C THR A 15 8.97 4.77 -4.88
N VAL A 16 8.31 4.33 -5.94
CA VAL A 16 8.82 3.25 -6.78
C VAL A 16 8.63 3.56 -8.26
N VAL A 17 9.14 2.68 -9.12
CA VAL A 17 9.02 2.86 -10.56
C VAL A 17 7.77 2.18 -11.09
N SER A 18 7.22 2.73 -12.17
CA SER A 18 6.02 2.17 -12.79
C SER A 18 6.30 0.79 -13.38
N GLY A 19 5.29 -0.08 -13.35
CA GLY A 19 5.45 -1.42 -13.88
C GLY A 19 6.50 -2.21 -13.13
N SER A 20 6.71 -1.87 -11.86
CA SER A 20 7.69 -2.57 -11.04
C SER A 20 7.05 -3.09 -9.76
N ASN A 21 7.33 -4.36 -9.44
CA ASN A 21 6.77 -4.99 -8.25
C ASN A 21 6.90 -4.05 -7.04
N VAL A 22 5.76 -3.55 -6.57
CA VAL A 22 5.74 -2.65 -5.42
C VAL A 22 5.59 -3.43 -4.11
N THR A 23 5.78 -2.75 -3.00
CA THR A 23 5.67 -3.37 -1.68
C THR A 23 5.26 -2.36 -0.63
N LEU A 24 4.00 -2.42 -0.20
CA LEU A 24 3.48 -1.52 0.81
C LEU A 24 3.58 -2.13 2.19
N ASN A 25 4.63 -1.77 2.93
CA ASN A 25 4.84 -2.28 4.27
C ASN A 25 4.88 -1.13 5.29
N ILE A 26 4.15 -1.31 6.39
CA ILE A 26 4.10 -0.30 7.43
C ILE A 26 5.25 -0.47 8.41
N SER A 27 6.01 0.59 8.64
CA SER A 27 7.13 0.57 9.56
C SER A 27 6.74 -0.08 10.88
N GLU A 28 5.52 0.22 11.34
CA GLU A 28 5.02 -0.33 12.60
C GLU A 28 4.45 -1.73 12.39
N SER A 29 5.05 -2.71 13.05
CA SER A 29 4.61 -4.09 12.93
C SER A 29 3.17 -4.24 13.44
N LEU A 30 2.49 -5.28 12.97
CA LEU A 30 1.11 -5.54 13.37
C LEU A 30 1.01 -5.79 14.87
N PRO A 31 -0.17 -5.51 15.44
CA PRO A 31 -0.42 -5.70 16.88
C PRO A 31 -0.47 -7.17 17.27
N GLU A 32 0.03 -7.47 18.46
CA GLU A 32 0.04 -8.84 18.96
C GLU A 32 -1.35 -9.46 18.86
N ASN A 33 -1.55 -10.30 17.84
CA ASN A 33 -2.82 -10.97 17.64
C ASN A 33 -3.87 -9.98 17.11
N TYR A 34 -3.54 -9.30 16.02
CA TYR A 34 -4.45 -8.33 15.42
C TYR A 34 -5.86 -8.91 15.28
N LYS A 35 -6.84 -8.04 15.12
CA LYS A 35 -8.23 -8.47 14.96
C LYS A 35 -8.59 -8.63 13.49
N GLN A 36 -8.27 -7.61 12.70
CA GLN A 36 -8.56 -7.64 11.27
C GLN A 36 -7.48 -6.91 10.47
N LEU A 37 -7.51 -7.08 9.16
CA LEU A 37 -6.53 -6.43 8.29
C LEU A 37 -7.16 -6.07 6.94
N THR A 38 -7.34 -4.78 6.71
CA THR A 38 -7.93 -4.30 5.46
C THR A 38 -7.03 -3.28 4.79
N TRP A 39 -7.06 -3.26 3.46
CA TRP A 39 -6.24 -2.32 2.69
C TRP A 39 -7.11 -1.37 1.90
N PHE A 40 -6.77 -0.09 1.93
CA PHE A 40 -7.52 0.93 1.20
C PHE A 40 -6.69 1.52 0.07
N TYR A 41 -7.29 1.61 -1.11
CA TYR A 41 -6.60 2.15 -2.28
C TYR A 41 -6.72 3.67 -2.33
N THR A 42 -7.90 4.17 -1.94
CA THR A 42 -8.14 5.61 -1.94
C THR A 42 -8.83 6.04 -0.65
N PHE A 43 -9.28 7.29 -0.62
CA PHE A 43 -9.95 7.83 0.56
C PHE A 43 -11.14 6.97 0.96
N ASP A 44 -11.94 6.59 -0.03
CA ASP A 44 -13.11 5.75 0.21
C ASP A 44 -13.11 4.53 -0.70
N GLN A 45 -11.95 3.90 -0.84
CA GLN A 45 -11.81 2.72 -1.69
C GLN A 45 -11.05 1.62 -0.96
N LYS A 46 -11.47 0.38 -1.18
CA LYS A 46 -10.83 -0.78 -0.54
C LYS A 46 -10.18 -1.68 -1.59
N ILE A 47 -9.24 -2.49 -1.15
CA ILE A 47 -8.53 -3.41 -2.04
C ILE A 47 -8.72 -4.86 -1.60
N VAL A 48 -8.68 -5.07 -0.28
CA VAL A 48 -8.84 -6.41 0.28
C VAL A 48 -9.09 -6.35 1.78
N GLU A 49 -10.02 -7.18 2.25
CA GLU A 49 -10.35 -7.22 3.67
C GLU A 49 -9.97 -8.58 4.28
N TRP A 50 -9.54 -8.54 5.54
CA TRP A 50 -9.14 -9.76 6.24
C TRP A 50 -9.71 -9.79 7.65
N ASP A 51 -10.44 -10.84 7.97
CA ASP A 51 -11.05 -10.99 9.29
C ASP A 51 -10.47 -12.20 10.02
N SER A 52 -9.15 -12.19 10.22
CA SER A 52 -8.48 -13.30 10.89
C SER A 52 -9.10 -14.64 10.52
N ARG A 53 -9.67 -14.69 9.32
CA ARG A 53 -10.30 -15.91 8.83
C ARG A 53 -9.88 -16.20 7.38
N LYS A 54 -10.33 -15.34 6.47
CA LYS A 54 -10.00 -15.50 5.06
C LYS A 54 -9.91 -14.15 4.37
N SER A 55 -9.28 -14.13 3.20
CA SER A 55 -9.11 -12.90 2.44
C SER A 55 -10.19 -12.78 1.36
N LYS A 56 -10.89 -11.65 1.35
CA LYS A 56 -11.95 -11.41 0.38
C LYS A 56 -11.54 -10.32 -0.60
N TYR A 57 -10.82 -10.71 -1.65
CA TYR A 57 -10.36 -9.77 -2.66
C TYR A 57 -11.54 -9.08 -3.34
N PHE A 58 -11.57 -7.75 -3.28
CA PHE A 58 -12.64 -6.98 -3.89
C PHE A 58 -12.42 -6.84 -5.39
N GLU A 59 -13.51 -6.59 -6.12
CA GLU A 59 -13.44 -6.43 -7.57
C GLU A 59 -12.65 -5.18 -7.94
N SER A 60 -11.54 -5.38 -8.64
CA SER A 60 -10.70 -4.26 -9.06
C SER A 60 -9.55 -4.75 -9.94
N LYS A 61 -9.14 -3.90 -10.88
CA LYS A 61 -8.05 -4.24 -11.79
C LYS A 61 -6.89 -4.89 -11.03
N PHE A 62 -6.67 -4.43 -9.81
CA PHE A 62 -5.59 -4.95 -8.98
C PHE A 62 -5.76 -6.46 -8.76
N LYS A 63 -7.01 -6.88 -8.58
CA LYS A 63 -7.30 -8.29 -8.35
C LYS A 63 -6.71 -9.16 -9.46
N GLY A 64 -5.92 -10.16 -9.06
CA GLY A 64 -5.30 -11.04 -10.02
C GLY A 64 -3.80 -11.15 -9.83
N ARG A 65 -3.14 -10.00 -9.65
CA ARG A 65 -1.70 -9.97 -9.46
C ARG A 65 -1.35 -9.65 -8.01
N VAL A 66 -1.93 -8.57 -7.49
CA VAL A 66 -1.68 -8.16 -6.11
C VAL A 66 -1.63 -9.37 -5.18
N ARG A 67 -0.89 -9.24 -4.09
CA ARG A 67 -0.75 -10.32 -3.11
C ARG A 67 -0.70 -9.76 -1.70
N LEU A 68 -1.69 -10.12 -0.88
CA LEU A 68 -1.75 -9.66 0.50
C LEU A 68 -1.18 -10.72 1.45
N ASP A 69 -0.19 -10.33 2.24
CA ASP A 69 0.42 -11.23 3.20
C ASP A 69 -0.18 -11.06 4.59
N PRO A 70 -1.05 -12.00 4.98
CA PRO A 70 -1.72 -11.98 6.29
C PRO A 70 -0.75 -12.24 7.44
N GLN A 71 0.52 -12.45 7.10
CA GLN A 71 1.55 -12.70 8.11
C GLN A 71 2.19 -11.40 8.58
N SER A 72 2.54 -10.55 7.63
CA SER A 72 3.17 -9.27 7.96
C SER A 72 2.23 -8.11 7.66
N GLY A 73 1.35 -8.31 6.68
CA GLY A 73 0.41 -7.28 6.31
C GLY A 73 0.93 -6.36 5.22
N ALA A 74 1.75 -6.93 4.33
CA ALA A 74 2.33 -6.17 3.23
C ALA A 74 1.63 -6.49 1.91
N LEU A 75 1.47 -5.48 1.07
CA LEU A 75 0.82 -5.66 -0.22
C LEU A 75 1.83 -5.51 -1.36
N TYR A 76 2.13 -6.63 -2.03
CA TYR A 76 3.07 -6.62 -3.13
C TYR A 76 2.35 -6.70 -4.47
N ILE A 77 2.22 -5.55 -5.13
CA ILE A 77 1.55 -5.48 -6.43
C ILE A 77 2.55 -5.61 -7.57
N SER A 78 2.10 -6.22 -8.66
CA SER A 78 2.96 -6.42 -9.84
C SER A 78 2.50 -5.55 -11.00
N LYS A 79 3.43 -5.21 -11.89
CA LYS A 79 3.11 -4.39 -13.05
C LYS A 79 2.12 -3.29 -12.68
N VAL A 80 2.44 -2.54 -11.62
CA VAL A 80 1.59 -1.45 -11.18
C VAL A 80 1.40 -0.41 -12.27
N GLN A 81 0.39 0.45 -12.10
CA GLN A 81 0.11 1.49 -13.08
C GLN A 81 0.25 2.87 -12.45
N LYS A 82 0.80 3.80 -13.21
CA LYS A 82 0.99 5.17 -12.73
C LYS A 82 -0.23 5.64 -11.94
N GLU A 83 -1.41 5.38 -12.48
CA GLU A 83 -2.65 5.78 -11.82
C GLU A 83 -2.63 5.40 -10.35
N ASP A 84 -2.10 4.22 -10.04
CA ASP A 84 -2.02 3.74 -8.68
C ASP A 84 -1.77 4.90 -7.71
N ASN A 85 -0.93 5.84 -8.13
CA ASN A 85 -0.60 7.00 -7.30
C ASN A 85 -1.83 7.47 -6.52
N SER A 86 -1.78 7.31 -5.20
CA SER A 86 -2.89 7.71 -4.35
C SER A 86 -2.53 7.52 -2.87
N THR A 87 -3.40 8.00 -1.99
CA THR A 87 -3.18 7.88 -0.56
C THR A 87 -3.73 6.56 -0.03
N TYR A 88 -2.83 5.62 0.25
CA TYR A 88 -3.22 4.31 0.76
C TYR A 88 -3.39 4.35 2.28
N ILE A 89 -4.30 3.52 2.78
CA ILE A 89 -4.56 3.46 4.22
C ILE A 89 -4.88 2.03 4.66
N MET A 90 -4.00 1.45 5.45
CA MET A 90 -4.19 0.09 5.95
C MET A 90 -4.81 0.10 7.35
N ARG A 91 -6.09 -0.25 7.42
CA ARG A 91 -6.79 -0.29 8.69
C ARG A 91 -6.61 -1.63 9.39
N VAL A 92 -6.01 -1.61 10.58
CA VAL A 92 -5.77 -2.82 11.34
C VAL A 92 -6.41 -2.74 12.72
N LEU A 93 -7.53 -3.43 12.89
CA LEU A 93 -8.24 -3.42 14.17
C LEU A 93 -7.39 -4.07 15.26
N LYS A 94 -7.16 -3.33 16.34
CA LYS A 94 -6.37 -3.83 17.46
C LYS A 94 -7.24 -4.68 18.39
N LYS A 95 -6.62 -5.68 19.01
CA LYS A 95 -7.32 -6.56 19.93
C LYS A 95 -8.06 -5.76 20.99
N THR A 96 -7.44 -4.69 21.46
CA THR A 96 -8.04 -3.83 22.48
C THR A 96 -9.36 -3.22 21.98
N GLY A 97 -9.52 -3.20 20.66
CA GLY A 97 -10.73 -2.65 20.08
C GLY A 97 -10.47 -1.36 19.33
N ASN A 98 -9.27 -0.82 19.47
CA ASN A 98 -8.91 0.42 18.79
C ASN A 98 -8.66 0.18 17.30
N GLU A 99 -8.69 1.26 16.53
CA GLU A 99 -8.48 1.16 15.08
C GLU A 99 -7.29 2.02 14.66
N GLN A 100 -6.24 1.36 14.18
CA GLN A 100 -5.04 2.05 13.73
C GLN A 100 -4.95 2.06 12.22
N GLU A 101 -4.43 3.16 11.67
CA GLU A 101 -4.29 3.31 10.22
C GLU A 101 -2.91 3.84 9.86
N TRP A 102 -2.47 3.54 8.64
CA TRP A 102 -1.17 3.98 8.17
C TRP A 102 -1.26 4.56 6.76
N LYS A 103 -1.17 5.88 6.65
CA LYS A 103 -1.24 6.55 5.36
C LYS A 103 0.06 6.38 4.58
N ILE A 104 -0.06 5.86 3.37
CA ILE A 104 1.10 5.64 2.51
C ILE A 104 0.95 6.36 1.18
N LYS A 105 1.56 7.53 1.06
CA LYS A 105 1.49 8.32 -0.16
C LYS A 105 2.30 7.65 -1.27
N LEU A 106 1.62 6.82 -2.06
CA LEU A 106 2.26 6.11 -3.16
C LEU A 106 2.73 7.10 -4.24
N GLN A 107 3.97 6.94 -4.67
CA GLN A 107 4.53 7.81 -5.70
C GLN A 107 5.25 7.00 -6.78
N VAL A 108 4.63 6.90 -7.95
CA VAL A 108 5.20 6.15 -9.06
C VAL A 108 5.94 7.07 -10.02
N LEU A 109 7.13 6.65 -10.46
CA LEU A 109 7.93 7.43 -11.38
C LEU A 109 8.09 6.71 -12.72
N ASP A 110 8.29 7.49 -13.78
CA ASP A 110 8.47 6.92 -15.11
C ASP A 110 9.90 6.46 -15.33
N PRO A 111 10.05 5.24 -15.87
CA PRO A 111 11.37 4.65 -16.13
C PRO A 111 12.11 5.36 -17.27
N VAL A 112 11.42 5.53 -18.40
CA VAL A 112 11.99 6.19 -19.55
C VAL A 112 12.23 7.68 -19.28
N PRO A 113 13.49 8.12 -19.41
CA PRO A 113 13.87 9.51 -19.19
C PRO A 113 13.32 10.45 -20.27
N LYS A 114 13.75 11.70 -20.23
CA LYS A 114 13.31 12.68 -21.21
C LYS A 114 14.50 13.31 -21.93
N PRO A 115 14.42 13.40 -23.26
CA PRO A 115 15.48 13.98 -24.09
C PRO A 115 15.60 15.49 -23.91
N VAL A 116 16.72 16.04 -24.34
CA VAL A 116 16.97 17.48 -24.22
C VAL A 116 16.14 18.26 -25.23
N ILE A 117 14.88 18.47 -24.91
CA ILE A 117 13.98 19.22 -25.79
C ILE A 117 14.34 20.70 -25.83
N LYS A 118 15.13 21.09 -26.81
CA LYS A 118 15.55 22.48 -26.96
C LYS A 118 14.95 23.09 -28.22
N ILE A 119 15.07 24.41 -28.34
CA ILE A 119 14.54 25.12 -29.50
C ILE A 119 15.65 25.40 -30.52
N GLU A 120 15.34 25.19 -31.79
CA GLU A 120 16.31 25.43 -32.87
C GLU A 120 15.65 25.24 -34.23
N LYS A 121 16.28 25.82 -35.26
CA LYS A 121 15.76 25.71 -36.62
C LYS A 121 16.90 25.82 -37.64
N GLY A 1 6.36 12.38 6.07
CA GLY A 1 5.76 13.66 6.39
C GLY A 1 6.09 14.11 7.80
N SER A 2 6.21 15.43 7.99
CA SER A 2 6.54 15.98 9.29
C SER A 2 5.27 16.28 10.09
N SER A 3 5.09 15.56 11.19
CA SER A 3 3.92 15.74 12.04
C SER A 3 2.66 15.88 11.20
N GLY A 4 2.55 15.06 10.16
CA GLY A 4 1.39 15.10 9.29
C GLY A 4 0.10 14.87 10.04
N SER A 5 -0.06 13.69 10.61
CA SER A 5 -1.26 13.35 11.36
C SER A 5 -1.20 13.89 12.79
N SER A 6 -2.35 14.07 13.40
CA SER A 6 -2.43 14.59 14.76
C SER A 6 -2.02 13.52 15.77
N GLY A 7 -2.55 12.32 15.58
CA GLY A 7 -2.22 11.22 16.49
C GLY A 7 -0.97 10.47 16.07
N GLN A 8 -1.04 9.14 16.11
CA GLN A 8 0.09 8.31 15.73
C GLN A 8 0.00 7.89 14.26
N GLY A 9 1.02 7.19 13.79
CA GLY A 9 1.03 6.74 12.40
C GLY A 9 1.55 7.81 11.46
N HIS A 10 2.85 8.06 11.50
CA HIS A 10 3.46 9.06 10.64
C HIS A 10 3.15 8.78 9.17
N LEU A 11 2.89 9.84 8.42
CA LEU A 11 2.57 9.70 6.99
C LEU A 11 3.80 9.23 6.22
N VAL A 12 3.68 8.08 5.58
CA VAL A 12 4.78 7.52 4.79
C VAL A 12 4.63 7.88 3.33
N HIS A 13 5.76 8.12 2.67
CA HIS A 13 5.76 8.47 1.24
C HIS A 13 6.63 7.50 0.45
N MET A 14 5.99 6.59 -0.27
CA MET A 14 6.70 5.61 -1.09
C MET A 14 7.15 6.22 -2.41
N THR A 15 8.07 5.55 -3.08
CA THR A 15 8.59 6.02 -4.36
C THR A 15 9.21 4.90 -5.16
N VAL A 16 8.55 4.50 -6.25
CA VAL A 16 9.05 3.43 -7.10
C VAL A 16 8.83 3.75 -8.58
N VAL A 17 9.29 2.86 -9.45
CA VAL A 17 9.14 3.05 -10.88
C VAL A 17 7.93 2.30 -11.41
N SER A 18 7.34 2.82 -12.49
CA SER A 18 6.17 2.19 -13.09
C SER A 18 6.43 0.73 -13.41
N GLY A 19 5.38 -0.08 -13.33
CA GLY A 19 5.52 -1.50 -13.61
C GLY A 19 6.61 -2.16 -12.78
N SER A 20 6.79 -1.65 -11.58
CA SER A 20 7.81 -2.19 -10.67
C SER A 20 7.17 -2.88 -9.47
N ASN A 21 7.82 -3.92 -8.97
CA ASN A 21 7.30 -4.66 -7.82
C ASN A 21 7.38 -3.81 -6.55
N VAL A 22 6.22 -3.35 -6.10
CA VAL A 22 6.16 -2.53 -4.88
C VAL A 22 5.86 -3.38 -3.66
N THR A 23 6.17 -2.84 -2.49
CA THR A 23 5.93 -3.55 -1.24
C THR A 23 5.55 -2.59 -0.11
N LEU A 24 4.28 -2.56 0.25
CA LEU A 24 3.79 -1.68 1.30
C LEU A 24 3.77 -2.40 2.64
N ASN A 25 4.62 -1.96 3.57
CA ASN A 25 4.70 -2.57 4.88
C ASN A 25 4.75 -1.49 5.97
N ILE A 26 3.59 -1.20 6.55
CA ILE A 26 3.51 -0.18 7.60
C ILE A 26 4.74 -0.23 8.51
N SER A 27 5.42 0.90 8.63
CA SER A 27 6.61 1.00 9.46
C SER A 27 6.34 0.43 10.85
N GLU A 28 5.21 0.80 11.43
CA GLU A 28 4.84 0.33 12.76
C GLU A 28 4.34 -1.11 12.70
N SER A 29 5.22 -2.05 13.01
CA SER A 29 4.88 -3.47 12.99
C SER A 29 3.44 -3.68 13.49
N LEU A 30 2.68 -4.46 12.73
CA LEU A 30 1.30 -4.74 13.09
C LEU A 30 1.18 -5.20 14.54
N PRO A 31 -0.01 -5.04 15.13
CA PRO A 31 -0.27 -5.42 16.51
C PRO A 31 -0.28 -6.94 16.70
N GLU A 32 0.67 -7.43 17.49
CA GLU A 32 0.78 -8.86 17.75
C GLU A 32 -0.60 -9.51 17.79
N ASN A 33 -0.80 -10.49 16.92
CA ASN A 33 -2.08 -11.20 16.85
C ASN A 33 -3.22 -10.23 16.56
N TYR A 34 -3.07 -9.46 15.49
CA TYR A 34 -4.09 -8.49 15.10
C TYR A 34 -5.48 -9.13 15.07
N LYS A 35 -6.50 -8.31 14.90
CA LYS A 35 -7.88 -8.79 14.85
C LYS A 35 -8.43 -8.68 13.43
N GLN A 36 -8.23 -7.53 12.81
CA GLN A 36 -8.72 -7.29 11.45
C GLN A 36 -7.65 -6.62 10.60
N LEU A 37 -7.62 -6.97 9.32
CA LEU A 37 -6.65 -6.40 8.39
C LEU A 37 -7.28 -6.12 7.03
N THR A 38 -7.39 -4.84 6.68
CA THR A 38 -7.98 -4.44 5.42
C THR A 38 -7.15 -3.34 4.75
N TRP A 39 -7.06 -3.39 3.42
CA TRP A 39 -6.31 -2.40 2.67
C TRP A 39 -7.24 -1.52 1.84
N PHE A 40 -7.01 -0.21 1.91
CA PHE A 40 -7.83 0.75 1.17
C PHE A 40 -7.01 1.47 0.11
N TYR A 41 -7.29 1.17 -1.14
CA TYR A 41 -6.58 1.79 -2.26
C TYR A 41 -6.78 3.29 -2.27
N THR A 42 -8.01 3.72 -1.97
CA THR A 42 -8.34 5.14 -1.95
C THR A 42 -9.27 5.47 -0.79
N PHE A 43 -9.72 6.72 -0.73
CA PHE A 43 -10.62 7.16 0.33
C PHE A 43 -11.98 6.46 0.22
N ASP A 44 -12.39 6.17 -1.01
CA ASP A 44 -13.67 5.51 -1.25
C ASP A 44 -13.47 4.24 -2.05
N GLN A 45 -12.28 3.65 -1.95
CA GLN A 45 -11.96 2.42 -2.68
C GLN A 45 -11.20 1.45 -1.77
N LYS A 46 -11.49 0.16 -1.91
CA LYS A 46 -10.84 -0.86 -1.13
C LYS A 46 -10.11 -1.86 -2.03
N ILE A 47 -9.24 -2.67 -1.43
CA ILE A 47 -8.48 -3.66 -2.18
C ILE A 47 -8.79 -5.07 -1.70
N VAL A 48 -8.66 -5.29 -0.40
CA VAL A 48 -8.95 -6.60 0.19
C VAL A 48 -9.20 -6.48 1.69
N GLU A 49 -10.11 -7.32 2.19
CA GLU A 49 -10.45 -7.31 3.61
C GLU A 49 -10.14 -8.66 4.25
N TRP A 50 -9.64 -8.62 5.48
CA TRP A 50 -9.30 -9.85 6.20
C TRP A 50 -9.80 -9.78 7.63
N ASP A 51 -10.65 -10.73 8.01
CA ASP A 51 -11.20 -10.78 9.36
C ASP A 51 -10.70 -12.02 10.10
N SER A 52 -9.39 -12.08 10.32
CA SER A 52 -8.79 -13.22 11.01
C SER A 52 -9.48 -14.52 10.63
N ARG A 53 -10.03 -14.56 9.42
CA ARG A 53 -10.72 -15.74 8.92
C ARG A 53 -10.31 -16.06 7.49
N LYS A 54 -10.69 -15.19 6.57
CA LYS A 54 -10.35 -15.38 5.15
C LYS A 54 -10.28 -14.04 4.43
N SER A 55 -9.56 -14.02 3.30
CA SER A 55 -9.40 -12.80 2.53
C SER A 55 -10.49 -12.69 1.46
N LYS A 56 -11.01 -11.48 1.27
CA LYS A 56 -12.05 -11.23 0.29
C LYS A 56 -11.66 -10.12 -0.67
N TYR A 57 -11.09 -10.51 -1.81
CA TYR A 57 -10.66 -9.55 -2.82
C TYR A 57 -11.86 -8.83 -3.43
N PHE A 58 -12.05 -7.57 -3.05
CA PHE A 58 -13.15 -6.78 -3.57
C PHE A 58 -13.03 -6.59 -5.08
N GLU A 59 -14.17 -6.37 -5.73
CA GLU A 59 -14.20 -6.17 -7.18
C GLU A 59 -13.69 -4.79 -7.55
N SER A 60 -12.38 -4.70 -7.77
CA SER A 60 -11.76 -3.42 -8.13
C SER A 60 -10.28 -3.61 -8.46
N LYS A 61 -9.63 -2.55 -8.90
CA LYS A 61 -8.21 -2.60 -9.25
C LYS A 61 -7.42 -3.32 -8.17
N PHE A 62 -6.15 -3.61 -8.47
CA PHE A 62 -5.29 -4.29 -7.53
C PHE A 62 -5.91 -5.63 -7.09
N LYS A 63 -6.77 -6.18 -7.93
CA LYS A 63 -7.43 -7.44 -7.64
C LYS A 63 -6.97 -8.53 -8.60
N GLY A 64 -6.04 -9.37 -8.14
CA GLY A 64 -5.55 -10.45 -8.97
C GLY A 64 -4.03 -10.47 -9.04
N ARG A 65 -3.43 -9.30 -9.27
CA ARG A 65 -1.98 -9.19 -9.36
C ARG A 65 -1.35 -9.03 -7.98
N VAL A 66 -2.00 -8.23 -7.13
CA VAL A 66 -1.51 -7.99 -5.79
C VAL A 66 -1.37 -9.29 -5.01
N ARG A 67 -0.91 -9.19 -3.76
CA ARG A 67 -0.74 -10.36 -2.92
C ARG A 67 -0.62 -9.96 -1.46
N LEU A 68 -1.66 -10.21 -0.69
CA LEU A 68 -1.67 -9.87 0.73
C LEU A 68 -1.14 -11.03 1.57
N ASP A 69 -0.20 -10.72 2.46
CA ASP A 69 0.41 -11.74 3.32
C ASP A 69 -0.11 -11.60 4.75
N PRO A 70 -0.99 -12.51 5.16
CA PRO A 70 -1.57 -12.51 6.51
C PRO A 70 -0.55 -12.88 7.57
N GLN A 71 0.70 -13.04 7.17
CA GLN A 71 1.77 -13.40 8.09
C GLN A 71 2.54 -12.16 8.54
N SER A 72 2.71 -11.21 7.62
CA SER A 72 3.42 -9.97 7.92
C SER A 72 2.52 -8.76 7.72
N GLY A 73 1.60 -8.86 6.77
CA GLY A 73 0.69 -7.77 6.50
C GLY A 73 1.23 -6.81 5.45
N ALA A 74 2.06 -7.32 4.56
CA ALA A 74 2.64 -6.50 3.50
C ALA A 74 1.96 -6.75 2.17
N LEU A 75 1.70 -5.68 1.43
CA LEU A 75 1.04 -5.79 0.13
C LEU A 75 2.05 -5.68 -1.00
N TYR A 76 2.15 -6.74 -1.80
CA TYR A 76 3.08 -6.76 -2.92
C TYR A 76 2.34 -6.60 -4.25
N ILE A 77 2.48 -5.43 -4.86
CA ILE A 77 1.83 -5.16 -6.14
C ILE A 77 2.80 -5.34 -7.30
N SER A 78 2.37 -6.11 -8.30
CA SER A 78 3.19 -6.37 -9.47
C SER A 78 2.80 -5.46 -10.64
N LYS A 79 3.74 -5.21 -11.53
CA LYS A 79 3.51 -4.35 -12.69
C LYS A 79 2.58 -3.20 -12.32
N VAL A 80 2.93 -2.45 -11.28
CA VAL A 80 2.14 -1.33 -10.83
C VAL A 80 1.86 -0.35 -11.97
N GLN A 81 1.08 0.68 -11.70
CA GLN A 81 0.74 1.68 -12.70
C GLN A 81 0.75 3.08 -12.11
N LYS A 82 1.11 4.06 -12.92
CA LYS A 82 1.16 5.45 -12.47
C LYS A 82 -0.09 5.81 -11.68
N GLU A 83 -1.24 5.36 -12.17
CA GLU A 83 -2.51 5.64 -11.51
C GLU A 83 -2.45 5.24 -10.03
N ASP A 84 -1.88 4.07 -9.77
CA ASP A 84 -1.76 3.57 -8.41
C ASP A 84 -1.53 4.71 -7.43
N ASN A 85 -0.71 5.68 -7.82
CA ASN A 85 -0.40 6.83 -6.98
C ASN A 85 -1.63 7.25 -6.18
N SER A 86 -1.64 6.87 -4.90
CA SER A 86 -2.76 7.21 -4.02
C SER A 86 -2.38 7.03 -2.56
N THR A 87 -3.11 7.69 -1.68
CA THR A 87 -2.85 7.60 -0.24
C THR A 87 -3.38 6.30 0.34
N TYR A 88 -2.58 5.24 0.24
CA TYR A 88 -2.98 3.94 0.76
C TYR A 88 -3.26 4.01 2.25
N ILE A 89 -4.44 3.52 2.65
CA ILE A 89 -4.84 3.53 4.04
C ILE A 89 -5.06 2.12 4.56
N MET A 90 -4.11 1.63 5.36
CA MET A 90 -4.21 0.28 5.92
C MET A 90 -4.88 0.32 7.29
N ARG A 91 -6.11 -0.18 7.36
CA ARG A 91 -6.86 -0.21 8.61
C ARG A 91 -6.73 -1.57 9.30
N VAL A 92 -6.34 -1.55 10.57
CA VAL A 92 -6.17 -2.77 11.34
C VAL A 92 -6.85 -2.66 12.69
N LEU A 93 -7.37 -3.79 13.19
CA LEU A 93 -8.04 -3.82 14.48
C LEU A 93 -7.15 -4.46 15.54
N LYS A 94 -6.79 -3.69 16.55
CA LYS A 94 -5.95 -4.18 17.64
C LYS A 94 -6.75 -5.05 18.60
N LYS A 95 -6.12 -6.11 19.09
CA LYS A 95 -6.77 -7.02 20.02
C LYS A 95 -7.51 -6.25 21.12
N THR A 96 -6.77 -5.42 21.85
CA THR A 96 -7.36 -4.63 22.93
C THR A 96 -8.72 -4.07 22.52
N GLY A 97 -8.87 -3.78 21.23
CA GLY A 97 -10.13 -3.25 20.74
C GLY A 97 -9.99 -1.84 20.19
N ASN A 98 -8.91 -1.62 19.42
CA ASN A 98 -8.66 -0.30 18.83
C ASN A 98 -8.59 -0.40 17.31
N GLU A 99 -8.47 0.75 16.66
CA GLU A 99 -8.39 0.80 15.20
C GLU A 99 -7.33 1.80 14.75
N GLN A 100 -6.26 1.28 14.14
CA GLN A 100 -5.18 2.13 13.66
C GLN A 100 -5.23 2.27 12.14
N GLU A 101 -4.63 3.34 11.63
CA GLU A 101 -4.60 3.59 10.20
C GLU A 101 -3.26 4.15 9.76
N TRP A 102 -2.71 3.61 8.69
CA TRP A 102 -1.42 4.05 8.17
C TRP A 102 -1.56 4.57 6.74
N LYS A 103 -1.21 5.84 6.54
CA LYS A 103 -1.30 6.46 5.22
C LYS A 103 0.03 6.34 4.48
N ILE A 104 -0.02 5.86 3.24
CA ILE A 104 1.18 5.70 2.43
C ILE A 104 0.98 6.27 1.03
N LYS A 105 1.45 7.49 0.81
CA LYS A 105 1.32 8.15 -0.48
C LYS A 105 2.32 7.59 -1.48
N LEU A 106 1.83 6.72 -2.37
CA LEU A 106 2.69 6.11 -3.38
C LEU A 106 3.13 7.15 -4.42
N GLN A 107 4.42 7.12 -4.76
CA GLN A 107 4.97 8.05 -5.74
C GLN A 107 5.61 7.30 -6.90
N VAL A 108 4.86 7.17 -8.00
CA VAL A 108 5.35 6.48 -9.18
C VAL A 108 6.12 7.43 -10.09
N LEU A 109 7.26 6.97 -10.59
CA LEU A 109 8.10 7.77 -11.47
C LEU A 109 8.23 7.12 -12.85
N ASP A 110 8.70 7.88 -13.82
CA ASP A 110 8.88 7.37 -15.17
C ASP A 110 10.32 6.90 -15.39
N PRO A 111 10.48 5.75 -16.07
CA PRO A 111 11.78 5.17 -16.35
C PRO A 111 12.58 5.99 -17.37
N VAL A 112 11.93 6.31 -18.49
CA VAL A 112 12.56 7.10 -19.54
C VAL A 112 11.95 8.49 -19.65
N PRO A 113 12.79 9.52 -19.55
CA PRO A 113 12.35 10.92 -19.64
C PRO A 113 11.89 11.29 -21.04
N LYS A 114 11.67 12.59 -21.26
CA LYS A 114 11.23 13.07 -22.56
C LYS A 114 12.23 14.09 -23.12
N PRO A 115 12.58 13.92 -24.41
CA PRO A 115 13.52 14.81 -25.09
C PRO A 115 12.95 16.19 -25.33
N VAL A 116 13.82 17.18 -25.44
CA VAL A 116 13.39 18.56 -25.67
C VAL A 116 12.92 18.75 -27.11
N ILE A 117 11.60 18.64 -27.31
CA ILE A 117 11.02 18.81 -28.64
C ILE A 117 10.37 20.17 -28.79
N LYS A 118 11.15 21.14 -29.27
CA LYS A 118 10.65 22.50 -29.46
C LYS A 118 11.00 23.01 -30.85
N ILE A 119 10.13 22.73 -31.82
CA ILE A 119 10.35 23.16 -33.19
C ILE A 119 9.09 23.79 -33.77
N GLU A 120 9.22 24.39 -34.96
CA GLU A 120 8.09 25.02 -35.62
C GLU A 120 8.03 24.63 -37.10
N LYS A 121 7.20 23.64 -37.41
CA LYS A 121 7.06 23.18 -38.79
C LYS A 121 5.58 23.08 -39.17
N GLY A 1 15.80 -5.12 12.93
CA GLY A 1 16.70 -5.42 14.02
C GLY A 1 16.12 -5.08 15.38
N SER A 2 14.95 -5.63 15.67
CA SER A 2 14.28 -5.36 16.95
C SER A 2 14.49 -3.91 17.37
N SER A 3 14.41 -3.00 16.42
CA SER A 3 14.60 -1.58 16.69
C SER A 3 13.30 -0.81 16.50
N GLY A 4 12.59 -0.54 17.60
CA GLY A 4 11.34 0.18 17.53
C GLY A 4 10.81 0.55 18.90
N SER A 5 9.69 1.27 18.91
CA SER A 5 9.08 1.71 20.17
C SER A 5 7.57 1.81 20.03
N SER A 6 6.88 1.86 21.16
CA SER A 6 5.43 1.96 21.17
C SER A 6 4.98 3.41 21.10
N GLY A 7 4.16 3.73 20.10
CA GLY A 7 3.68 5.09 19.94
C GLY A 7 2.74 5.23 18.75
N GLN A 8 2.38 6.47 18.43
CA GLN A 8 1.49 6.74 17.31
C GLN A 8 2.19 6.52 15.98
N GLY A 9 1.42 6.28 14.94
CA GLY A 9 1.98 6.05 13.61
C GLY A 9 2.61 7.30 13.04
N HIS A 10 2.70 7.36 11.71
CA HIS A 10 3.29 8.52 11.04
C HIS A 10 3.00 8.47 9.54
N LEU A 11 3.40 9.52 8.83
CA LEU A 11 3.18 9.61 7.40
C LEU A 11 4.36 9.00 6.63
N VAL A 12 4.07 8.01 5.79
CA VAL A 12 5.10 7.35 5.00
C VAL A 12 5.03 7.79 3.54
N HIS A 13 6.19 8.13 2.98
CA HIS A 13 6.26 8.57 1.60
C HIS A 13 7.22 7.68 0.80
N MET A 14 6.65 6.70 0.10
CA MET A 14 7.45 5.78 -0.70
C MET A 14 7.54 6.26 -2.15
N THR A 15 8.36 5.58 -2.95
CA THR A 15 8.53 5.93 -4.35
C THR A 15 9.08 4.75 -5.15
N VAL A 16 8.32 4.33 -6.15
CA VAL A 16 8.72 3.21 -7.00
C VAL A 16 8.55 3.55 -8.47
N VAL A 17 8.88 2.59 -9.33
CA VAL A 17 8.76 2.78 -10.77
C VAL A 17 7.51 2.11 -11.32
N SER A 18 6.98 2.65 -12.40
CA SER A 18 5.78 2.10 -13.02
C SER A 18 6.04 0.73 -13.61
N GLY A 19 5.05 -0.15 -13.52
CA GLY A 19 5.20 -1.50 -14.04
C GLY A 19 6.18 -2.33 -13.25
N SER A 20 6.36 -1.98 -11.97
CA SER A 20 7.27 -2.70 -11.10
C SER A 20 6.56 -3.17 -9.83
N ASN A 21 6.83 -4.41 -9.44
CA ASN A 21 6.22 -4.99 -8.25
C ASN A 21 6.55 -4.16 -7.01
N VAL A 22 5.52 -3.54 -6.43
CA VAL A 22 5.71 -2.72 -5.24
C VAL A 22 5.38 -3.50 -3.98
N THR A 23 5.85 -3.00 -2.84
CA THR A 23 5.60 -3.65 -1.56
C THR A 23 5.20 -2.64 -0.50
N LEU A 24 3.90 -2.59 -0.20
CA LEU A 24 3.38 -1.66 0.81
C LEU A 24 3.49 -2.27 2.20
N ASN A 25 4.35 -1.68 3.03
CA ASN A 25 4.54 -2.15 4.39
C ASN A 25 4.69 -0.98 5.36
N ILE A 26 4.02 -1.08 6.51
CA ILE A 26 4.07 -0.03 7.51
C ILE A 26 5.32 -0.17 8.38
N SER A 27 5.98 0.96 8.64
CA SER A 27 7.19 0.97 9.45
C SER A 27 6.93 0.36 10.83
N GLU A 28 5.87 0.82 11.48
CA GLU A 28 5.51 0.32 12.80
C GLU A 28 5.07 -1.13 12.73
N SER A 29 6.02 -2.04 12.92
CA SER A 29 5.73 -3.47 12.88
C SER A 29 4.37 -3.77 13.49
N LEU A 30 3.59 -4.61 12.82
CA LEU A 30 2.27 -4.98 13.30
C LEU A 30 2.36 -5.71 14.64
N PRO A 31 1.27 -5.66 15.42
CA PRO A 31 1.20 -6.31 16.74
C PRO A 31 1.17 -7.83 16.62
N GLU A 32 1.58 -8.50 17.69
CA GLU A 32 1.60 -9.96 17.72
C GLU A 32 0.42 -10.53 16.93
N ASN A 33 -0.78 -10.14 17.32
CA ASN A 33 -1.99 -10.62 16.67
C ASN A 33 -3.01 -9.49 16.53
N TYR A 34 -3.91 -9.62 15.55
CA TYR A 34 -4.94 -8.61 15.31
C TYR A 34 -6.29 -9.26 15.04
N LYS A 35 -7.30 -8.43 14.82
CA LYS A 35 -8.64 -8.93 14.54
C LYS A 35 -8.90 -9.00 13.04
N GLN A 36 -8.47 -7.97 12.32
CA GLN A 36 -8.65 -7.93 10.87
C GLN A 36 -7.59 -7.04 10.23
N LEU A 37 -7.45 -7.15 8.91
CA LEU A 37 -6.47 -6.37 8.16
C LEU A 37 -7.02 -5.95 6.80
N THR A 38 -7.37 -4.67 6.67
CA THR A 38 -7.91 -4.15 5.43
C THR A 38 -6.92 -3.21 4.76
N TRP A 39 -7.09 -3.01 3.45
CA TRP A 39 -6.22 -2.13 2.69
C TRP A 39 -7.02 -1.18 1.81
N PHE A 40 -6.94 0.12 2.11
CA PHE A 40 -7.66 1.12 1.35
C PHE A 40 -6.77 1.73 0.26
N TYR A 41 -7.35 1.93 -0.91
CA TYR A 41 -6.61 2.50 -2.04
C TYR A 41 -6.70 4.02 -2.03
N THR A 42 -7.85 4.54 -1.64
CA THR A 42 -8.07 5.98 -1.58
C THR A 42 -8.88 6.37 -0.36
N PHE A 43 -9.22 7.65 -0.26
CA PHE A 43 -10.00 8.15 0.86
C PHE A 43 -10.99 7.10 1.35
N ASP A 44 -11.97 6.80 0.52
CA ASP A 44 -12.99 5.80 0.86
C ASP A 44 -12.98 4.64 -0.12
N GLN A 45 -11.78 4.20 -0.49
CA GLN A 45 -11.62 3.09 -1.44
C GLN A 45 -10.95 1.90 -0.77
N LYS A 46 -11.52 0.72 -0.98
CA LYS A 46 -10.98 -0.51 -0.40
C LYS A 46 -10.42 -1.42 -1.49
N ILE A 47 -9.38 -2.18 -1.14
CA ILE A 47 -8.75 -3.09 -2.08
C ILE A 47 -9.01 -4.55 -1.69
N VAL A 48 -8.56 -4.92 -0.50
CA VAL A 48 -8.75 -6.28 -0.01
C VAL A 48 -8.89 -6.31 1.51
N GLU A 49 -9.88 -7.04 1.99
CA GLU A 49 -10.12 -7.15 3.43
C GLU A 49 -9.80 -8.56 3.93
N TRP A 50 -8.80 -8.66 4.78
CA TRP A 50 -8.39 -9.94 5.34
C TRP A 50 -9.30 -10.34 6.50
N ASP A 51 -9.86 -11.55 6.41
CA ASP A 51 -10.75 -12.05 7.45
C ASP A 51 -9.97 -12.75 8.55
N SER A 52 -10.38 -12.56 9.79
CA SER A 52 -9.71 -13.17 10.93
C SER A 52 -9.20 -14.56 10.59
N ARG A 53 -9.94 -15.26 9.73
CA ARG A 53 -9.55 -16.60 9.31
C ARG A 53 -8.86 -16.57 7.95
N LYS A 54 -9.62 -16.30 6.90
CA LYS A 54 -9.07 -16.23 5.55
C LYS A 54 -9.11 -14.81 5.01
N SER A 55 -8.66 -14.64 3.78
CA SER A 55 -8.63 -13.33 3.15
C SER A 55 -9.83 -13.13 2.23
N LYS A 56 -10.20 -11.88 1.99
CA LYS A 56 -11.33 -11.56 1.13
C LYS A 56 -10.98 -10.44 0.16
N TYR A 57 -11.14 -10.71 -1.14
CA TYR A 57 -10.84 -9.72 -2.17
C TYR A 57 -12.12 -9.12 -2.73
N PHE A 58 -12.21 -7.78 -2.66
CA PHE A 58 -13.37 -7.08 -3.17
C PHE A 58 -13.28 -6.87 -4.68
N GLU A 59 -14.44 -6.79 -5.33
CA GLU A 59 -14.49 -6.60 -6.78
C GLU A 59 -13.68 -5.37 -7.19
N SER A 60 -12.47 -5.60 -7.71
CA SER A 60 -11.60 -4.52 -8.14
C SER A 60 -10.50 -5.04 -9.06
N LYS A 61 -10.13 -4.22 -10.04
CA LYS A 61 -9.07 -4.59 -10.98
C LYS A 61 -7.85 -5.11 -10.26
N PHE A 62 -7.73 -4.75 -8.98
CA PHE A 62 -6.58 -5.18 -8.17
C PHE A 62 -6.62 -6.68 -7.94
N LYS A 63 -7.82 -7.23 -7.78
CA LYS A 63 -8.00 -8.65 -7.55
C LYS A 63 -7.43 -9.47 -8.71
N GLY A 64 -6.57 -10.43 -8.40
CA GLY A 64 -5.97 -11.26 -9.42
C GLY A 64 -4.48 -11.04 -9.55
N ARG A 65 -4.04 -9.81 -9.26
CA ARG A 65 -2.63 -9.47 -9.35
C ARG A 65 -2.05 -9.15 -7.97
N VAL A 66 -2.76 -8.30 -7.23
CA VAL A 66 -2.32 -7.91 -5.90
C VAL A 66 -2.32 -9.10 -4.95
N ARG A 67 -1.56 -9.00 -3.87
CA ARG A 67 -1.47 -10.07 -2.88
C ARG A 67 -1.41 -9.49 -1.46
N LEU A 68 -2.01 -10.20 -0.52
CA LEU A 68 -2.02 -9.77 0.87
C LEU A 68 -1.42 -10.84 1.79
N ASP A 69 -0.44 -10.45 2.60
CA ASP A 69 0.21 -11.38 3.51
C ASP A 69 -0.28 -11.15 4.93
N PRO A 70 -1.07 -12.11 5.44
CA PRO A 70 -1.62 -12.05 6.81
C PRO A 70 -0.55 -12.22 7.88
N GLN A 71 0.69 -12.46 7.44
CA GLN A 71 1.80 -12.65 8.36
C GLN A 71 2.47 -11.32 8.69
N SER A 72 2.74 -10.53 7.65
CA SER A 72 3.38 -9.23 7.82
C SER A 72 2.39 -8.10 7.61
N GLY A 73 1.42 -8.33 6.72
CA GLY A 73 0.42 -7.31 6.43
C GLY A 73 0.85 -6.36 5.34
N ALA A 74 1.69 -6.85 4.43
CA ALA A 74 2.18 -6.04 3.32
C ALA A 74 1.40 -6.33 2.04
N LEU A 75 1.08 -5.28 1.29
CA LEU A 75 0.34 -5.42 0.05
C LEU A 75 1.26 -5.24 -1.16
N TYR A 76 1.54 -6.34 -1.84
CA TYR A 76 2.41 -6.30 -3.02
C TYR A 76 1.58 -6.23 -4.30
N ILE A 77 1.82 -5.20 -5.09
CA ILE A 77 1.11 -5.01 -6.35
C ILE A 77 2.03 -5.24 -7.54
N SER A 78 1.57 -6.07 -8.48
CA SER A 78 2.35 -6.37 -9.67
C SER A 78 1.90 -5.52 -10.85
N LYS A 79 2.80 -5.29 -11.80
CA LYS A 79 2.49 -4.50 -12.98
C LYS A 79 1.66 -3.27 -12.61
N VAL A 80 2.08 -2.58 -11.55
CA VAL A 80 1.37 -1.39 -11.10
C VAL A 80 1.14 -0.41 -12.24
N GLN A 81 0.47 0.70 -11.95
CA GLN A 81 0.19 1.72 -12.95
C GLN A 81 0.38 3.11 -12.38
N LYS A 82 0.74 4.05 -13.24
CA LYS A 82 0.95 5.44 -12.82
C LYS A 82 -0.15 5.88 -11.86
N GLU A 83 -1.38 5.46 -12.14
CA GLU A 83 -2.51 5.83 -11.30
C GLU A 83 -2.32 5.31 -9.87
N ASP A 84 -1.75 4.11 -9.76
CA ASP A 84 -1.51 3.51 -8.45
C ASP A 84 -1.09 4.56 -7.43
N ASN A 85 -0.40 5.59 -7.90
CA ASN A 85 0.06 6.66 -7.03
C ASN A 85 -1.11 7.31 -6.30
N SER A 86 -1.29 6.95 -5.04
CA SER A 86 -2.37 7.50 -4.23
C SER A 86 -2.11 7.29 -2.74
N THR A 87 -2.85 8.01 -1.91
CA THR A 87 -2.70 7.90 -0.47
C THR A 87 -3.29 6.60 0.05
N TYR A 88 -2.42 5.61 0.27
CA TYR A 88 -2.85 4.31 0.76
C TYR A 88 -3.11 4.35 2.26
N ILE A 89 -4.13 3.62 2.70
CA ILE A 89 -4.48 3.57 4.11
C ILE A 89 -4.79 2.15 4.56
N MET A 90 -3.95 1.61 5.44
CA MET A 90 -4.14 0.26 5.95
C MET A 90 -4.83 0.28 7.31
N ARG A 91 -6.06 -0.21 7.36
CA ARG A 91 -6.82 -0.26 8.60
C ARG A 91 -6.54 -1.53 9.36
N VAL A 92 -6.33 -1.40 10.67
CA VAL A 92 -6.05 -2.55 11.53
C VAL A 92 -6.88 -2.51 12.79
N LEU A 93 -7.50 -3.63 13.12
CA LEU A 93 -8.34 -3.73 14.32
C LEU A 93 -7.64 -4.55 15.40
N LYS A 94 -6.91 -3.86 16.27
CA LYS A 94 -6.19 -4.53 17.36
C LYS A 94 -7.17 -5.19 18.34
N LYS A 95 -6.77 -6.31 18.92
CA LYS A 95 -7.60 -7.03 19.87
C LYS A 95 -8.07 -6.10 20.99
N THR A 96 -7.42 -4.94 21.11
CA THR A 96 -7.77 -3.97 22.14
C THR A 96 -8.88 -3.04 21.67
N GLY A 97 -9.00 -2.89 20.35
CA GLY A 97 -10.02 -2.03 19.79
C GLY A 97 -9.50 -0.64 19.47
N ASN A 98 -8.35 -0.59 18.80
CA ASN A 98 -7.74 0.68 18.42
C ASN A 98 -8.24 1.14 17.05
N GLU A 99 -8.51 0.18 16.17
CA GLU A 99 -8.99 0.48 14.84
C GLU A 99 -8.22 1.65 14.23
N GLN A 100 -6.90 1.55 14.25
CA GLN A 100 -6.05 2.61 13.71
C GLN A 100 -5.55 2.24 12.31
N GLU A 101 -5.22 3.26 11.52
CA GLU A 101 -4.73 3.04 10.17
C GLU A 101 -3.51 3.91 9.88
N TRP A 102 -2.76 3.55 8.85
CA TRP A 102 -1.55 4.29 8.47
C TRP A 102 -1.77 5.05 7.17
N LYS A 103 -0.74 5.77 6.72
CA LYS A 103 -0.82 6.54 5.49
C LYS A 103 0.46 6.38 4.68
N ILE A 104 0.31 5.99 3.41
CA ILE A 104 1.45 5.80 2.53
C ILE A 104 1.20 6.45 1.16
N LYS A 105 1.82 7.60 0.94
CA LYS A 105 1.67 8.32 -0.32
C LYS A 105 2.55 7.70 -1.41
N LEU A 106 1.99 6.77 -2.16
CA LEU A 106 2.72 6.10 -3.23
C LEU A 106 3.09 7.09 -4.33
N GLN A 107 4.33 6.98 -4.81
CA GLN A 107 4.81 7.86 -5.87
C GLN A 107 5.46 7.07 -6.99
N VAL A 108 4.72 6.86 -8.07
CA VAL A 108 5.22 6.12 -9.22
C VAL A 108 6.00 7.02 -10.17
N LEU A 109 7.05 6.48 -10.77
CA LEU A 109 7.88 7.24 -11.70
C LEU A 109 7.90 6.58 -13.07
N ASP A 110 8.42 7.29 -14.06
CA ASP A 110 8.51 6.77 -15.42
C ASP A 110 9.93 6.35 -15.75
N PRO A 111 10.11 5.05 -16.03
CA PRO A 111 11.42 4.48 -16.36
C PRO A 111 11.92 4.94 -17.73
N VAL A 112 11.07 4.80 -18.74
CA VAL A 112 11.43 5.20 -20.09
C VAL A 112 10.27 5.94 -20.77
N PRO A 113 10.60 7.03 -21.48
CA PRO A 113 9.60 7.84 -22.19
C PRO A 113 9.03 7.11 -23.39
N LYS A 114 8.23 7.83 -24.19
CA LYS A 114 7.61 7.26 -25.38
C LYS A 114 8.32 7.74 -26.64
N PRO A 115 8.75 6.78 -27.48
CA PRO A 115 9.44 7.09 -28.74
C PRO A 115 8.51 7.72 -29.77
N VAL A 116 9.09 8.47 -30.70
CA VAL A 116 8.31 9.13 -31.74
C VAL A 116 8.19 8.25 -32.98
N ILE A 117 7.29 7.27 -32.91
CA ILE A 117 7.08 6.35 -34.02
C ILE A 117 5.66 6.43 -34.54
N LYS A 118 5.50 6.45 -35.86
CA LYS A 118 4.18 6.52 -36.48
C LYS A 118 3.94 5.32 -37.39
N ILE A 119 3.47 4.23 -36.79
CA ILE A 119 3.19 3.01 -37.55
C ILE A 119 1.70 2.67 -37.51
N GLU A 120 1.33 1.63 -38.25
CA GLU A 120 -0.07 1.21 -38.30
C GLU A 120 -0.18 -0.28 -37.98
N LYS A 121 -0.18 -0.61 -36.69
CA LYS A 121 -0.29 -2.00 -36.26
C LYS A 121 -1.61 -2.23 -35.54
N GLY A 1 22.88 4.01 14.27
CA GLY A 1 22.02 5.17 14.12
C GLY A 1 20.62 4.79 13.70
N SER A 2 19.67 4.97 14.62
CA SER A 2 18.27 4.65 14.36
C SER A 2 17.34 5.51 15.19
N SER A 3 16.53 6.32 14.52
CA SER A 3 15.59 7.21 15.21
C SER A 3 14.15 6.89 14.80
N GLY A 4 13.22 7.19 15.70
CA GLY A 4 11.81 6.94 15.42
C GLY A 4 10.90 7.65 16.38
N SER A 5 11.04 8.97 16.48
CA SER A 5 10.21 9.77 17.38
C SER A 5 8.79 9.90 16.84
N SER A 6 7.93 8.97 17.20
CA SER A 6 6.55 8.98 16.76
C SER A 6 5.60 9.31 17.91
N GLY A 7 4.42 9.82 17.57
CA GLY A 7 3.45 10.17 18.58
C GLY A 7 2.07 9.63 18.28
N GLN A 8 1.28 10.38 17.53
CA GLN A 8 -0.07 9.95 17.18
C GLN A 8 -0.07 9.19 15.86
N GLY A 9 0.43 9.82 14.81
CA GLY A 9 0.49 9.19 13.51
C GLY A 9 1.75 9.53 12.74
N HIS A 10 2.00 8.80 11.66
CA HIS A 10 3.18 9.04 10.84
C HIS A 10 2.83 8.96 9.35
N LEU A 11 3.51 9.78 8.55
CA LEU A 11 3.26 9.81 7.11
C LEU A 11 4.44 9.21 6.35
N VAL A 12 4.16 8.19 5.54
CA VAL A 12 5.20 7.53 4.75
C VAL A 12 5.12 7.92 3.29
N HIS A 13 6.26 8.29 2.71
CA HIS A 13 6.32 8.69 1.31
C HIS A 13 7.28 7.80 0.53
N MET A 14 6.73 6.78 -0.13
CA MET A 14 7.53 5.86 -0.91
C MET A 14 7.60 6.30 -2.37
N THR A 15 8.38 5.58 -3.17
CA THR A 15 8.53 5.89 -4.59
C THR A 15 9.15 4.74 -5.35
N VAL A 16 8.49 4.31 -6.43
CA VAL A 16 8.99 3.21 -7.24
C VAL A 16 8.69 3.44 -8.71
N VAL A 17 9.16 2.53 -9.56
CA VAL A 17 8.96 2.64 -11.00
C VAL A 17 7.62 2.02 -11.40
N SER A 18 7.03 2.54 -12.47
CA SER A 18 5.76 2.04 -12.97
C SER A 18 5.90 0.63 -13.54
N GLY A 19 4.83 -0.15 -13.46
CA GLY A 19 4.87 -1.51 -13.97
C GLY A 19 5.88 -2.38 -13.25
N SER A 20 6.09 -2.10 -11.96
CA SER A 20 7.05 -2.86 -11.17
C SER A 20 6.39 -3.39 -9.90
N ASN A 21 7.01 -4.40 -9.28
CA ASN A 21 6.48 -4.99 -8.07
C ASN A 21 6.78 -4.11 -6.86
N VAL A 22 5.72 -3.62 -6.22
CA VAL A 22 5.86 -2.76 -5.05
C VAL A 22 5.55 -3.52 -3.77
N THR A 23 5.80 -2.89 -2.63
CA THR A 23 5.55 -3.51 -1.34
C THR A 23 5.12 -2.47 -0.30
N LEU A 24 3.84 -2.48 0.06
CA LEU A 24 3.32 -1.55 1.04
C LEU A 24 3.32 -2.15 2.44
N ASN A 25 4.45 -2.01 3.13
CA ASN A 25 4.59 -2.55 4.49
C ASN A 25 4.65 -1.42 5.51
N ILE A 26 3.83 -1.55 6.57
CA ILE A 26 3.81 -0.54 7.62
C ILE A 26 5.02 -0.65 8.53
N SER A 27 5.79 0.42 8.63
CA SER A 27 6.97 0.45 9.48
C SER A 27 6.67 -0.13 10.86
N GLU A 28 5.50 0.17 11.38
CA GLU A 28 5.09 -0.30 12.69
C GLU A 28 4.64 -1.76 12.62
N SER A 29 5.58 -2.67 12.87
CA SER A 29 5.28 -4.10 12.83
C SER A 29 3.91 -4.40 13.43
N LEU A 30 3.18 -5.31 12.81
CA LEU A 30 1.85 -5.68 13.28
C LEU A 30 1.90 -6.14 14.73
N PRO A 31 0.77 -6.00 15.44
CA PRO A 31 0.65 -6.40 16.84
C PRO A 31 0.68 -7.91 17.01
N GLU A 32 0.97 -8.36 18.23
CA GLU A 32 1.04 -9.79 18.54
C GLU A 32 0.01 -10.56 17.70
N ASN A 33 -1.18 -9.97 17.54
CA ASN A 33 -2.23 -10.61 16.78
C ASN A 33 -3.43 -9.66 16.61
N TYR A 34 -3.84 -9.47 15.37
CA TYR A 34 -4.98 -8.58 15.07
C TYR A 34 -6.23 -9.39 14.75
N LYS A 35 -7.32 -8.69 14.50
CA LYS A 35 -8.59 -9.33 14.18
C LYS A 35 -8.86 -9.30 12.67
N GLN A 36 -8.65 -8.13 12.07
CA GLN A 36 -8.86 -7.97 10.64
C GLN A 36 -7.85 -7.00 10.04
N LEU A 37 -7.57 -7.18 8.75
CA LEU A 37 -6.61 -6.32 8.06
C LEU A 37 -7.15 -5.88 6.71
N THR A 38 -7.66 -4.65 6.65
CA THR A 38 -8.21 -4.11 5.42
C THR A 38 -7.30 -3.05 4.82
N TRP A 39 -7.28 -2.96 3.49
CA TRP A 39 -6.44 -2.00 2.80
C TRP A 39 -7.29 -1.01 2.01
N PHE A 40 -6.88 0.25 2.01
CA PHE A 40 -7.61 1.29 1.30
C PHE A 40 -6.75 1.88 0.18
N TYR A 41 -7.34 1.98 -1.02
CA TYR A 41 -6.63 2.51 -2.17
C TYR A 41 -6.72 4.03 -2.20
N THR A 42 -7.84 4.56 -1.74
CA THR A 42 -8.05 6.00 -1.71
C THR A 42 -8.88 6.42 -0.50
N PHE A 43 -9.22 7.70 -0.43
CA PHE A 43 -10.02 8.23 0.67
C PHE A 43 -11.15 7.26 1.03
N ASP A 44 -11.99 6.97 0.06
CA ASP A 44 -13.11 6.06 0.27
C ASP A 44 -13.05 4.87 -0.70
N GLN A 45 -11.87 4.27 -0.80
CA GLN A 45 -11.68 3.13 -1.69
C GLN A 45 -10.99 1.98 -0.95
N LYS A 46 -11.38 0.75 -1.29
CA LYS A 46 -10.80 -0.43 -0.66
C LYS A 46 -10.18 -1.34 -1.70
N ILE A 47 -9.12 -2.05 -1.31
CA ILE A 47 -8.44 -2.96 -2.22
C ILE A 47 -8.72 -4.41 -1.85
N VAL A 48 -8.43 -4.77 -0.61
CA VAL A 48 -8.67 -6.13 -0.13
C VAL A 48 -8.82 -6.16 1.39
N GLU A 49 -9.81 -6.91 1.86
CA GLU A 49 -10.08 -7.03 3.29
C GLU A 49 -9.78 -8.44 3.78
N TRP A 50 -8.87 -8.54 4.74
CA TRP A 50 -8.49 -9.84 5.30
C TRP A 50 -9.37 -10.18 6.50
N ASP A 51 -9.82 -11.43 6.57
CA ASP A 51 -10.66 -11.89 7.66
C ASP A 51 -9.84 -12.61 8.72
N SER A 52 -10.28 -12.54 9.96
CA SER A 52 -9.58 -13.20 11.07
C SER A 52 -9.15 -14.61 10.67
N ARG A 53 -9.83 -15.17 9.67
CA ARG A 53 -9.51 -16.52 9.21
C ARG A 53 -8.79 -16.48 7.86
N LYS A 54 -9.55 -16.22 6.80
CA LYS A 54 -8.97 -16.15 5.46
C LYS A 54 -9.08 -14.74 4.90
N SER A 55 -8.42 -14.50 3.77
CA SER A 55 -8.44 -13.20 3.13
C SER A 55 -9.63 -13.07 2.18
N LYS A 56 -10.02 -11.83 1.89
CA LYS A 56 -11.15 -11.57 1.01
C LYS A 56 -10.81 -10.46 0.02
N TYR A 57 -11.00 -10.73 -1.26
CA TYR A 57 -10.71 -9.76 -2.31
C TYR A 57 -12.00 -9.11 -2.81
N PHE A 58 -11.96 -7.80 -2.99
CA PHE A 58 -13.12 -7.05 -3.48
C PHE A 58 -13.08 -6.89 -4.99
N GLU A 59 -14.26 -6.79 -5.60
CA GLU A 59 -14.35 -6.63 -7.04
C GLU A 59 -13.52 -5.45 -7.52
N SER A 60 -12.33 -5.74 -8.03
CA SER A 60 -11.43 -4.69 -8.53
C SER A 60 -10.28 -5.30 -9.32
N LYS A 61 -9.81 -4.56 -10.32
CA LYS A 61 -8.70 -5.02 -11.16
C LYS A 61 -7.55 -5.54 -10.30
N PHE A 62 -7.20 -4.79 -9.26
CA PHE A 62 -6.12 -5.17 -8.37
C PHE A 62 -6.17 -6.66 -8.06
N LYS A 63 -7.38 -7.22 -8.01
CA LYS A 63 -7.57 -8.63 -7.73
C LYS A 63 -7.02 -9.49 -8.86
N GLY A 64 -6.15 -10.43 -8.52
CA GLY A 64 -5.56 -11.31 -9.50
C GLY A 64 -4.05 -11.25 -9.50
N ARG A 65 -3.50 -10.06 -9.29
CA ARG A 65 -2.06 -9.88 -9.26
C ARG A 65 -1.57 -9.54 -7.85
N VAL A 66 -2.21 -8.54 -7.24
CA VAL A 66 -1.85 -8.12 -5.89
C VAL A 66 -1.83 -9.31 -4.93
N ARG A 67 -1.23 -9.11 -3.76
CA ARG A 67 -1.13 -10.16 -2.76
C ARG A 67 -0.96 -9.57 -1.36
N LEU A 68 -1.73 -10.07 -0.42
CA LEU A 68 -1.66 -9.59 0.96
C LEU A 68 -1.06 -10.65 1.88
N ASP A 69 -0.07 -10.25 2.65
CA ASP A 69 0.59 -11.16 3.58
C ASP A 69 0.13 -10.92 5.02
N PRO A 70 -0.63 -11.87 5.56
CA PRO A 70 -1.16 -11.79 6.92
C PRO A 70 -0.07 -11.93 7.98
N GLN A 71 1.18 -12.07 7.52
CA GLN A 71 2.31 -12.20 8.43
C GLN A 71 2.92 -10.85 8.74
N SER A 72 3.18 -10.06 7.71
CA SER A 72 3.78 -8.74 7.87
C SER A 72 2.75 -7.65 7.59
N GLY A 73 1.70 -8.00 6.85
CA GLY A 73 0.67 -7.04 6.53
C GLY A 73 1.08 -6.11 5.39
N ALA A 74 1.82 -6.64 4.44
CA ALA A 74 2.28 -5.85 3.30
C ALA A 74 1.62 -6.31 2.01
N LEU A 75 1.14 -5.34 1.22
CA LEU A 75 0.48 -5.64 -0.04
C LEU A 75 1.44 -5.48 -1.22
N TYR A 76 1.69 -6.57 -1.92
CA TYR A 76 2.59 -6.55 -3.07
C TYR A 76 1.82 -6.41 -4.37
N ILE A 77 2.02 -5.28 -5.06
CA ILE A 77 1.33 -5.03 -6.32
C ILE A 77 2.29 -5.17 -7.50
N SER A 78 1.91 -6.03 -8.46
CA SER A 78 2.74 -6.26 -9.64
C SER A 78 2.37 -5.30 -10.76
N LYS A 79 3.29 -5.08 -11.68
CA LYS A 79 3.06 -4.19 -12.80
C LYS A 79 2.18 -3.01 -12.39
N VAL A 80 2.53 -2.38 -11.28
CA VAL A 80 1.76 -1.24 -10.78
C VAL A 80 1.49 -0.24 -11.88
N GLN A 81 0.48 0.60 -11.68
CA GLN A 81 0.10 1.62 -12.66
C GLN A 81 0.28 3.02 -12.10
N LYS A 82 0.79 3.92 -12.92
CA LYS A 82 1.01 5.30 -12.51
C LYS A 82 -0.17 5.83 -11.70
N GLU A 83 -1.38 5.44 -12.12
CA GLU A 83 -2.60 5.87 -11.43
C GLU A 83 -2.53 5.54 -9.95
N ASP A 84 -1.99 4.36 -9.64
CA ASP A 84 -1.87 3.92 -8.25
C ASP A 84 -1.51 5.08 -7.34
N ASN A 85 -0.70 6.00 -7.85
CA ASN A 85 -0.27 7.17 -7.08
C ASN A 85 -1.42 7.69 -6.22
N SER A 86 -1.43 7.31 -4.95
CA SER A 86 -2.46 7.75 -4.02
C SER A 86 -2.03 7.52 -2.58
N THR A 87 -2.88 7.93 -1.64
CA THR A 87 -2.59 7.78 -0.23
C THR A 87 -3.18 6.49 0.32
N TYR A 88 -2.34 5.45 0.39
CA TYR A 88 -2.78 4.15 0.88
C TYR A 88 -3.02 4.20 2.40
N ILE A 89 -4.15 3.64 2.83
CA ILE A 89 -4.50 3.61 4.24
C ILE A 89 -4.85 2.20 4.70
N MET A 90 -4.07 1.68 5.64
CA MET A 90 -4.30 0.34 6.16
C MET A 90 -5.04 0.39 7.49
N ARG A 91 -6.19 -0.29 7.56
CA ARG A 91 -7.00 -0.31 8.77
C ARG A 91 -6.86 -1.64 9.49
N VAL A 92 -6.35 -1.60 10.72
CA VAL A 92 -6.16 -2.80 11.52
C VAL A 92 -7.04 -2.79 12.77
N LEU A 93 -7.65 -3.92 13.08
CA LEU A 93 -8.52 -4.03 14.24
C LEU A 93 -7.81 -4.79 15.37
N LYS A 94 -7.05 -4.06 16.18
CA LYS A 94 -6.34 -4.66 17.30
C LYS A 94 -7.26 -5.51 18.15
N LYS A 95 -6.90 -6.78 18.32
CA LYS A 95 -7.70 -7.70 19.11
C LYS A 95 -8.15 -7.05 20.41
N THR A 96 -7.35 -6.12 20.92
CA THR A 96 -7.67 -5.43 22.16
C THR A 96 -9.04 -4.76 22.07
N GLY A 97 -9.34 -4.18 20.92
CA GLY A 97 -10.61 -3.52 20.72
C GLY A 97 -10.46 -2.09 20.27
N ASN A 98 -9.41 -1.82 19.49
CA ASN A 98 -9.15 -0.48 19.00
C ASN A 98 -9.20 -0.45 17.46
N GLU A 99 -8.92 0.72 16.89
CA GLU A 99 -8.94 0.89 15.45
C GLU A 99 -7.92 1.93 15.01
N GLN A 100 -6.83 1.47 14.40
CA GLN A 100 -5.78 2.36 13.93
C GLN A 100 -5.67 2.34 12.41
N GLU A 101 -5.15 3.42 11.84
CA GLU A 101 -5.00 3.52 10.39
C GLU A 101 -3.63 4.06 10.02
N TRP A 102 -3.09 3.59 8.90
CA TRP A 102 -1.78 4.02 8.44
C TRP A 102 -1.90 4.96 7.24
N LYS A 103 -0.76 5.37 6.69
CA LYS A 103 -0.75 6.26 5.54
C LYS A 103 0.52 6.08 4.72
N ILE A 104 0.35 5.87 3.41
CA ILE A 104 1.49 5.67 2.52
C ILE A 104 1.23 6.32 1.17
N LYS A 105 1.93 7.42 0.89
CA LYS A 105 1.78 8.12 -0.38
C LYS A 105 2.65 7.48 -1.46
N LEU A 106 2.06 6.56 -2.22
CA LEU A 106 2.79 5.87 -3.28
C LEU A 106 3.12 6.84 -4.42
N GLN A 107 4.36 6.80 -4.88
CA GLN A 107 4.81 7.67 -5.97
C GLN A 107 5.42 6.85 -7.10
N VAL A 108 4.67 6.68 -8.17
CA VAL A 108 5.14 5.92 -9.33
C VAL A 108 5.82 6.84 -10.35
N LEU A 109 6.88 6.34 -10.96
CA LEU A 109 7.62 7.11 -11.96
C LEU A 109 7.64 6.38 -13.31
N ASP A 110 7.93 7.12 -14.37
CA ASP A 110 8.00 6.54 -15.71
C ASP A 110 9.35 5.88 -15.95
N PRO A 111 9.31 4.63 -16.42
CA PRO A 111 10.53 3.86 -16.70
C PRO A 111 11.29 4.39 -17.91
N VAL A 112 10.57 4.58 -19.01
CA VAL A 112 11.17 5.09 -20.24
C VAL A 112 10.77 6.54 -20.49
N PRO A 113 11.76 7.39 -20.79
CA PRO A 113 11.53 8.81 -21.06
C PRO A 113 10.81 9.04 -22.37
N LYS A 114 10.71 10.30 -22.79
CA LYS A 114 10.04 10.66 -24.03
C LYS A 114 10.87 10.22 -25.24
N PRO A 115 10.18 9.78 -26.30
CA PRO A 115 10.82 9.32 -27.53
C PRO A 115 11.46 10.47 -28.30
N VAL A 116 11.99 10.16 -29.48
CA VAL A 116 12.63 11.17 -30.32
C VAL A 116 12.02 11.19 -31.72
N ILE A 117 10.92 11.93 -31.87
CA ILE A 117 10.24 12.04 -33.14
C ILE A 117 10.59 13.35 -33.85
N LYS A 118 11.57 13.29 -34.73
CA LYS A 118 12.00 14.46 -35.48
C LYS A 118 12.82 14.06 -36.71
N ILE A 119 12.28 14.36 -37.89
CA ILE A 119 12.97 14.02 -39.13
C ILE A 119 14.44 14.38 -39.06
N GLU A 120 15.28 13.49 -39.61
CA GLU A 120 16.73 13.71 -39.60
C GLU A 120 17.45 12.63 -40.40
N LYS A 121 18.59 12.98 -40.96
CA LYS A 121 19.38 12.04 -41.75
C LYS A 121 19.36 10.65 -41.11
N GLY A 1 10.61 8.45 31.55
CA GLY A 1 9.68 7.34 31.35
C GLY A 1 8.42 7.76 30.63
N SER A 2 7.52 6.81 30.42
CA SER A 2 6.27 7.08 29.72
C SER A 2 5.07 6.78 30.63
N SER A 3 4.02 7.58 30.48
CA SER A 3 2.81 7.40 31.29
C SER A 3 1.73 6.67 30.50
N GLY A 4 1.48 7.13 29.28
CA GLY A 4 0.47 6.51 28.44
C GLY A 4 0.91 6.39 26.99
N SER A 5 0.97 5.16 26.49
CA SER A 5 1.38 4.92 25.12
C SER A 5 0.33 5.44 24.14
N SER A 6 0.75 5.68 22.90
CA SER A 6 -0.15 6.18 21.88
C SER A 6 0.53 6.18 20.51
N GLY A 7 0.12 5.25 19.65
CA GLY A 7 0.70 5.14 18.32
C GLY A 7 0.79 6.49 17.63
N GLN A 8 2.01 6.99 17.47
CA GLN A 8 2.23 8.27 16.82
C GLN A 8 1.50 8.34 15.48
N GLY A 9 1.52 7.23 14.75
CA GLY A 9 0.85 7.18 13.45
C GLY A 9 1.39 8.22 12.48
N HIS A 10 2.59 7.98 11.97
CA HIS A 10 3.22 8.90 11.03
C HIS A 10 2.81 8.58 9.59
N LEU A 11 3.28 9.38 8.65
CA LEU A 11 2.96 9.18 7.24
C LEU A 11 4.17 8.62 6.49
N VAL A 12 3.91 7.61 5.66
CA VAL A 12 4.98 6.98 4.88
C VAL A 12 4.95 7.47 3.44
N HIS A 13 6.13 7.76 2.90
CA HIS A 13 6.24 8.24 1.51
C HIS A 13 7.18 7.35 0.72
N MET A 14 6.60 6.45 -0.08
CA MET A 14 7.40 5.54 -0.90
C MET A 14 7.46 6.03 -2.35
N THR A 15 8.44 5.53 -3.09
CA THR A 15 8.61 5.92 -4.49
C THR A 15 9.27 4.80 -5.29
N VAL A 16 8.68 4.49 -6.44
CA VAL A 16 9.21 3.44 -7.31
C VAL A 16 8.88 3.71 -8.77
N VAL A 17 9.24 2.78 -9.64
CA VAL A 17 9.00 2.93 -11.07
C VAL A 17 7.72 2.20 -11.47
N SER A 18 6.99 2.79 -12.41
CA SER A 18 5.74 2.20 -12.89
C SER A 18 6.00 0.86 -13.57
N GLY A 19 5.06 -0.07 -13.41
CA GLY A 19 5.20 -1.38 -14.01
C GLY A 19 6.27 -2.22 -13.33
N SER A 20 6.44 -2.00 -12.03
CA SER A 20 7.44 -2.74 -11.27
C SER A 20 6.85 -3.24 -9.95
N ASN A 21 7.22 -4.44 -9.56
CA ASN A 21 6.74 -5.03 -8.31
C ASN A 21 6.93 -4.08 -7.14
N VAL A 22 5.85 -3.46 -6.70
CA VAL A 22 5.90 -2.52 -5.59
C VAL A 22 5.72 -3.24 -4.25
N THR A 23 5.63 -2.47 -3.17
CA THR A 23 5.47 -3.03 -1.84
C THR A 23 4.90 -2.00 -0.87
N LEU A 24 3.64 -2.17 -0.49
CA LEU A 24 2.98 -1.26 0.43
C LEU A 24 3.00 -1.80 1.86
N ASN A 25 3.96 -1.34 2.65
CA ASN A 25 4.09 -1.77 4.03
C ASN A 25 4.14 -0.59 4.98
N ILE A 26 3.85 -0.83 6.25
CA ILE A 26 3.87 0.23 7.26
C ILE A 26 5.10 0.09 8.16
N SER A 27 5.92 1.15 8.18
CA SER A 27 7.13 1.15 9.00
C SER A 27 6.88 0.48 10.35
N GLU A 28 5.76 0.83 10.98
CA GLU A 28 5.41 0.26 12.28
C GLU A 28 4.87 -1.16 12.13
N SER A 29 5.78 -2.12 12.06
CA SER A 29 5.40 -3.52 11.91
C SER A 29 4.18 -3.85 12.75
N LEU A 30 3.33 -4.73 12.24
CA LEU A 30 2.13 -5.14 12.95
C LEU A 30 2.45 -5.54 14.38
N PRO A 31 1.47 -5.34 15.29
CA PRO A 31 1.63 -5.68 16.71
C PRO A 31 1.69 -7.19 16.94
N GLU A 32 1.90 -7.58 18.19
CA GLU A 32 1.96 -8.99 18.55
C GLU A 32 0.94 -9.80 17.76
N ASN A 33 -0.26 -9.28 17.64
CA ASN A 33 -1.33 -9.95 16.92
C ASN A 33 -2.42 -8.97 16.51
N TYR A 34 -2.95 -9.13 15.30
CA TYR A 34 -3.98 -8.26 14.79
C TYR A 34 -5.30 -9.01 14.65
N LYS A 35 -6.41 -8.30 14.87
CA LYS A 35 -7.74 -8.90 14.77
C LYS A 35 -8.22 -8.92 13.32
N GLN A 36 -8.11 -7.77 12.65
CA GLN A 36 -8.53 -7.66 11.26
C GLN A 36 -7.58 -6.77 10.47
N LEU A 37 -7.29 -7.17 9.23
CA LEU A 37 -6.39 -6.41 8.38
C LEU A 37 -7.08 -6.03 7.07
N THR A 38 -7.39 -4.74 6.92
CA THR A 38 -8.04 -4.24 5.72
C THR A 38 -7.21 -3.16 5.05
N TRP A 39 -7.24 -3.15 3.71
CA TRP A 39 -6.49 -2.15 2.95
C TRP A 39 -7.43 -1.24 2.17
N PHE A 40 -7.02 0.01 2.00
CA PHE A 40 -7.83 0.98 1.27
C PHE A 40 -7.00 1.70 0.21
N TYR A 41 -7.35 1.48 -1.06
CA TYR A 41 -6.63 2.09 -2.17
C TYR A 41 -6.80 3.61 -2.15
N THR A 42 -8.02 4.06 -1.88
CA THR A 42 -8.32 5.48 -1.83
C THR A 42 -9.14 5.83 -0.60
N PHE A 43 -9.59 7.08 -0.52
CA PHE A 43 -10.39 7.54 0.60
C PHE A 43 -11.71 6.78 0.68
N ASP A 44 -12.34 6.56 -0.48
CA ASP A 44 -13.60 5.84 -0.54
C ASP A 44 -13.47 4.57 -1.38
N GLN A 45 -12.29 3.95 -1.32
CA GLN A 45 -12.03 2.74 -2.07
C GLN A 45 -11.36 1.68 -1.20
N LYS A 46 -11.57 0.42 -1.53
CA LYS A 46 -10.99 -0.69 -0.78
C LYS A 46 -10.25 -1.65 -1.71
N ILE A 47 -9.30 -2.40 -1.15
CA ILE A 47 -8.54 -3.36 -1.93
C ILE A 47 -8.83 -4.78 -1.48
N VAL A 48 -8.54 -5.07 -0.22
CA VAL A 48 -8.77 -6.39 0.35
C VAL A 48 -9.14 -6.31 1.82
N GLU A 49 -10.08 -7.15 2.24
CA GLU A 49 -10.53 -7.17 3.63
C GLU A 49 -10.15 -8.49 4.29
N TRP A 50 -9.10 -8.46 5.11
CA TRP A 50 -8.63 -9.66 5.80
C TRP A 50 -9.00 -9.59 7.28
N ASP A 51 -9.27 -10.76 7.87
CA ASP A 51 -9.63 -10.84 9.28
C ASP A 51 -8.61 -11.67 10.05
N SER A 52 -8.60 -12.97 9.80
CA SER A 52 -7.68 -13.87 10.48
C SER A 52 -7.03 -14.84 9.50
N ARG A 53 -7.87 -15.50 8.70
CA ARG A 53 -7.38 -16.46 7.70
C ARG A 53 -8.04 -16.21 6.35
N LYS A 54 -9.34 -15.94 6.37
CA LYS A 54 -10.08 -15.68 5.14
C LYS A 54 -9.75 -14.32 4.57
N SER A 55 -9.52 -14.25 3.27
CA SER A 55 -9.19 -12.99 2.60
C SER A 55 -10.26 -12.64 1.58
N LYS A 56 -10.77 -11.40 1.67
CA LYS A 56 -11.79 -10.93 0.76
C LYS A 56 -11.20 -10.03 -0.31
N TYR A 57 -10.79 -10.62 -1.42
CA TYR A 57 -10.19 -9.87 -2.53
C TYR A 57 -11.26 -9.13 -3.32
N PHE A 58 -11.54 -7.90 -2.92
CA PHE A 58 -12.54 -7.09 -3.60
C PHE A 58 -12.39 -7.18 -5.12
N GLU A 59 -13.27 -7.94 -5.75
CA GLU A 59 -13.22 -8.11 -7.20
C GLU A 59 -12.74 -6.84 -7.88
N SER A 60 -11.51 -6.88 -8.40
CA SER A 60 -10.93 -5.74 -9.08
C SER A 60 -9.63 -6.12 -9.78
N LYS A 61 -9.20 -5.29 -10.73
CA LYS A 61 -7.98 -5.54 -11.48
C LYS A 61 -6.88 -6.06 -10.56
N PHE A 62 -6.73 -5.43 -9.40
CA PHE A 62 -5.72 -5.82 -8.43
C PHE A 62 -5.76 -7.33 -8.19
N LYS A 63 -6.97 -7.87 -8.10
CA LYS A 63 -7.15 -9.30 -7.87
C LYS A 63 -6.49 -10.12 -8.97
N GLY A 64 -5.56 -11.00 -8.57
CA GLY A 64 -4.87 -11.82 -9.54
C GLY A 64 -3.36 -11.65 -9.49
N ARG A 65 -2.92 -10.40 -9.33
CA ARG A 65 -1.50 -10.10 -9.26
C ARG A 65 -1.07 -9.80 -7.82
N VAL A 66 -1.78 -8.86 -7.19
CA VAL A 66 -1.47 -8.48 -5.81
C VAL A 66 -1.35 -9.70 -4.91
N ARG A 67 -0.86 -9.49 -3.70
CA ARG A 67 -0.70 -10.58 -2.74
C ARG A 67 -0.61 -10.04 -1.32
N LEU A 68 -1.66 -10.26 -0.53
CA LEU A 68 -1.71 -9.80 0.84
C LEU A 68 -0.99 -10.78 1.77
N ASP A 69 0.00 -10.29 2.51
CA ASP A 69 0.75 -11.13 3.43
C ASP A 69 0.21 -10.99 4.85
N PRO A 70 -0.51 -12.01 5.33
CA PRO A 70 -1.09 -12.02 6.67
C PRO A 70 -0.02 -12.14 7.75
N GLN A 71 1.24 -12.23 7.34
CA GLN A 71 2.34 -12.35 8.29
C GLN A 71 2.87 -10.97 8.69
N SER A 72 3.04 -10.10 7.69
CA SER A 72 3.53 -8.75 7.95
C SER A 72 2.46 -7.71 7.64
N GLY A 73 1.61 -8.02 6.67
CA GLY A 73 0.55 -7.10 6.31
C GLY A 73 0.97 -6.13 5.21
N ALA A 74 1.83 -6.59 4.31
CA ALA A 74 2.32 -5.77 3.21
C ALA A 74 1.65 -6.16 1.90
N LEU A 75 1.11 -5.18 1.20
CA LEU A 75 0.44 -5.42 -0.07
C LEU A 75 1.41 -5.26 -1.24
N TYR A 76 1.80 -6.38 -1.84
CA TYR A 76 2.72 -6.37 -2.96
C TYR A 76 1.97 -6.39 -4.30
N ILE A 77 2.04 -5.28 -5.02
CA ILE A 77 1.37 -5.18 -6.32
C ILE A 77 2.36 -5.31 -7.46
N SER A 78 1.94 -5.99 -8.53
CA SER A 78 2.79 -6.19 -9.69
C SER A 78 2.36 -5.28 -10.84
N LYS A 79 3.27 -5.06 -11.79
CA LYS A 79 2.98 -4.22 -12.93
C LYS A 79 2.04 -3.09 -12.57
N VAL A 80 2.39 -2.33 -11.53
CA VAL A 80 1.58 -1.22 -11.08
C VAL A 80 1.54 -0.09 -12.11
N GLN A 81 0.47 0.68 -12.09
CA GLN A 81 0.31 1.79 -13.04
C GLN A 81 0.44 3.13 -12.32
N LYS A 82 0.91 4.14 -13.04
CA LYS A 82 1.09 5.47 -12.48
C LYS A 82 -0.11 5.86 -11.62
N GLU A 83 -1.31 5.64 -12.16
CA GLU A 83 -2.54 5.96 -11.44
C GLU A 83 -2.47 5.49 -10.00
N ASP A 84 -1.86 4.32 -9.80
CA ASP A 84 -1.72 3.75 -8.46
C ASP A 84 -1.42 4.84 -7.43
N ASN A 85 -0.65 5.84 -7.85
CA ASN A 85 -0.29 6.94 -6.96
C ASN A 85 -1.51 7.44 -6.19
N SER A 86 -1.57 7.10 -4.91
CA SER A 86 -2.69 7.52 -4.07
C SER A 86 -2.39 7.25 -2.59
N THR A 87 -3.06 7.98 -1.71
CA THR A 87 -2.86 7.83 -0.28
C THR A 87 -3.48 6.53 0.23
N TYR A 88 -2.67 5.48 0.29
CA TYR A 88 -3.14 4.18 0.76
C TYR A 88 -3.37 4.19 2.27
N ILE A 89 -4.50 3.63 2.69
CA ILE A 89 -4.84 3.58 4.10
C ILE A 89 -5.11 2.14 4.54
N MET A 90 -4.22 1.61 5.38
CA MET A 90 -4.35 0.25 5.88
C MET A 90 -4.95 0.24 7.29
N ARG A 91 -6.18 -0.22 7.40
CA ARG A 91 -6.86 -0.28 8.69
C ARG A 91 -6.58 -1.60 9.40
N VAL A 92 -6.34 -1.54 10.70
CA VAL A 92 -6.05 -2.73 11.49
C VAL A 92 -6.72 -2.65 12.85
N LEU A 93 -7.58 -3.63 13.14
CA LEU A 93 -8.29 -3.67 14.42
C LEU A 93 -7.40 -4.23 15.52
N LYS A 94 -6.72 -3.35 16.24
CA LYS A 94 -5.83 -3.76 17.31
C LYS A 94 -6.51 -4.79 18.22
N LYS A 95 -5.73 -5.76 18.68
CA LYS A 95 -6.25 -6.81 19.55
C LYS A 95 -6.97 -6.21 20.76
N THR A 96 -6.75 -4.92 20.98
CA THR A 96 -7.37 -4.23 22.10
C THR A 96 -8.64 -3.50 21.67
N GLY A 97 -8.72 -3.19 20.37
CA GLY A 97 -9.88 -2.49 19.85
C GLY A 97 -9.63 -1.02 19.64
N ASN A 98 -8.76 -0.69 18.69
CA ASN A 98 -8.43 0.70 18.40
C ASN A 98 -8.73 1.03 16.94
N GLU A 99 -8.75 0.01 16.09
CA GLU A 99 -9.03 0.19 14.67
C GLU A 99 -8.20 1.35 14.11
N GLN A 100 -6.89 1.27 14.29
CA GLN A 100 -6.00 2.31 13.79
C GLN A 100 -5.51 1.99 12.38
N GLU A 101 -5.27 3.03 11.59
CA GLU A 101 -4.81 2.86 10.22
C GLU A 101 -3.57 3.71 9.95
N TRP A 102 -2.98 3.52 8.78
CA TRP A 102 -1.79 4.27 8.40
C TRP A 102 -2.00 5.00 7.08
N LYS A 103 -0.97 5.70 6.61
CA LYS A 103 -1.04 6.44 5.36
C LYS A 103 0.23 6.23 4.53
N ILE A 104 0.05 5.82 3.28
CA ILE A 104 1.18 5.59 2.38
C ILE A 104 0.95 6.27 1.04
N LYS A 105 1.73 7.33 0.78
CA LYS A 105 1.63 8.07 -0.47
C LYS A 105 2.45 7.40 -1.56
N LEU A 106 1.89 6.36 -2.17
CA LEU A 106 2.57 5.64 -3.24
C LEU A 106 2.94 6.57 -4.38
N GLN A 107 4.21 6.60 -4.74
CA GLN A 107 4.69 7.45 -5.83
C GLN A 107 5.35 6.62 -6.93
N VAL A 108 4.92 6.85 -8.16
CA VAL A 108 5.47 6.12 -9.31
C VAL A 108 6.11 7.07 -10.30
N LEU A 109 7.28 6.69 -10.82
CA LEU A 109 7.98 7.51 -11.80
C LEU A 109 8.01 6.83 -13.16
N ASP A 110 7.76 7.61 -14.21
CA ASP A 110 7.75 7.09 -15.57
C ASP A 110 9.17 6.71 -16.01
N PRO A 111 9.36 5.40 -16.27
CA PRO A 111 10.66 4.87 -16.69
C PRO A 111 11.03 5.31 -18.10
N VAL A 112 10.10 5.12 -19.04
CA VAL A 112 10.33 5.51 -20.43
C VAL A 112 9.04 6.04 -21.07
N PRO A 113 9.13 7.25 -21.63
CA PRO A 113 7.99 7.90 -22.28
C PRO A 113 7.61 7.22 -23.59
N LYS A 114 6.70 7.84 -24.33
CA LYS A 114 6.25 7.29 -25.61
C LYS A 114 7.42 7.13 -26.58
N PRO A 115 7.48 5.95 -27.22
CA PRO A 115 8.55 5.65 -28.19
C PRO A 115 8.42 6.47 -29.47
N VAL A 116 9.50 6.51 -30.25
CA VAL A 116 9.50 7.26 -31.51
C VAL A 116 10.01 6.39 -32.65
N ILE A 117 9.11 5.61 -33.23
CA ILE A 117 9.47 4.73 -34.35
C ILE A 117 8.63 5.04 -35.58
N LYS A 118 9.29 5.51 -36.63
CA LYS A 118 8.60 5.84 -37.88
C LYS A 118 9.18 5.04 -39.04
N ILE A 119 8.73 3.79 -39.17
CA ILE A 119 9.20 2.93 -40.25
C ILE A 119 8.02 2.32 -41.01
N GLU A 120 8.34 1.58 -42.07
CA GLU A 120 7.31 0.94 -42.88
C GLU A 120 7.70 -0.50 -43.22
N LYS A 121 6.72 -1.30 -43.61
CA LYS A 121 6.95 -2.70 -43.96
C LYS A 121 6.39 -3.01 -45.34
N GLY A 1 14.88 11.21 -5.10
CA GLY A 1 15.39 11.52 -3.77
C GLY A 1 14.33 12.06 -2.86
N SER A 2 14.66 12.19 -1.57
CA SER A 2 13.72 12.69 -0.58
C SER A 2 14.44 13.09 0.70
N SER A 3 13.97 14.16 1.33
CA SER A 3 14.57 14.65 2.56
C SER A 3 13.51 15.24 3.49
N GLY A 4 13.72 15.06 4.80
CA GLY A 4 12.77 15.58 5.77
C GLY A 4 11.61 14.64 6.01
N SER A 5 11.64 13.95 7.15
CA SER A 5 10.59 13.01 7.50
C SER A 5 10.61 12.68 9.00
N SER A 6 9.44 12.56 9.59
CA SER A 6 9.32 12.25 11.01
C SER A 6 9.14 10.76 11.24
N GLY A 7 9.24 10.33 12.50
CA GLY A 7 9.08 8.93 12.82
C GLY A 7 8.22 8.72 14.05
N GLN A 8 8.20 7.49 14.55
CA GLN A 8 7.41 7.16 15.73
C GLN A 8 5.93 7.46 15.50
N GLY A 9 5.41 7.02 14.35
CA GLY A 9 4.01 7.25 14.03
C GLY A 9 3.81 8.51 13.21
N HIS A 10 3.64 8.34 11.91
CA HIS A 10 3.44 9.47 11.01
C HIS A 10 3.13 9.01 9.60
N LEU A 11 2.87 9.95 8.70
CA LEU A 11 2.57 9.64 7.31
C LEU A 11 3.82 9.15 6.58
N VAL A 12 3.69 8.02 5.89
CA VAL A 12 4.81 7.45 5.13
C VAL A 12 4.78 7.91 3.68
N HIS A 13 5.95 8.22 3.14
CA HIS A 13 6.06 8.67 1.76
C HIS A 13 7.04 7.80 0.98
N MET A 14 6.52 6.86 0.21
CA MET A 14 7.35 5.96 -0.59
C MET A 14 7.25 6.30 -2.07
N THR A 15 8.28 5.92 -2.83
CA THR A 15 8.31 6.19 -4.27
C THR A 15 8.96 5.03 -5.02
N VAL A 16 8.34 4.64 -6.12
CA VAL A 16 8.87 3.54 -6.94
C VAL A 16 8.59 3.78 -8.42
N VAL A 17 9.23 2.99 -9.27
CA VAL A 17 9.06 3.11 -10.71
C VAL A 17 7.76 2.44 -11.17
N SER A 18 7.15 2.98 -12.22
CA SER A 18 5.92 2.44 -12.75
C SER A 18 6.13 1.03 -13.32
N GLY A 19 5.06 0.24 -13.35
CA GLY A 19 5.17 -1.12 -13.86
C GLY A 19 6.23 -1.93 -13.14
N SER A 20 6.53 -1.55 -11.91
CA SER A 20 7.54 -2.25 -11.12
C SER A 20 6.92 -2.93 -9.91
N ASN A 21 7.70 -3.77 -9.23
CA ASN A 21 7.22 -4.48 -8.06
C ASN A 21 7.38 -3.63 -6.81
N VAL A 22 6.28 -3.42 -6.09
CA VAL A 22 6.30 -2.63 -4.87
C VAL A 22 5.98 -3.49 -3.65
N THR A 23 6.45 -3.04 -2.48
CA THR A 23 6.21 -3.77 -1.25
C THR A 23 5.73 -2.84 -0.14
N LEU A 24 4.42 -2.82 0.08
CA LEU A 24 3.83 -1.96 1.11
C LEU A 24 3.94 -2.62 2.49
N ASN A 25 4.86 -2.11 3.30
CA ASN A 25 5.06 -2.64 4.65
C ASN A 25 5.19 -1.52 5.66
N ILE A 26 4.18 -1.38 6.52
CA ILE A 26 4.17 -0.34 7.54
C ILE A 26 5.34 -0.51 8.51
N SER A 27 6.10 0.56 8.69
CA SER A 27 7.25 0.52 9.59
C SER A 27 6.87 -0.10 10.93
N GLU A 28 5.72 0.30 11.46
CA GLU A 28 5.26 -0.22 12.74
C GLU A 28 4.74 -1.65 12.58
N SER A 29 5.66 -2.61 12.55
CA SER A 29 5.30 -4.01 12.40
C SER A 29 4.03 -4.34 13.19
N LEU A 30 3.09 -5.01 12.54
CA LEU A 30 1.84 -5.38 13.18
C LEU A 30 2.07 -5.86 14.60
N PRO A 31 1.03 -5.73 15.45
CA PRO A 31 1.10 -6.15 16.85
C PRO A 31 1.17 -7.66 17.01
N GLU A 32 1.29 -8.12 18.25
CA GLU A 32 1.37 -9.55 18.53
C GLU A 32 0.30 -10.31 17.75
N ASN A 33 -0.96 -9.88 17.90
CA ASN A 33 -2.06 -10.53 17.22
C ASN A 33 -3.17 -9.52 16.92
N TYR A 34 -3.44 -9.30 15.64
CA TYR A 34 -4.47 -8.36 15.22
C TYR A 34 -5.83 -9.05 15.11
N LYS A 35 -6.87 -8.27 14.85
CA LYS A 35 -8.22 -8.81 14.71
C LYS A 35 -8.71 -8.71 13.28
N GLN A 36 -8.48 -7.55 12.66
CA GLN A 36 -8.89 -7.32 11.28
C GLN A 36 -7.81 -6.59 10.50
N LEU A 37 -7.62 -6.98 9.24
CA LEU A 37 -6.61 -6.37 8.39
C LEU A 37 -7.18 -6.07 7.00
N THR A 38 -7.53 -4.82 6.77
CA THR A 38 -8.09 -4.40 5.49
C THR A 38 -7.22 -3.33 4.84
N TRP A 39 -7.09 -3.42 3.52
CA TRP A 39 -6.29 -2.46 2.77
C TRP A 39 -7.17 -1.57 1.91
N PHE A 40 -6.89 -0.27 1.93
CA PHE A 40 -7.66 0.70 1.16
C PHE A 40 -6.80 1.34 0.07
N TYR A 41 -7.30 1.32 -1.16
CA TYR A 41 -6.58 1.89 -2.29
C TYR A 41 -6.71 3.41 -2.31
N THR A 42 -7.91 3.89 -2.02
CA THR A 42 -8.17 5.33 -2.00
C THR A 42 -8.98 5.73 -0.78
N PHE A 43 -9.44 6.98 -0.76
CA PHE A 43 -10.22 7.49 0.37
C PHE A 43 -11.49 6.65 0.56
N ASP A 44 -12.17 6.37 -0.54
CA ASP A 44 -13.40 5.58 -0.49
C ASP A 44 -13.28 4.33 -1.36
N GLN A 45 -12.09 3.72 -1.35
CA GLN A 45 -11.84 2.52 -2.13
C GLN A 45 -11.15 1.45 -1.29
N LYS A 46 -11.50 0.19 -1.53
CA LYS A 46 -10.91 -0.92 -0.81
C LYS A 46 -10.23 -1.90 -1.76
N ILE A 47 -9.24 -2.63 -1.24
CA ILE A 47 -8.51 -3.60 -2.05
C ILE A 47 -8.76 -5.02 -1.55
N VAL A 48 -8.61 -5.22 -0.24
CA VAL A 48 -8.83 -6.54 0.36
C VAL A 48 -9.06 -6.42 1.86
N GLU A 49 -10.01 -7.18 2.37
CA GLU A 49 -10.32 -7.18 3.79
C GLU A 49 -10.02 -8.52 4.44
N TRP A 50 -9.52 -8.48 5.66
CA TRP A 50 -9.18 -9.71 6.39
C TRP A 50 -9.78 -9.70 7.78
N ASP A 51 -10.47 -10.77 8.14
CA ASP A 51 -11.09 -10.88 9.46
C ASP A 51 -10.61 -12.13 10.19
N SER A 52 -9.31 -12.19 10.44
CA SER A 52 -8.72 -13.33 11.13
C SER A 52 -9.36 -14.64 10.66
N ARG A 53 -9.87 -14.63 9.45
CA ARG A 53 -10.52 -15.81 8.88
C ARG A 53 -10.06 -16.05 7.45
N LYS A 54 -10.44 -15.15 6.55
CA LYS A 54 -10.07 -15.26 5.14
C LYS A 54 -9.93 -13.88 4.50
N SER A 55 -9.30 -13.83 3.33
CA SER A 55 -9.11 -12.58 2.61
C SER A 55 -10.20 -12.37 1.56
N LYS A 56 -10.80 -11.19 1.58
CA LYS A 56 -11.86 -10.87 0.64
C LYS A 56 -11.40 -9.81 -0.36
N TYR A 57 -10.98 -10.26 -1.54
CA TYR A 57 -10.50 -9.36 -2.58
C TYR A 57 -11.67 -8.59 -3.20
N PHE A 58 -11.51 -7.26 -3.28
CA PHE A 58 -12.54 -6.40 -3.85
C PHE A 58 -12.39 -6.29 -5.37
N GLU A 59 -13.47 -6.52 -6.09
CA GLU A 59 -13.45 -6.44 -7.55
C GLU A 59 -12.57 -5.29 -8.02
N SER A 60 -11.41 -5.63 -8.57
CA SER A 60 -10.48 -4.62 -9.07
C SER A 60 -9.30 -5.28 -9.77
N LYS A 61 -8.75 -4.57 -10.76
CA LYS A 61 -7.61 -5.09 -11.53
C LYS A 61 -6.53 -5.64 -10.59
N PHE A 62 -6.34 -4.98 -9.46
CA PHE A 62 -5.35 -5.40 -8.48
C PHE A 62 -5.47 -6.89 -8.18
N LYS A 63 -6.72 -7.38 -8.17
CA LYS A 63 -6.97 -8.79 -7.89
C LYS A 63 -6.29 -9.68 -8.94
N GLY A 64 -5.40 -10.55 -8.47
CA GLY A 64 -4.70 -11.45 -9.37
C GLY A 64 -3.20 -11.23 -9.34
N ARG A 65 -2.78 -9.98 -9.49
CA ARG A 65 -1.36 -9.64 -9.48
C ARG A 65 -0.88 -9.35 -8.07
N VAL A 66 -1.68 -8.59 -7.31
CA VAL A 66 -1.33 -8.25 -5.94
C VAL A 66 -1.26 -9.49 -5.06
N ARG A 67 -0.83 -9.30 -3.81
CA ARG A 67 -0.72 -10.41 -2.87
C ARG A 67 -0.67 -9.89 -1.43
N LEU A 68 -1.61 -10.33 -0.62
CA LEU A 68 -1.67 -9.92 0.78
C LEU A 68 -1.19 -11.03 1.71
N ASP A 69 -0.25 -10.71 2.58
CA ASP A 69 0.30 -11.68 3.52
C ASP A 69 -0.22 -11.42 4.94
N PRO A 70 -1.09 -12.32 5.42
CA PRO A 70 -1.68 -12.20 6.76
C PRO A 70 -0.65 -12.45 7.87
N GLN A 71 0.58 -12.75 7.47
CA GLN A 71 1.65 -13.01 8.42
C GLN A 71 2.33 -11.71 8.85
N SER A 72 2.61 -10.85 7.88
CA SER A 72 3.25 -9.57 8.15
C SER A 72 2.31 -8.40 7.82
N GLY A 73 1.45 -8.62 6.83
CA GLY A 73 0.52 -7.59 6.43
C GLY A 73 1.10 -6.67 5.36
N ALA A 74 1.93 -7.23 4.48
CA ALA A 74 2.54 -6.45 3.41
C ALA A 74 1.84 -6.70 2.08
N LEU A 75 1.55 -5.62 1.36
CA LEU A 75 0.88 -5.72 0.07
C LEU A 75 1.86 -5.51 -1.07
N TYR A 76 2.14 -6.58 -1.81
CA TYR A 76 3.07 -6.51 -2.94
C TYR A 76 2.32 -6.42 -4.26
N ILE A 77 2.48 -5.30 -4.96
CA ILE A 77 1.82 -5.10 -6.24
C ILE A 77 2.82 -5.08 -7.38
N SER A 78 2.56 -5.90 -8.40
CA SER A 78 3.45 -5.99 -9.55
C SER A 78 2.90 -5.17 -10.72
N LYS A 79 3.79 -4.81 -11.63
CA LYS A 79 3.39 -4.02 -12.81
C LYS A 79 2.36 -2.96 -12.43
N VAL A 80 2.68 -2.16 -11.43
CA VAL A 80 1.78 -1.10 -10.98
C VAL A 80 1.56 -0.05 -12.06
N GLN A 81 0.49 0.72 -11.93
CA GLN A 81 0.17 1.76 -12.90
C GLN A 81 0.28 3.14 -12.27
N LYS A 82 0.68 4.12 -13.07
CA LYS A 82 0.81 5.49 -12.59
C LYS A 82 -0.37 5.88 -11.71
N GLU A 83 -1.57 5.47 -12.12
CA GLU A 83 -2.77 5.78 -11.36
C GLU A 83 -2.66 5.28 -9.93
N ASP A 84 -2.11 4.08 -9.77
CA ASP A 84 -1.94 3.48 -8.44
C ASP A 84 -1.50 4.54 -7.43
N ASN A 85 -0.64 5.46 -7.86
CA ASN A 85 -0.16 6.51 -6.99
C ASN A 85 -1.31 7.15 -6.21
N SER A 86 -1.45 6.77 -4.95
CA SER A 86 -2.51 7.30 -4.11
C SER A 86 -2.16 7.14 -2.63
N THR A 87 -2.98 7.73 -1.76
CA THR A 87 -2.76 7.65 -0.32
C THR A 87 -3.33 6.36 0.26
N TYR A 88 -2.53 5.30 0.22
CA TYR A 88 -2.95 4.01 0.75
C TYR A 88 -3.20 4.08 2.25
N ILE A 89 -4.32 3.50 2.68
CA ILE A 89 -4.67 3.50 4.10
C ILE A 89 -4.87 2.07 4.61
N MET A 90 -3.84 1.56 5.27
CA MET A 90 -3.90 0.21 5.82
C MET A 90 -4.69 0.18 7.14
N ARG A 91 -5.93 -0.31 7.06
CA ARG A 91 -6.79 -0.38 8.23
C ARG A 91 -6.57 -1.69 8.98
N VAL A 92 -6.32 -1.60 10.29
CA VAL A 92 -6.10 -2.78 11.12
C VAL A 92 -6.78 -2.63 12.47
N LEU A 93 -7.41 -3.70 12.92
CA LEU A 93 -8.10 -3.69 14.21
C LEU A 93 -7.25 -4.37 15.29
N LYS A 94 -6.68 -3.55 16.17
CA LYS A 94 -5.84 -4.05 17.25
C LYS A 94 -6.65 -4.96 18.19
N LYS A 95 -5.98 -5.94 18.77
CA LYS A 95 -6.63 -6.86 19.69
C LYS A 95 -7.37 -6.11 20.79
N THR A 96 -6.72 -5.08 21.33
CA THR A 96 -7.32 -4.27 22.39
C THR A 96 -8.72 -3.81 22.01
N GLY A 97 -8.97 -3.70 20.70
CA GLY A 97 -10.27 -3.26 20.22
C GLY A 97 -10.24 -1.87 19.64
N ASN A 98 -9.16 -1.54 18.95
CA ASN A 98 -9.01 -0.21 18.34
C ASN A 98 -8.91 -0.32 16.83
N GLU A 99 -8.94 0.82 16.16
CA GLU A 99 -8.85 0.86 14.70
C GLU A 99 -7.67 1.71 14.25
N GLN A 100 -6.58 1.03 13.85
CA GLN A 100 -5.37 1.72 13.40
C GLN A 100 -5.39 1.90 11.89
N GLU A 101 -4.73 2.94 11.41
CA GLU A 101 -4.66 3.22 9.98
C GLU A 101 -3.33 3.85 9.61
N TRP A 102 -2.69 3.31 8.58
CA TRP A 102 -1.41 3.81 8.12
C TRP A 102 -1.52 4.42 6.73
N LYS A 103 -1.13 5.68 6.60
CA LYS A 103 -1.19 6.38 5.32
C LYS A 103 0.14 6.27 4.58
N ILE A 104 0.08 5.74 3.35
CA ILE A 104 1.28 5.58 2.54
C ILE A 104 1.09 6.20 1.16
N LYS A 105 1.74 7.33 0.93
CA LYS A 105 1.65 8.03 -0.34
C LYS A 105 2.52 7.35 -1.39
N LEU A 106 1.90 6.52 -2.23
CA LEU A 106 2.63 5.81 -3.28
C LEU A 106 2.92 6.73 -4.46
N GLN A 107 4.20 6.96 -4.73
CA GLN A 107 4.61 7.81 -5.84
C GLN A 107 5.23 6.99 -6.96
N VAL A 108 4.56 6.98 -8.11
CA VAL A 108 5.05 6.24 -9.27
C VAL A 108 5.93 7.12 -10.16
N LEU A 109 6.99 6.53 -10.71
CA LEU A 109 7.90 7.26 -11.58
C LEU A 109 8.04 6.57 -12.93
N ASP A 110 8.80 7.17 -13.83
CA ASP A 110 9.02 6.61 -15.16
C ASP A 110 10.27 5.75 -15.18
N PRO A 111 10.18 4.59 -15.85
CA PRO A 111 11.30 3.65 -15.96
C PRO A 111 12.42 4.18 -16.85
N VAL A 112 12.06 4.64 -18.04
CA VAL A 112 13.04 5.18 -18.98
C VAL A 112 12.51 6.44 -19.66
N PRO A 113 13.31 7.52 -19.61
CA PRO A 113 12.95 8.79 -20.22
C PRO A 113 12.94 8.74 -21.75
N LYS A 114 12.77 9.90 -22.37
CA LYS A 114 12.74 9.98 -23.82
C LYS A 114 14.15 10.17 -24.39
N PRO A 115 14.53 9.33 -25.36
CA PRO A 115 15.85 9.39 -25.99
C PRO A 115 16.01 10.63 -26.87
N VAL A 116 17.26 11.01 -27.11
CA VAL A 116 17.55 12.18 -27.94
C VAL A 116 17.15 11.94 -29.39
N ILE A 117 16.00 12.49 -29.78
CA ILE A 117 15.51 12.34 -31.15
C ILE A 117 15.99 13.47 -32.04
N LYS A 118 17.12 13.25 -32.70
CA LYS A 118 17.69 14.26 -33.59
C LYS A 118 18.12 13.64 -34.90
N ILE A 119 17.16 13.42 -35.79
CA ILE A 119 17.45 12.81 -37.09
C ILE A 119 17.01 13.74 -38.23
N GLU A 120 17.35 13.36 -39.46
CA GLU A 120 16.99 14.16 -40.62
C GLU A 120 16.32 13.29 -41.69
N LYS A 121 15.00 13.24 -41.67
CA LYS A 121 14.24 12.45 -42.63
C LYS A 121 12.99 13.20 -43.09
N GLY A 1 22.17 12.15 13.99
CA GLY A 1 21.28 11.30 13.21
C GLY A 1 19.87 11.87 13.13
N SER A 2 19.01 11.20 12.38
CA SER A 2 17.63 11.66 12.22
C SER A 2 16.71 10.47 11.95
N SER A 3 15.77 10.23 12.87
CA SER A 3 14.83 9.14 12.74
C SER A 3 13.69 9.27 13.76
N GLY A 4 12.49 8.85 13.36
CA GLY A 4 11.35 8.93 14.24
C GLY A 4 10.39 10.04 13.85
N SER A 5 9.11 9.70 13.73
CA SER A 5 8.09 10.68 13.36
C SER A 5 7.07 10.85 14.47
N SER A 6 6.40 12.00 14.48
CA SER A 6 5.40 12.29 15.49
C SER A 6 4.14 11.47 15.27
N GLY A 7 3.49 11.07 16.36
CA GLY A 7 2.28 10.29 16.25
C GLY A 7 2.56 8.81 16.04
N GLN A 8 1.51 8.01 16.04
CA GLN A 8 1.65 6.57 15.84
C GLN A 8 1.59 6.22 14.36
N GLY A 9 0.86 7.03 13.59
CA GLY A 9 0.74 6.79 12.16
C GLY A 9 1.14 7.99 11.34
N HIS A 10 2.44 8.15 11.12
CA HIS A 10 2.95 9.27 10.34
C HIS A 10 2.74 9.04 8.86
N LEU A 11 2.41 10.11 8.13
CA LEU A 11 2.19 10.02 6.69
C LEU A 11 3.42 9.50 5.97
N VAL A 12 3.31 8.32 5.37
CA VAL A 12 4.42 7.72 4.64
C VAL A 12 4.35 8.06 3.16
N HIS A 13 5.52 8.34 2.58
CA HIS A 13 5.60 8.69 1.16
C HIS A 13 6.55 7.75 0.43
N MET A 14 5.98 6.78 -0.28
CA MET A 14 6.78 5.82 -1.03
C MET A 14 7.13 6.35 -2.41
N THR A 15 8.10 5.74 -3.06
CA THR A 15 8.54 6.15 -4.38
C THR A 15 9.27 5.03 -5.11
N VAL A 16 8.63 4.49 -6.14
CA VAL A 16 9.22 3.40 -6.91
C VAL A 16 9.00 3.62 -8.41
N VAL A 17 9.63 2.77 -9.22
CA VAL A 17 9.50 2.86 -10.67
C VAL A 17 8.25 2.14 -11.17
N SER A 18 7.69 2.62 -12.26
CA SER A 18 6.50 2.03 -12.84
C SER A 18 6.81 0.66 -13.44
N GLY A 19 5.83 -0.23 -13.42
CA GLY A 19 6.01 -1.56 -13.97
C GLY A 19 6.98 -2.40 -13.15
N SER A 20 7.02 -2.13 -11.84
CA SER A 20 7.92 -2.87 -10.95
C SER A 20 7.16 -3.40 -9.74
N ASN A 21 7.67 -4.47 -9.15
CA ASN A 21 7.04 -5.08 -7.98
C ASN A 21 7.29 -4.24 -6.73
N VAL A 22 6.21 -3.80 -6.10
CA VAL A 22 6.32 -2.99 -4.88
C VAL A 22 5.93 -3.80 -3.66
N THR A 23 6.34 -3.33 -2.48
CA THR A 23 6.03 -4.00 -1.23
C THR A 23 5.57 -3.01 -0.17
N LEU A 24 4.26 -2.90 0.01
CA LEU A 24 3.70 -1.97 0.99
C LEU A 24 3.80 -2.57 2.39
N ASN A 25 4.68 -1.98 3.20
CA ASN A 25 4.88 -2.44 4.58
C ASN A 25 4.93 -1.27 5.55
N ILE A 26 4.19 -1.37 6.65
CA ILE A 26 4.16 -0.31 7.65
C ILE A 26 5.26 -0.50 8.68
N SER A 27 5.99 0.58 8.96
CA SER A 27 7.08 0.53 9.94
C SER A 27 6.57 0.07 11.30
N GLU A 28 5.44 0.63 11.72
CA GLU A 28 4.85 0.28 13.01
C GLU A 28 4.39 -1.17 13.02
N SER A 29 5.28 -2.07 13.44
CA SER A 29 4.96 -3.49 13.50
C SER A 29 3.52 -3.71 13.91
N LEU A 30 2.84 -4.62 13.22
CA LEU A 30 1.44 -4.93 13.52
C LEU A 30 1.30 -5.44 14.94
N PRO A 31 0.08 -5.29 15.50
CA PRO A 31 -0.23 -5.72 16.86
C PRO A 31 -0.26 -7.25 16.99
N GLU A 32 0.69 -7.79 17.76
CA GLU A 32 0.78 -9.22 17.96
C GLU A 32 -0.62 -9.86 17.98
N ASN A 33 -0.86 -10.76 17.03
CA ASN A 33 -2.15 -11.44 16.95
C ASN A 33 -3.27 -10.44 16.65
N TYR A 34 -3.11 -9.68 15.58
CA TYR A 34 -4.10 -8.68 15.19
C TYR A 34 -5.49 -9.30 15.14
N LYS A 35 -6.51 -8.45 15.13
CA LYS A 35 -7.89 -8.90 15.07
C LYS A 35 -8.43 -8.83 13.65
N GLN A 36 -8.24 -7.68 13.00
CA GLN A 36 -8.70 -7.49 11.64
C GLN A 36 -7.65 -6.80 10.79
N LEU A 37 -7.60 -7.14 9.51
CA LEU A 37 -6.63 -6.55 8.59
C LEU A 37 -7.27 -6.27 7.23
N THR A 38 -7.50 -4.99 6.94
CA THR A 38 -8.09 -4.59 5.68
C THR A 38 -7.27 -3.49 5.01
N TRP A 39 -7.26 -3.51 3.67
CA TRP A 39 -6.52 -2.51 2.92
C TRP A 39 -7.47 -1.59 2.16
N PHE A 40 -7.01 -0.37 1.88
CA PHE A 40 -7.82 0.61 1.16
C PHE A 40 -6.95 1.45 0.22
N TYR A 41 -7.13 1.25 -1.07
CA TYR A 41 -6.37 1.98 -2.07
C TYR A 41 -6.57 3.48 -1.92
N THR A 42 -7.78 3.88 -1.57
CA THR A 42 -8.11 5.29 -1.39
C THR A 42 -8.97 5.50 -0.14
N PHE A 43 -9.43 6.72 0.05
CA PHE A 43 -10.27 7.07 1.20
C PHE A 43 -11.63 6.41 1.09
N ASP A 44 -12.03 6.07 -0.14
CA ASP A 44 -13.31 5.43 -0.38
C ASP A 44 -13.14 4.18 -1.23
N GLN A 45 -11.94 3.63 -1.22
CA GLN A 45 -11.64 2.42 -1.98
C GLN A 45 -11.23 1.28 -1.06
N LYS A 46 -11.28 0.06 -1.58
CA LYS A 46 -10.91 -1.12 -0.81
C LYS A 46 -10.21 -2.16 -1.70
N ILE A 47 -9.07 -2.65 -1.23
CA ILE A 47 -8.30 -3.65 -1.97
C ILE A 47 -8.67 -5.05 -1.54
N VAL A 48 -8.68 -5.28 -0.24
CA VAL A 48 -9.02 -6.60 0.31
C VAL A 48 -9.23 -6.52 1.83
N GLU A 49 -10.21 -7.27 2.32
CA GLU A 49 -10.50 -7.29 3.75
C GLU A 49 -10.22 -8.67 4.34
N TRP A 50 -9.42 -8.70 5.39
CA TRP A 50 -9.07 -9.94 6.06
C TRP A 50 -9.59 -9.97 7.49
N ASP A 51 -10.38 -10.98 7.81
CA ASP A 51 -10.93 -11.11 9.15
C ASP A 51 -10.40 -12.37 9.84
N SER A 52 -9.08 -12.45 9.98
CA SER A 52 -8.45 -13.60 10.61
C SER A 52 -9.15 -14.89 10.22
N ARG A 53 -9.80 -14.88 9.06
CA ARG A 53 -10.50 -16.05 8.56
C ARG A 53 -10.21 -16.30 7.09
N LYS A 54 -10.80 -15.48 6.23
CA LYS A 54 -10.59 -15.60 4.79
C LYS A 54 -10.43 -14.24 4.14
N SER A 55 -9.69 -14.19 3.04
CA SER A 55 -9.45 -12.94 2.32
C SER A 55 -10.55 -12.68 1.30
N LYS A 56 -11.03 -11.45 1.24
CA LYS A 56 -12.08 -11.08 0.30
C LYS A 56 -11.66 -9.89 -0.55
N TYR A 57 -11.09 -10.18 -1.73
CA TYR A 57 -10.64 -9.14 -2.64
C TYR A 57 -11.81 -8.31 -3.15
N PHE A 58 -11.69 -6.99 -3.05
CA PHE A 58 -12.74 -6.09 -3.51
C PHE A 58 -12.59 -5.79 -4.99
N GLU A 59 -13.72 -5.78 -5.70
CA GLU A 59 -13.72 -5.51 -7.13
C GLU A 59 -12.75 -4.37 -7.47
N SER A 60 -11.65 -4.71 -8.12
CA SER A 60 -10.65 -3.72 -8.51
C SER A 60 -9.54 -4.35 -9.35
N LYS A 61 -8.93 -3.55 -10.20
CA LYS A 61 -7.86 -4.03 -11.06
C LYS A 61 -6.75 -4.68 -10.24
N PHE A 62 -6.59 -4.22 -9.01
CA PHE A 62 -5.56 -4.76 -8.12
C PHE A 62 -5.74 -6.26 -7.94
N LYS A 63 -7.00 -6.69 -7.81
CA LYS A 63 -7.30 -8.10 -7.62
C LYS A 63 -6.76 -8.93 -8.79
N GLY A 64 -6.07 -10.02 -8.45
CA GLY A 64 -5.51 -10.88 -9.48
C GLY A 64 -4.00 -10.76 -9.58
N ARG A 65 -3.49 -9.55 -9.47
CA ARG A 65 -2.06 -9.31 -9.56
C ARG A 65 -1.46 -9.09 -8.16
N VAL A 66 -2.13 -8.28 -7.35
CA VAL A 66 -1.67 -7.99 -6.00
C VAL A 66 -1.62 -9.26 -5.16
N ARG A 67 -1.00 -9.17 -3.99
CA ARG A 67 -0.88 -10.30 -3.09
C ARG A 67 -0.69 -9.84 -1.65
N LEU A 68 -1.65 -10.16 -0.80
CA LEU A 68 -1.59 -9.78 0.61
C LEU A 68 -0.96 -10.89 1.45
N ASP A 69 0.01 -10.52 2.28
CA ASP A 69 0.68 -11.48 3.15
C ASP A 69 0.15 -11.40 4.57
N PRO A 70 -0.65 -12.40 4.97
CA PRO A 70 -1.23 -12.46 6.31
C PRO A 70 -0.18 -12.74 7.39
N GLN A 71 1.05 -12.99 6.95
CA GLN A 71 2.13 -13.27 7.88
C GLN A 71 2.76 -11.98 8.41
N SER A 72 2.98 -11.03 7.50
CA SER A 72 3.58 -9.76 7.86
C SER A 72 2.57 -8.62 7.71
N GLY A 73 1.71 -8.74 6.70
CA GLY A 73 0.70 -7.72 6.46
C GLY A 73 1.14 -6.71 5.41
N ALA A 74 1.94 -7.17 4.46
CA ALA A 74 2.43 -6.30 3.39
C ALA A 74 1.74 -6.61 2.07
N LEU A 75 1.42 -5.56 1.32
CA LEU A 75 0.76 -5.73 0.02
C LEU A 75 1.75 -5.60 -1.12
N TYR A 76 1.94 -6.69 -1.87
CA TYR A 76 2.86 -6.70 -2.99
C TYR A 76 2.11 -6.56 -4.31
N ILE A 77 2.40 -5.51 -5.05
CA ILE A 77 1.76 -5.28 -6.34
C ILE A 77 2.73 -5.52 -7.49
N SER A 78 2.23 -6.15 -8.56
CA SER A 78 3.05 -6.44 -9.73
C SER A 78 2.63 -5.59 -10.91
N LYS A 79 3.61 -5.15 -11.71
CA LYS A 79 3.34 -4.33 -12.88
C LYS A 79 2.47 -3.14 -12.51
N VAL A 80 2.86 -2.43 -11.45
CA VAL A 80 2.12 -1.26 -11.00
C VAL A 80 1.93 -0.26 -12.13
N GLN A 81 1.22 0.82 -11.84
CA GLN A 81 0.96 1.85 -12.83
C GLN A 81 0.99 3.25 -12.20
N LYS A 82 1.43 4.23 -12.97
CA LYS A 82 1.50 5.61 -12.48
C LYS A 82 0.28 5.95 -11.64
N GLU A 83 -0.90 5.64 -12.17
CA GLU A 83 -2.14 5.91 -11.47
C GLU A 83 -2.08 5.42 -10.03
N ASP A 84 -1.54 4.22 -9.84
CA ASP A 84 -1.41 3.64 -8.50
C ASP A 84 -1.04 4.70 -7.48
N ASN A 85 -0.18 5.62 -7.88
CA ASN A 85 0.26 6.70 -7.00
C ASN A 85 -0.93 7.34 -6.29
N SER A 86 -1.23 6.86 -5.09
CA SER A 86 -2.35 7.40 -4.31
C SER A 86 -2.10 7.23 -2.82
N THR A 87 -3.03 7.72 -2.01
CA THR A 87 -2.92 7.63 -0.56
C THR A 87 -3.51 6.33 -0.05
N TYR A 88 -2.66 5.33 0.13
CA TYR A 88 -3.10 4.02 0.62
C TYR A 88 -3.37 4.06 2.11
N ILE A 89 -4.51 3.52 2.52
CA ILE A 89 -4.89 3.50 3.93
C ILE A 89 -5.10 2.06 4.41
N MET A 90 -4.27 1.64 5.37
CA MET A 90 -4.38 0.29 5.93
C MET A 90 -4.97 0.33 7.33
N ARG A 91 -6.16 -0.25 7.47
CA ARG A 91 -6.84 -0.28 8.76
C ARG A 91 -6.68 -1.64 9.42
N VAL A 92 -6.29 -1.64 10.70
CA VAL A 92 -6.11 -2.88 11.43
C VAL A 92 -6.71 -2.78 12.83
N LEU A 93 -7.24 -3.89 13.32
CA LEU A 93 -7.85 -3.93 14.65
C LEU A 93 -6.92 -4.58 15.67
N LYS A 94 -6.71 -3.91 16.78
CA LYS A 94 -5.84 -4.42 17.84
C LYS A 94 -6.63 -5.29 18.82
N LYS A 95 -6.07 -6.46 19.15
CA LYS A 95 -6.71 -7.37 20.07
C LYS A 95 -7.23 -6.64 21.30
N THR A 96 -6.54 -5.56 21.67
CA THR A 96 -6.92 -4.77 22.83
C THR A 96 -8.31 -4.17 22.65
N GLY A 97 -8.61 -3.72 21.44
CA GLY A 97 -9.91 -3.14 21.16
C GLY A 97 -9.79 -1.74 20.57
N ASN A 98 -8.86 -1.56 19.66
CA ASN A 98 -8.65 -0.26 19.02
C ASN A 98 -8.39 -0.43 17.53
N GLU A 99 -8.32 0.70 16.82
CA GLU A 99 -8.08 0.68 15.37
C GLU A 99 -6.99 1.68 14.99
N GLN A 100 -6.28 1.39 13.90
CA GLN A 100 -5.22 2.27 13.44
C GLN A 100 -5.26 2.40 11.91
N GLU A 101 -4.80 3.55 11.41
CA GLU A 101 -4.79 3.79 9.97
C GLU A 101 -3.41 4.26 9.52
N TRP A 102 -2.89 3.63 8.47
CA TRP A 102 -1.58 3.98 7.93
C TRP A 102 -1.71 4.59 6.55
N LYS A 103 -1.31 5.85 6.41
CA LYS A 103 -1.39 6.55 5.14
C LYS A 103 -0.07 6.41 4.37
N ILE A 104 -0.17 5.91 3.14
CA ILE A 104 1.01 5.72 2.30
C ILE A 104 0.79 6.30 0.91
N LYS A 105 1.34 7.50 0.69
CA LYS A 105 1.21 8.16 -0.60
C LYS A 105 2.21 7.62 -1.60
N LEU A 106 1.89 6.46 -2.19
CA LEU A 106 2.77 5.83 -3.17
C LEU A 106 3.09 6.79 -4.31
N GLN A 107 4.37 6.87 -4.68
CA GLN A 107 4.81 7.73 -5.75
C GLN A 107 5.41 6.94 -6.90
N VAL A 108 4.79 7.02 -8.07
CA VAL A 108 5.25 6.29 -9.25
C VAL A 108 6.04 7.21 -10.17
N LEU A 109 7.17 6.72 -10.67
CA LEU A 109 8.02 7.49 -11.57
C LEU A 109 8.16 6.80 -12.92
N ASP A 110 8.95 7.40 -13.81
CA ASP A 110 9.18 6.83 -15.13
C ASP A 110 10.65 6.50 -15.34
N PRO A 111 10.92 5.37 -16.00
CA PRO A 111 12.29 4.93 -16.29
C PRO A 111 12.99 5.82 -17.31
N VAL A 112 12.32 6.08 -18.43
CA VAL A 112 12.87 6.91 -19.48
C VAL A 112 13.19 8.31 -18.97
N PRO A 113 14.43 8.76 -19.23
CA PRO A 113 14.89 10.09 -18.79
C PRO A 113 14.21 11.21 -19.56
N LYS A 114 14.68 12.44 -19.35
CA LYS A 114 14.12 13.60 -20.03
C LYS A 114 15.15 14.25 -20.95
N PRO A 115 14.77 14.44 -22.22
CA PRO A 115 15.64 15.06 -23.23
C PRO A 115 15.88 16.54 -22.97
N VAL A 116 16.95 17.07 -23.54
CA VAL A 116 17.28 18.48 -23.38
C VAL A 116 17.52 19.15 -24.73
N ILE A 117 16.43 19.54 -25.38
CA ILE A 117 16.51 20.21 -26.68
C ILE A 117 16.50 21.72 -26.53
N LYS A 118 17.55 22.37 -27.04
CA LYS A 118 17.66 23.82 -26.97
C LYS A 118 18.41 24.37 -28.17
N ILE A 119 17.79 25.33 -28.86
CA ILE A 119 18.41 25.94 -30.03
C ILE A 119 18.80 27.39 -29.75
N GLU A 120 19.66 27.94 -30.61
CA GLU A 120 20.12 29.31 -30.46
C GLU A 120 20.57 29.88 -31.80
N LYS A 121 20.82 31.19 -31.83
CA LYS A 121 21.27 31.86 -33.04
C LYS A 121 22.67 32.43 -32.86
N GLY A 1 17.82 4.23 11.23
CA GLY A 1 17.93 3.51 12.48
C GLY A 1 16.88 2.42 12.63
N SER A 2 15.79 2.75 13.31
CA SER A 2 14.71 1.79 13.52
C SER A 2 13.45 2.21 12.77
N SER A 3 12.83 1.26 12.09
CA SER A 3 11.62 1.53 11.33
C SER A 3 10.37 1.13 12.12
N GLY A 4 9.78 2.09 12.83
CA GLY A 4 8.59 1.81 13.61
C GLY A 4 8.23 2.96 14.52
N SER A 5 7.00 3.45 14.41
CA SER A 5 6.53 4.55 15.24
C SER A 5 5.27 4.17 16.01
N SER A 6 5.41 4.01 17.32
CA SER A 6 4.29 3.62 18.17
C SER A 6 3.58 4.86 18.71
N GLY A 7 3.23 5.77 17.81
CA GLY A 7 2.55 6.99 18.23
C GLY A 7 1.47 7.40 17.23
N GLN A 8 1.28 8.71 17.09
CA GLN A 8 0.28 9.25 16.18
C GLN A 8 0.54 8.79 14.75
N GLY A 9 -0.50 8.33 14.07
CA GLY A 9 -0.35 7.88 12.70
C GLY A 9 0.63 8.71 11.92
N HIS A 10 1.78 8.13 11.60
CA HIS A 10 2.82 8.82 10.84
C HIS A 10 2.54 8.74 9.34
N LEU A 11 3.03 9.73 8.61
CA LEU A 11 2.84 9.77 7.16
C LEU A 11 4.06 9.21 6.43
N VAL A 12 3.84 8.19 5.61
CA VAL A 12 4.93 7.57 4.86
C VAL A 12 4.87 7.97 3.39
N HIS A 13 6.01 8.35 2.84
CA HIS A 13 6.09 8.75 1.43
C HIS A 13 7.06 7.86 0.67
N MET A 14 6.53 6.86 -0.03
CA MET A 14 7.34 5.93 -0.80
C MET A 14 7.35 6.32 -2.27
N THR A 15 8.37 5.87 -3.00
CA THR A 15 8.50 6.17 -4.42
C THR A 15 9.18 5.03 -5.16
N VAL A 16 8.54 4.55 -6.22
CA VAL A 16 9.09 3.46 -7.03
C VAL A 16 8.84 3.70 -8.52
N VAL A 17 9.37 2.80 -9.33
CA VAL A 17 9.21 2.91 -10.78
C VAL A 17 7.92 2.22 -11.24
N SER A 18 7.32 2.77 -12.29
CA SER A 18 6.08 2.21 -12.83
C SER A 18 6.32 0.84 -13.45
N GLY A 19 5.32 -0.02 -13.36
CA GLY A 19 5.44 -1.36 -13.91
C GLY A 19 6.42 -2.21 -13.15
N SER A 20 6.58 -1.92 -11.86
CA SER A 20 7.50 -2.67 -11.01
C SER A 20 6.79 -3.17 -9.76
N ASN A 21 7.10 -4.41 -9.37
CA ASN A 21 6.49 -5.01 -8.18
C ASN A 21 6.81 -4.18 -6.94
N VAL A 22 5.78 -3.62 -6.32
CA VAL A 22 5.94 -2.81 -5.12
C VAL A 22 5.62 -3.61 -3.87
N THR A 23 5.88 -3.02 -2.71
CA THR A 23 5.61 -3.69 -1.43
C THR A 23 5.24 -2.67 -0.36
N LEU A 24 3.96 -2.63 -0.01
CA LEU A 24 3.47 -1.72 1.01
C LEU A 24 3.55 -2.35 2.40
N ASN A 25 4.57 -1.98 3.15
CA ASN A 25 4.76 -2.51 4.50
C ASN A 25 4.96 -1.39 5.51
N ILE A 26 3.95 -1.16 6.34
CA ILE A 26 4.02 -0.11 7.35
C ILE A 26 5.24 -0.29 8.25
N SER A 27 5.92 0.81 8.55
CA SER A 27 7.10 0.78 9.40
C SER A 27 6.92 -0.21 10.55
N GLU A 28 5.95 0.08 11.41
CA GLU A 28 5.67 -0.77 12.56
C GLU A 28 4.96 -2.05 12.13
N SER A 29 5.60 -3.19 12.36
CA SER A 29 5.02 -4.47 11.98
C SER A 29 3.79 -4.79 12.83
N LEU A 30 2.78 -5.38 12.20
CA LEU A 30 1.55 -5.74 12.89
C LEU A 30 1.82 -6.14 14.33
N PRO A 31 0.84 -5.92 15.22
CA PRO A 31 0.95 -6.24 16.64
C PRO A 31 0.96 -7.75 16.89
N GLU A 32 1.27 -8.15 18.12
CA GLU A 32 1.32 -9.55 18.49
C GLU A 32 0.25 -10.34 17.73
N ASN A 33 -0.99 -9.85 17.79
CA ASN A 33 -2.11 -10.51 17.12
C ASN A 33 -3.20 -9.51 16.78
N TYR A 34 -3.58 -9.47 15.50
CA TYR A 34 -4.62 -8.55 15.05
C TYR A 34 -5.96 -9.27 14.92
N LYS A 35 -7.01 -8.49 14.69
CA LYS A 35 -8.35 -9.05 14.54
C LYS A 35 -8.84 -8.93 13.10
N GLN A 36 -8.47 -7.82 12.45
CA GLN A 36 -8.87 -7.59 11.06
C GLN A 36 -7.80 -6.80 10.32
N LEU A 37 -7.66 -7.09 9.03
CA LEU A 37 -6.67 -6.41 8.20
C LEU A 37 -7.28 -5.97 6.87
N THR A 38 -7.47 -4.67 6.72
CA THR A 38 -8.05 -4.12 5.50
C THR A 38 -7.10 -3.11 4.85
N TRP A 39 -7.10 -3.08 3.53
CA TRP A 39 -6.24 -2.16 2.78
C TRP A 39 -7.07 -1.19 1.95
N PHE A 40 -6.61 0.05 1.86
CA PHE A 40 -7.31 1.07 1.08
C PHE A 40 -6.44 1.60 -0.05
N TYR A 41 -7.04 1.82 -1.21
CA TYR A 41 -6.32 2.32 -2.37
C TYR A 41 -6.41 3.83 -2.45
N THR A 42 -7.55 4.38 -2.06
CA THR A 42 -7.77 5.82 -2.09
C THR A 42 -8.53 6.29 -0.85
N PHE A 43 -8.87 7.57 -0.83
CA PHE A 43 -9.61 8.15 0.30
C PHE A 43 -10.64 7.16 0.83
N ASP A 44 -11.63 6.84 0.02
CA ASP A 44 -12.67 5.91 0.42
C ASP A 44 -12.68 4.68 -0.50
N GLN A 45 -11.50 4.16 -0.80
CA GLN A 45 -11.38 2.99 -1.66
C GLN A 45 -10.73 1.83 -0.91
N LYS A 46 -11.25 0.63 -1.15
CA LYS A 46 -10.72 -0.56 -0.50
C LYS A 46 -10.17 -1.55 -1.53
N ILE A 47 -9.03 -2.15 -1.21
CA ILE A 47 -8.40 -3.12 -2.12
C ILE A 47 -8.78 -4.54 -1.74
N VAL A 48 -8.51 -4.90 -0.48
CA VAL A 48 -8.83 -6.24 0.01
C VAL A 48 -8.99 -6.25 1.52
N GLU A 49 -10.03 -6.94 2.00
CA GLU A 49 -10.30 -7.02 3.42
C GLU A 49 -10.10 -8.45 3.93
N TRP A 50 -9.02 -8.65 4.68
CA TRP A 50 -8.71 -9.97 5.23
C TRP A 50 -9.62 -10.29 6.40
N ASP A 51 -9.97 -11.57 6.53
CA ASP A 51 -10.84 -12.00 7.62
C ASP A 51 -10.06 -12.83 8.65
N SER A 52 -10.45 -12.71 9.91
CA SER A 52 -9.78 -13.43 10.99
C SER A 52 -9.43 -14.86 10.55
N ARG A 53 -10.18 -15.37 9.59
CA ARG A 53 -9.96 -16.71 9.07
C ARG A 53 -9.30 -16.68 7.70
N LYS A 54 -10.09 -16.35 6.68
CA LYS A 54 -9.59 -16.28 5.32
C LYS A 54 -9.67 -14.84 4.78
N SER A 55 -9.09 -14.62 3.61
CA SER A 55 -9.09 -13.30 2.99
C SER A 55 -10.32 -13.12 2.11
N LYS A 56 -10.71 -11.86 1.88
CA LYS A 56 -11.86 -11.55 1.05
C LYS A 56 -11.52 -10.47 0.03
N TYR A 57 -11.06 -10.89 -1.13
CA TYR A 57 -10.70 -9.95 -2.19
C TYR A 57 -11.93 -9.22 -2.72
N PHE A 58 -11.82 -7.91 -2.86
CA PHE A 58 -12.92 -7.10 -3.36
C PHE A 58 -12.89 -6.99 -4.89
N GLU A 59 -13.94 -7.47 -5.54
CA GLU A 59 -14.02 -7.43 -6.99
C GLU A 59 -13.36 -6.17 -7.54
N SER A 60 -12.17 -6.33 -8.11
CA SER A 60 -11.43 -5.20 -8.67
C SER A 60 -10.26 -5.68 -9.51
N LYS A 61 -9.82 -4.85 -10.46
CA LYS A 61 -8.72 -5.20 -11.33
C LYS A 61 -7.48 -5.56 -10.53
N PHE A 62 -7.46 -5.14 -9.26
CA PHE A 62 -6.33 -5.43 -8.38
C PHE A 62 -6.31 -6.89 -7.98
N LYS A 63 -7.49 -7.51 -7.91
CA LYS A 63 -7.61 -8.91 -7.54
C LYS A 63 -7.05 -9.81 -8.65
N GLY A 64 -6.22 -10.77 -8.26
CA GLY A 64 -5.65 -11.68 -9.22
C GLY A 64 -4.14 -11.52 -9.34
N ARG A 65 -3.67 -10.29 -9.21
CA ARG A 65 -2.24 -10.01 -9.31
C ARG A 65 -1.66 -9.61 -7.95
N VAL A 66 -2.42 -8.80 -7.21
CA VAL A 66 -1.98 -8.36 -5.89
C VAL A 66 -1.98 -9.51 -4.89
N ARG A 67 -1.16 -9.38 -3.86
CA ARG A 67 -1.07 -10.42 -2.84
C ARG A 67 -1.00 -9.81 -1.45
N LEU A 68 -1.86 -10.28 -0.55
CA LEU A 68 -1.91 -9.78 0.82
C LEU A 68 -1.36 -10.81 1.80
N ASP A 69 -0.36 -10.40 2.57
CA ASP A 69 0.25 -11.29 3.56
C ASP A 69 -0.28 -11.01 4.95
N PRO A 70 -1.14 -11.91 5.45
CA PRO A 70 -1.74 -11.78 6.78
C PRO A 70 -0.72 -11.98 7.90
N GLN A 71 0.52 -12.28 7.52
CA GLN A 71 1.59 -12.50 8.49
C GLN A 71 2.23 -11.18 8.89
N SER A 72 2.59 -10.38 7.91
CA SER A 72 3.23 -9.10 8.15
C SER A 72 2.28 -7.95 7.79
N GLY A 73 1.37 -8.20 6.86
CA GLY A 73 0.42 -7.19 6.45
C GLY A 73 0.95 -6.36 5.29
N ALA A 74 1.80 -6.95 4.47
CA ALA A 74 2.37 -6.25 3.32
C ALA A 74 1.57 -6.54 2.05
N LEU A 75 1.29 -5.49 1.28
CA LEU A 75 0.54 -5.64 0.04
C LEU A 75 1.43 -5.43 -1.17
N TYR A 76 1.72 -6.50 -1.89
CA TYR A 76 2.58 -6.44 -3.07
C TYR A 76 1.74 -6.30 -4.33
N ILE A 77 2.00 -5.25 -5.10
CA ILE A 77 1.26 -5.01 -6.34
C ILE A 77 2.17 -5.19 -7.55
N SER A 78 1.81 -6.13 -8.43
CA SER A 78 2.59 -6.41 -9.62
C SER A 78 2.06 -5.60 -10.80
N LYS A 79 2.96 -5.25 -11.72
CA LYS A 79 2.59 -4.48 -12.90
C LYS A 79 1.79 -3.25 -12.51
N VAL A 80 2.22 -2.57 -11.45
CA VAL A 80 1.54 -1.37 -10.98
C VAL A 80 1.35 -0.37 -12.12
N GLN A 81 0.67 0.73 -11.81
CA GLN A 81 0.42 1.77 -12.81
C GLN A 81 0.56 3.16 -12.20
N LYS A 82 0.93 4.14 -13.03
CA LYS A 82 1.10 5.50 -12.56
C LYS A 82 -0.11 5.96 -11.75
N GLU A 83 -1.26 5.34 -11.99
CA GLU A 83 -2.48 5.68 -11.29
C GLU A 83 -2.40 5.28 -9.82
N ASP A 84 -1.71 4.17 -9.56
CA ASP A 84 -1.55 3.67 -8.20
C ASP A 84 -1.09 4.78 -7.27
N ASN A 85 -0.30 5.71 -7.80
CA ASN A 85 0.20 6.83 -7.01
C ASN A 85 -0.93 7.52 -6.26
N SER A 86 -1.12 7.15 -5.00
CA SER A 86 -2.17 7.73 -4.18
C SER A 86 -1.88 7.54 -2.69
N THR A 87 -2.80 7.99 -1.85
CA THR A 87 -2.63 7.86 -0.40
C THR A 87 -3.28 6.58 0.11
N TYR A 88 -2.46 5.57 0.35
CA TYR A 88 -2.95 4.29 0.86
C TYR A 88 -3.23 4.37 2.36
N ILE A 89 -4.28 3.65 2.78
CA ILE A 89 -4.65 3.63 4.20
C ILE A 89 -4.93 2.21 4.67
N MET A 90 -3.97 1.63 5.38
CA MET A 90 -4.11 0.27 5.90
C MET A 90 -4.76 0.29 7.27
N ARG A 91 -6.00 -0.21 7.34
CA ARG A 91 -6.74 -0.25 8.59
C ARG A 91 -6.45 -1.55 9.34
N VAL A 92 -6.34 -1.45 10.66
CA VAL A 92 -6.07 -2.62 11.50
C VAL A 92 -6.87 -2.56 12.80
N LEU A 93 -7.38 -3.71 13.22
CA LEU A 93 -8.16 -3.79 14.45
C LEU A 93 -7.39 -4.53 15.54
N LYS A 94 -6.58 -3.78 16.28
CA LYS A 94 -5.78 -4.37 17.36
C LYS A 94 -6.68 -5.07 18.37
N LYS A 95 -6.20 -6.19 18.90
CA LYS A 95 -6.95 -6.96 19.89
C LYS A 95 -7.38 -6.08 21.05
N THR A 96 -6.76 -4.92 21.16
CA THR A 96 -7.09 -3.97 22.23
C THR A 96 -8.25 -3.07 21.83
N GLY A 97 -8.42 -2.88 20.53
CA GLY A 97 -9.49 -2.03 20.04
C GLY A 97 -9.01 -0.64 19.66
N ASN A 98 -7.90 -0.58 18.94
CA ASN A 98 -7.33 0.70 18.51
C ASN A 98 -7.90 1.11 17.16
N GLU A 99 -8.34 0.14 16.37
CA GLU A 99 -8.90 0.41 15.05
C GLU A 99 -8.20 1.60 14.41
N GLN A 100 -6.88 1.52 14.30
CA GLN A 100 -6.10 2.60 13.70
C GLN A 100 -5.59 2.19 12.32
N GLU A 101 -5.22 3.19 11.52
CA GLU A 101 -4.72 2.94 10.17
C GLU A 101 -3.45 3.74 9.91
N TRP A 102 -2.82 3.47 8.76
CA TRP A 102 -1.59 4.17 8.40
C TRP A 102 -1.80 5.00 7.13
N LYS A 103 -0.74 5.67 6.69
CA LYS A 103 -0.81 6.50 5.49
C LYS A 103 0.45 6.34 4.64
N ILE A 104 0.26 5.89 3.40
CA ILE A 104 1.38 5.70 2.49
C ILE A 104 1.10 6.32 1.12
N LYS A 105 1.75 7.44 0.85
CA LYS A 105 1.57 8.14 -0.42
C LYS A 105 2.47 7.55 -1.50
N LEU A 106 1.97 6.52 -2.17
CA LEU A 106 2.74 5.86 -3.23
C LEU A 106 3.08 6.84 -4.34
N GLN A 107 4.34 6.81 -4.78
CA GLN A 107 4.80 7.70 -5.84
C GLN A 107 5.40 6.91 -6.99
N VAL A 108 4.69 6.87 -8.11
CA VAL A 108 5.16 6.14 -9.29
C VAL A 108 5.86 7.07 -10.26
N LEU A 109 6.90 6.55 -10.92
CA LEU A 109 7.66 7.34 -11.88
C LEU A 109 7.70 6.65 -13.24
N ASP A 110 8.02 7.41 -14.29
CA ASP A 110 8.09 6.87 -15.63
C ASP A 110 9.47 6.28 -15.91
N PRO A 111 9.51 4.96 -16.18
CA PRO A 111 10.76 4.25 -16.46
C PRO A 111 11.36 4.64 -17.81
N VAL A 112 10.53 4.59 -18.85
CA VAL A 112 10.97 4.94 -20.20
C VAL A 112 9.85 5.59 -21.00
N PRO A 113 10.19 6.67 -21.73
CA PRO A 113 9.22 7.40 -22.55
C PRO A 113 8.78 6.59 -23.77
N LYS A 114 8.07 7.25 -24.68
CA LYS A 114 7.58 6.61 -25.88
C LYS A 114 8.65 6.59 -26.97
N PRO A 115 9.01 5.39 -27.44
CA PRO A 115 10.02 5.22 -28.48
C PRO A 115 9.54 5.72 -29.85
N VAL A 116 10.50 6.09 -30.69
CA VAL A 116 10.17 6.60 -32.02
C VAL A 116 9.52 5.51 -32.87
N ILE A 117 8.19 5.57 -32.97
CA ILE A 117 7.44 4.60 -33.76
C ILE A 117 7.66 4.81 -35.25
N LYS A 118 8.37 3.88 -35.87
CA LYS A 118 8.65 3.96 -37.31
C LYS A 118 8.56 2.58 -37.95
N ILE A 119 8.61 2.55 -39.28
CA ILE A 119 8.54 1.30 -40.02
C ILE A 119 9.71 1.17 -40.99
N GLU A 120 10.01 -0.07 -41.39
CA GLU A 120 11.10 -0.33 -42.31
C GLU A 120 10.65 -1.24 -43.44
N LYS A 121 10.53 -0.67 -44.63
CA LYS A 121 10.11 -1.43 -45.81
C LYS A 121 10.97 -1.10 -47.02
N GLY A 1 4.91 13.34 9.45
CA GLY A 1 5.57 13.90 10.61
C GLY A 1 5.50 12.99 11.81
N SER A 2 6.65 12.72 12.42
CA SER A 2 6.72 11.86 13.59
C SER A 2 6.26 12.59 14.84
N SER A 3 5.15 12.12 15.43
CA SER A 3 4.61 12.73 16.63
C SER A 3 3.44 11.91 17.18
N GLY A 4 3.08 12.17 18.43
CA GLY A 4 1.98 11.46 19.05
C GLY A 4 0.82 12.36 19.41
N SER A 5 -0.33 12.12 18.79
CA SER A 5 -1.52 12.92 19.05
C SER A 5 -2.77 12.19 18.57
N SER A 6 -3.90 12.48 19.23
CA SER A 6 -5.17 11.85 18.87
C SER A 6 -5.64 12.32 17.51
N GLY A 7 -5.10 11.73 16.45
CA GLY A 7 -5.49 12.11 15.11
C GLY A 7 -4.30 12.55 14.26
N GLN A 8 -4.52 12.72 12.96
CA GLN A 8 -3.47 13.13 12.06
C GLN A 8 -2.28 12.16 12.11
N GLY A 9 -2.59 10.87 12.10
CA GLY A 9 -1.54 9.87 12.15
C GLY A 9 -0.41 10.16 11.20
N HIS A 10 0.76 9.57 11.46
CA HIS A 10 1.93 9.78 10.62
C HIS A 10 1.62 9.45 9.16
N LEU A 11 2.32 10.12 8.25
CA LEU A 11 2.11 9.90 6.82
C LEU A 11 3.40 9.42 6.16
N VAL A 12 3.34 8.25 5.53
CA VAL A 12 4.49 7.69 4.84
C VAL A 12 4.52 8.10 3.38
N HIS A 13 5.71 8.45 2.89
CA HIS A 13 5.88 8.87 1.51
C HIS A 13 6.90 7.98 0.80
N MET A 14 6.41 7.01 0.03
CA MET A 14 7.30 6.11 -0.70
C MET A 14 7.36 6.48 -2.18
N THR A 15 8.30 5.89 -2.90
CA THR A 15 8.46 6.16 -4.33
C THR A 15 9.15 5.00 -5.03
N VAL A 16 8.55 4.55 -6.14
CA VAL A 16 9.11 3.44 -6.90
C VAL A 16 8.89 3.66 -8.40
N VAL A 17 9.57 2.85 -9.21
CA VAL A 17 9.45 2.95 -10.66
C VAL A 17 8.22 2.22 -11.17
N SER A 18 7.64 2.72 -12.25
CA SER A 18 6.44 2.12 -12.83
C SER A 18 6.76 0.74 -13.38
N GLY A 19 5.77 -0.16 -13.32
CA GLY A 19 5.96 -1.51 -13.81
C GLY A 19 6.92 -2.31 -12.96
N SER A 20 6.97 -2.00 -11.68
CA SER A 20 7.86 -2.69 -10.75
C SER A 20 7.09 -3.18 -9.52
N ASN A 21 7.38 -4.40 -9.10
CA ASN A 21 6.73 -4.98 -7.93
C ASN A 21 6.98 -4.14 -6.69
N VAL A 22 5.90 -3.66 -6.09
CA VAL A 22 6.00 -2.84 -4.88
C VAL A 22 5.62 -3.64 -3.64
N THR A 23 6.06 -3.17 -2.48
CA THR A 23 5.78 -3.83 -1.22
C THR A 23 5.34 -2.83 -0.15
N LEU A 24 4.04 -2.60 -0.05
CA LEU A 24 3.50 -1.66 0.93
C LEU A 24 3.47 -2.29 2.33
N ASN A 25 4.50 -2.02 3.12
CA ASN A 25 4.59 -2.56 4.47
C ASN A 25 4.57 -1.44 5.49
N ILE A 26 3.73 -1.59 6.51
CA ILE A 26 3.62 -0.59 7.56
C ILE A 26 4.85 -0.59 8.47
N SER A 27 5.58 0.52 8.48
CA SER A 27 6.78 0.63 9.29
C SER A 27 6.53 0.11 10.71
N GLU A 28 5.36 0.42 11.26
CA GLU A 28 5.00 -0.02 12.60
C GLU A 28 4.56 -1.48 12.58
N SER A 29 5.48 -2.38 12.91
CA SER A 29 5.19 -3.80 12.93
C SER A 29 3.76 -4.05 13.43
N LEU A 30 3.05 -4.95 12.74
CA LEU A 30 1.68 -5.28 13.11
C LEU A 30 1.54 -5.42 14.62
N PRO A 31 0.30 -5.29 15.12
CA PRO A 31 0.00 -5.39 16.55
C PRO A 31 0.16 -6.82 17.07
N GLU A 32 -0.28 -7.05 18.30
CA GLU A 32 -0.19 -8.37 18.92
C GLU A 32 -1.36 -9.24 18.50
N ASN A 33 -1.13 -10.10 17.51
CA ASN A 33 -2.16 -10.99 17.01
C ASN A 33 -3.32 -10.21 16.41
N TYR A 34 -3.01 -9.34 15.46
CA TYR A 34 -4.03 -8.52 14.80
C TYR A 34 -5.30 -9.33 14.56
N LYS A 35 -6.43 -8.63 14.50
CA LYS A 35 -7.72 -9.27 14.27
C LYS A 35 -8.20 -9.05 12.85
N GLN A 36 -8.19 -7.79 12.42
CA GLN A 36 -8.62 -7.44 11.07
C GLN A 36 -7.51 -6.73 10.31
N LEU A 37 -7.33 -7.11 9.05
CA LEU A 37 -6.30 -6.50 8.21
C LEU A 37 -6.85 -6.16 6.83
N THR A 38 -7.23 -4.90 6.65
CA THR A 38 -7.78 -4.44 5.37
C THR A 38 -6.86 -3.42 4.72
N TRP A 39 -6.99 -3.27 3.41
CA TRP A 39 -6.17 -2.32 2.66
C TRP A 39 -7.04 -1.39 1.83
N PHE A 40 -6.78 -0.10 1.93
CA PHE A 40 -7.53 0.91 1.19
C PHE A 40 -6.70 1.48 0.04
N TYR A 41 -7.29 1.50 -1.16
CA TYR A 41 -6.59 2.01 -2.33
C TYR A 41 -6.68 3.54 -2.38
N THR A 42 -7.78 4.08 -1.87
CA THR A 42 -7.99 5.52 -1.86
C THR A 42 -8.86 5.94 -0.68
N PHE A 43 -9.20 7.23 -0.63
CA PHE A 43 -10.03 7.76 0.45
C PHE A 43 -11.08 6.74 0.87
N ASP A 44 -12.03 6.48 -0.01
CA ASP A 44 -13.10 5.53 0.28
C ASP A 44 -13.01 4.32 -0.64
N GLN A 45 -11.79 3.82 -0.84
CA GLN A 45 -11.57 2.67 -1.70
C GLN A 45 -10.92 1.52 -0.92
N LYS A 46 -11.29 0.30 -1.27
CA LYS A 46 -10.74 -0.88 -0.60
C LYS A 46 -10.06 -1.80 -1.61
N ILE A 47 -9.14 -2.63 -1.12
CA ILE A 47 -8.42 -3.57 -1.98
C ILE A 47 -8.65 -5.01 -1.53
N VAL A 48 -8.72 -5.21 -0.22
CA VAL A 48 -8.94 -6.54 0.33
C VAL A 48 -9.12 -6.48 1.85
N GLU A 49 -10.07 -7.27 2.35
CA GLU A 49 -10.34 -7.30 3.79
C GLU A 49 -9.94 -8.65 4.38
N TRP A 50 -9.40 -8.63 5.59
CA TRP A 50 -8.99 -9.85 6.26
C TRP A 50 -9.47 -9.87 7.72
N ASP A 51 -10.05 -10.99 8.13
CA ASP A 51 -10.55 -11.13 9.49
C ASP A 51 -10.04 -12.41 10.13
N SER A 52 -8.72 -12.47 10.33
CA SER A 52 -8.10 -13.65 10.94
C SER A 52 -8.77 -14.93 10.45
N ARG A 53 -9.34 -14.88 9.25
CA ARG A 53 -10.01 -16.03 8.67
C ARG A 53 -9.62 -16.21 7.21
N LYS A 54 -10.16 -15.36 6.35
CA LYS A 54 -9.86 -15.43 4.91
C LYS A 54 -9.86 -14.03 4.29
N SER A 55 -9.16 -13.89 3.17
CA SER A 55 -9.07 -12.61 2.48
C SER A 55 -10.32 -12.36 1.65
N LYS A 56 -10.77 -11.10 1.61
CA LYS A 56 -11.95 -10.73 0.85
C LYS A 56 -11.61 -9.71 -0.23
N TYR A 57 -11.22 -10.20 -1.40
CA TYR A 57 -10.86 -9.34 -2.51
C TYR A 57 -12.09 -8.65 -3.09
N PHE A 58 -12.07 -7.32 -3.09
CA PHE A 58 -13.19 -6.53 -3.62
C PHE A 58 -12.94 -6.14 -5.07
N GLU A 59 -14.01 -6.09 -5.85
CA GLU A 59 -13.92 -5.73 -7.26
C GLU A 59 -12.85 -4.67 -7.48
N SER A 60 -11.76 -5.05 -8.14
CA SER A 60 -10.66 -4.14 -8.42
C SER A 60 -9.64 -4.79 -9.35
N LYS A 61 -9.16 -4.01 -10.32
CA LYS A 61 -8.18 -4.50 -11.28
C LYS A 61 -7.05 -5.25 -10.57
N PHE A 62 -6.57 -4.68 -9.47
CA PHE A 62 -5.49 -5.29 -8.71
C PHE A 62 -5.82 -6.73 -8.37
N LYS A 63 -7.09 -6.99 -8.05
CA LYS A 63 -7.54 -8.33 -7.70
C LYS A 63 -7.08 -9.35 -8.75
N GLY A 64 -6.15 -10.22 -8.35
CA GLY A 64 -5.64 -11.22 -9.27
C GLY A 64 -4.13 -11.24 -9.33
N ARG A 65 -3.52 -10.06 -9.26
CA ARG A 65 -2.06 -9.95 -9.32
C ARG A 65 -1.49 -9.70 -7.92
N VAL A 66 -2.08 -8.76 -7.20
CA VAL A 66 -1.63 -8.42 -5.86
C VAL A 66 -1.68 -9.64 -4.95
N ARG A 67 -1.14 -9.49 -3.74
CA ARG A 67 -1.12 -10.59 -2.77
C ARG A 67 -0.90 -10.05 -1.36
N LEU A 68 -1.85 -10.33 -0.48
CA LEU A 68 -1.78 -9.87 0.91
C LEU A 68 -1.01 -10.89 1.76
N ASP A 69 -0.03 -10.40 2.51
CA ASP A 69 0.78 -11.25 3.38
C ASP A 69 0.30 -11.17 4.82
N PRO A 70 -0.38 -12.23 5.28
CA PRO A 70 -0.91 -12.29 6.65
C PRO A 70 0.20 -12.43 7.68
N GLN A 71 1.44 -12.54 7.21
CA GLN A 71 2.59 -12.68 8.10
C GLN A 71 3.14 -11.31 8.50
N SER A 72 3.33 -10.45 7.51
CA SER A 72 3.86 -9.11 7.75
C SER A 72 2.77 -8.06 7.56
N GLY A 73 1.83 -8.34 6.66
CA GLY A 73 0.75 -7.41 6.39
C GLY A 73 1.10 -6.40 5.33
N ALA A 74 1.91 -6.81 4.36
CA ALA A 74 2.32 -5.94 3.28
C ALA A 74 1.65 -6.32 1.96
N LEU A 75 1.13 -5.34 1.25
CA LEU A 75 0.47 -5.58 -0.03
C LEU A 75 1.46 -5.48 -1.19
N TYR A 76 1.68 -6.60 -1.86
CA TYR A 76 2.60 -6.64 -2.99
C TYR A 76 1.85 -6.48 -4.32
N ILE A 77 2.16 -5.41 -5.04
CA ILE A 77 1.52 -5.16 -6.32
C ILE A 77 2.43 -5.51 -7.48
N SER A 78 1.84 -5.95 -8.59
CA SER A 78 2.61 -6.33 -9.77
C SER A 78 2.27 -5.42 -10.95
N LYS A 79 3.27 -5.12 -11.77
CA LYS A 79 3.08 -4.27 -12.94
C LYS A 79 2.21 -3.06 -12.59
N VAL A 80 2.54 -2.42 -11.48
CA VAL A 80 1.81 -1.24 -11.04
C VAL A 80 1.59 -0.26 -12.20
N GLN A 81 0.82 0.79 -11.93
CA GLN A 81 0.54 1.80 -12.95
C GLN A 81 0.56 3.20 -12.34
N LYS A 82 1.04 4.17 -13.12
CA LYS A 82 1.10 5.55 -12.66
C LYS A 82 -0.14 5.91 -11.85
N GLU A 83 -1.30 5.49 -12.33
CA GLU A 83 -2.56 5.78 -11.64
C GLU A 83 -2.50 5.30 -10.20
N ASP A 84 -1.94 4.12 -9.99
CA ASP A 84 -1.83 3.56 -8.64
C ASP A 84 -1.45 4.64 -7.63
N ASN A 85 -0.59 5.56 -8.05
CA ASN A 85 -0.15 6.64 -7.18
C ASN A 85 -1.34 7.25 -6.42
N SER A 86 -1.46 6.90 -5.15
CA SER A 86 -2.55 7.41 -4.32
C SER A 86 -2.21 7.25 -2.84
N THR A 87 -3.07 7.81 -1.99
CA THR A 87 -2.87 7.72 -0.54
C THR A 87 -3.45 6.43 0.03
N TYR A 88 -2.61 5.43 0.18
CA TYR A 88 -3.04 4.14 0.70
C TYR A 88 -3.28 4.22 2.21
N ILE A 89 -4.30 3.51 2.68
CA ILE A 89 -4.64 3.50 4.10
C ILE A 89 -4.91 2.08 4.59
N MET A 90 -3.97 1.52 5.34
CA MET A 90 -4.12 0.17 5.87
C MET A 90 -4.77 0.21 7.25
N ARG A 91 -5.99 -0.31 7.34
CA ARG A 91 -6.72 -0.34 8.60
C ARG A 91 -6.56 -1.70 9.29
N VAL A 92 -6.21 -1.66 10.56
CA VAL A 92 -6.02 -2.89 11.34
C VAL A 92 -6.78 -2.82 12.66
N LEU A 93 -7.28 -3.97 13.10
CA LEU A 93 -8.02 -4.04 14.35
C LEU A 93 -7.18 -4.71 15.44
N LYS A 94 -6.78 -3.93 16.44
CA LYS A 94 -5.98 -4.43 17.54
C LYS A 94 -6.80 -5.38 18.42
N LYS A 95 -6.19 -6.48 18.84
CA LYS A 95 -6.87 -7.46 19.69
C LYS A 95 -7.41 -6.79 20.95
N THR A 96 -6.63 -5.87 21.51
CA THR A 96 -7.03 -5.16 22.72
C THR A 96 -8.40 -4.52 22.55
N GLY A 97 -8.71 -4.10 21.34
CA GLY A 97 -9.99 -3.48 21.06
C GLY A 97 -9.85 -2.04 20.60
N ASN A 98 -9.05 -1.83 19.56
CA ASN A 98 -8.82 -0.50 19.02
C ASN A 98 -8.85 -0.53 17.48
N GLU A 99 -8.81 0.66 16.88
CA GLU A 99 -8.83 0.77 15.42
C GLU A 99 -7.79 1.79 14.95
N GLN A 100 -6.75 1.29 14.28
CA GLN A 100 -5.69 2.15 13.79
C GLN A 100 -5.64 2.12 12.25
N GLU A 101 -5.01 3.14 11.67
CA GLU A 101 -4.91 3.23 10.22
C GLU A 101 -3.65 3.99 9.81
N TRP A 102 -2.91 3.42 8.87
CA TRP A 102 -1.67 4.03 8.39
C TRP A 102 -1.91 4.79 7.09
N LYS A 103 -0.88 5.47 6.60
CA LYS A 103 -0.97 6.23 5.36
C LYS A 103 0.30 6.06 4.52
N ILE A 104 0.12 5.78 3.24
CA ILE A 104 1.25 5.61 2.34
C ILE A 104 0.99 6.27 0.99
N LYS A 105 1.65 7.41 0.76
CA LYS A 105 1.48 8.14 -0.49
C LYS A 105 2.39 7.58 -1.58
N LEU A 106 1.91 6.53 -2.25
CA LEU A 106 2.68 5.89 -3.31
C LEU A 106 3.03 6.89 -4.41
N GLN A 107 4.27 6.81 -4.90
CA GLN A 107 4.73 7.71 -5.95
C GLN A 107 5.43 6.94 -7.06
N VAL A 108 4.81 6.88 -8.23
CA VAL A 108 5.39 6.17 -9.37
C VAL A 108 6.20 7.12 -10.25
N LEU A 109 7.30 6.61 -10.80
CA LEU A 109 8.17 7.41 -11.66
C LEU A 109 8.36 6.72 -13.01
N ASP A 110 8.92 7.46 -13.96
CA ASP A 110 9.16 6.94 -15.30
C ASP A 110 10.46 6.13 -15.34
N PRO A 111 10.38 4.93 -15.92
CA PRO A 111 11.53 4.03 -16.04
C PRO A 111 12.57 4.55 -17.03
N VAL A 112 12.11 4.91 -18.22
CA VAL A 112 12.99 5.41 -19.26
C VAL A 112 13.20 6.92 -19.12
N PRO A 113 14.47 7.36 -19.19
CA PRO A 113 14.83 8.77 -19.06
C PRO A 113 14.38 9.58 -20.26
N LYS A 114 14.85 10.83 -20.34
CA LYS A 114 14.50 11.71 -21.44
C LYS A 114 15.63 11.80 -22.47
N PRO A 115 15.26 11.95 -23.75
CA PRO A 115 16.23 12.04 -24.84
C PRO A 115 17.02 13.35 -24.81
N VAL A 116 18.05 13.44 -25.64
CA VAL A 116 18.89 14.64 -25.71
C VAL A 116 18.50 15.51 -26.89
N ILE A 117 17.51 16.38 -26.67
CA ILE A 117 17.04 17.28 -27.73
C ILE A 117 18.11 18.31 -28.08
N LYS A 118 18.67 18.18 -29.28
CA LYS A 118 19.70 19.11 -29.73
C LYS A 118 19.51 19.43 -31.21
N ILE A 119 19.87 20.66 -31.59
CA ILE A 119 19.74 21.10 -32.98
C ILE A 119 21.07 21.03 -33.71
N GLU A 120 21.02 20.66 -34.98
CA GLU A 120 22.24 20.55 -35.79
C GLU A 120 21.99 21.07 -37.21
N LYS A 121 22.92 21.88 -37.70
CA LYS A 121 22.81 22.44 -39.04
C LYS A 121 23.24 21.43 -40.10
N GLY A 1 -9.28 23.27 29.54
CA GLY A 1 -8.63 22.10 28.98
C GLY A 1 -7.72 22.45 27.82
N SER A 2 -6.83 21.51 27.47
CA SER A 2 -5.90 21.72 26.36
C SER A 2 -5.71 20.45 25.55
N SER A 3 -5.64 20.60 24.24
CA SER A 3 -5.48 19.46 23.34
C SER A 3 -4.58 19.82 22.16
N GLY A 4 -4.26 18.82 21.34
CA GLY A 4 -3.41 19.05 20.20
C GLY A 4 -3.88 18.29 18.96
N SER A 5 -2.95 17.60 18.32
CA SER A 5 -3.27 16.83 17.11
C SER A 5 -2.95 15.35 17.31
N SER A 6 -3.76 14.49 16.71
CA SER A 6 -3.57 13.05 16.82
C SER A 6 -2.32 12.61 16.07
N GLY A 7 -1.98 11.33 16.18
CA GLY A 7 -0.82 10.80 15.50
C GLY A 7 -1.01 9.38 15.02
N GLN A 8 -1.86 9.21 14.01
CA GLN A 8 -2.15 7.89 13.46
C GLN A 8 -1.18 7.56 12.33
N GLY A 9 -0.16 6.77 12.64
CA GLY A 9 0.82 6.39 11.64
C GLY A 9 1.45 7.60 10.95
N HIS A 10 2.70 7.87 11.27
CA HIS A 10 3.43 8.99 10.68
C HIS A 10 3.28 9.00 9.17
N LEU A 11 2.92 10.15 8.61
CA LEU A 11 2.75 10.28 7.17
C LEU A 11 3.95 9.70 6.42
N VAL A 12 3.68 8.74 5.53
CA VAL A 12 4.74 8.10 4.76
C VAL A 12 4.54 8.34 3.26
N HIS A 13 5.64 8.59 2.56
CA HIS A 13 5.57 8.84 1.12
C HIS A 13 6.48 7.87 0.37
N MET A 14 5.88 6.90 -0.31
CA MET A 14 6.62 5.91 -1.07
C MET A 14 6.99 6.44 -2.45
N THR A 15 7.94 5.78 -3.11
CA THR A 15 8.38 6.19 -4.43
C THR A 15 8.97 5.01 -5.20
N VAL A 16 8.23 4.51 -6.19
CA VAL A 16 8.68 3.40 -7.00
C VAL A 16 8.52 3.69 -8.49
N VAL A 17 9.05 2.80 -9.32
CA VAL A 17 8.97 2.96 -10.77
C VAL A 17 7.84 2.10 -11.34
N SER A 18 7.28 2.56 -12.46
CA SER A 18 6.19 1.83 -13.11
C SER A 18 6.69 0.51 -13.69
N GLY A 19 5.91 -0.54 -13.50
CA GLY A 19 6.28 -1.85 -14.00
C GLY A 19 7.22 -2.59 -13.06
N SER A 20 7.21 -2.19 -11.79
CA SER A 20 8.07 -2.81 -10.79
C SER A 20 7.25 -3.31 -9.60
N ASN A 21 7.72 -4.38 -8.97
CA ASN A 21 7.02 -4.95 -7.82
C ASN A 21 7.19 -4.07 -6.59
N VAL A 22 6.07 -3.69 -5.98
CA VAL A 22 6.09 -2.84 -4.79
C VAL A 22 5.58 -3.62 -3.57
N THR A 23 6.02 -3.18 -2.40
CA THR A 23 5.62 -3.83 -1.15
C THR A 23 5.16 -2.80 -0.12
N LEU A 24 3.85 -2.60 -0.04
CA LEU A 24 3.28 -1.64 0.90
C LEU A 24 3.36 -2.17 2.33
N ASN A 25 4.38 -1.74 3.06
CA ASN A 25 4.58 -2.17 4.45
C ASN A 25 4.70 -0.97 5.37
N ILE A 26 3.83 -0.90 6.37
CA ILE A 26 3.84 0.21 7.32
C ILE A 26 5.09 0.15 8.19
N SER A 27 5.75 1.29 8.35
CA SER A 27 6.96 1.39 9.15
C SER A 27 6.76 0.71 10.51
N GLU A 28 5.59 0.93 11.10
CA GLU A 28 5.28 0.36 12.40
C GLU A 28 4.82 -1.09 12.25
N SER A 29 5.77 -2.01 12.32
CA SER A 29 5.48 -3.44 12.18
C SER A 29 4.25 -3.81 13.01
N LEU A 30 3.36 -4.60 12.41
CA LEU A 30 2.14 -5.03 13.09
C LEU A 30 2.46 -5.64 14.44
N PRO A 31 1.48 -5.57 15.37
CA PRO A 31 1.64 -6.12 16.73
C PRO A 31 1.69 -7.64 16.74
N GLU A 32 1.96 -8.20 17.91
CA GLU A 32 2.03 -9.65 18.05
C GLU A 32 1.02 -10.35 17.14
N ASN A 33 -0.25 -10.00 17.31
CA ASN A 33 -1.32 -10.59 16.52
C ASN A 33 -2.50 -9.63 16.40
N TYR A 34 -2.95 -9.40 15.17
CA TYR A 34 -4.07 -8.51 14.92
C TYR A 34 -5.35 -9.29 14.65
N LYS A 35 -6.48 -8.60 14.66
CA LYS A 35 -7.76 -9.24 14.40
C LYS A 35 -8.05 -9.33 12.90
N GLN A 36 -7.91 -8.20 12.21
CA GLN A 36 -8.14 -8.16 10.77
C GLN A 36 -7.23 -7.15 10.10
N LEU A 37 -6.90 -7.39 8.84
CA LEU A 37 -6.04 -6.49 8.08
C LEU A 37 -6.73 -5.99 6.82
N THR A 38 -7.27 -4.77 6.89
CA THR A 38 -7.96 -4.18 5.76
C THR A 38 -7.08 -3.15 5.06
N TRP A 39 -7.19 -3.09 3.74
CA TRP A 39 -6.40 -2.15 2.94
C TRP A 39 -7.31 -1.21 2.15
N PHE A 40 -6.91 0.05 2.06
CA PHE A 40 -7.68 1.05 1.32
C PHE A 40 -6.82 1.77 0.30
N TYR A 41 -7.32 1.86 -0.93
CA TYR A 41 -6.59 2.52 -2.00
C TYR A 41 -6.73 4.04 -1.91
N THR A 42 -7.91 4.50 -1.52
CA THR A 42 -8.18 5.93 -1.38
C THR A 42 -8.91 6.23 -0.08
N PHE A 43 -9.35 7.47 0.07
CA PHE A 43 -10.06 7.89 1.27
C PHE A 43 -11.38 7.14 1.40
N ASP A 44 -12.05 6.91 0.27
CA ASP A 44 -13.32 6.20 0.26
C ASP A 44 -13.26 5.00 -0.68
N GLN A 45 -12.10 4.36 -0.75
CA GLN A 45 -11.91 3.20 -1.62
C GLN A 45 -11.25 2.06 -0.86
N LYS A 46 -11.64 0.82 -1.18
CA LYS A 46 -11.09 -0.35 -0.53
C LYS A 46 -10.42 -1.28 -1.56
N ILE A 47 -9.52 -2.13 -1.08
CA ILE A 47 -8.82 -3.06 -1.95
C ILE A 47 -9.09 -4.50 -1.53
N VAL A 48 -8.95 -4.78 -0.24
CA VAL A 48 -9.18 -6.12 0.28
C VAL A 48 -9.40 -6.09 1.79
N GLU A 49 -10.22 -7.00 2.30
CA GLU A 49 -10.52 -7.07 3.72
C GLU A 49 -10.05 -8.41 4.30
N TRP A 50 -8.87 -8.41 4.90
CA TRP A 50 -8.32 -9.62 5.50
C TRP A 50 -8.70 -9.72 6.97
N ASP A 51 -8.88 -10.94 7.46
CA ASP A 51 -9.24 -11.17 8.84
C ASP A 51 -8.22 -12.08 9.53
N SER A 52 -8.12 -13.31 9.05
CA SER A 52 -7.18 -14.28 9.62
C SER A 52 -6.43 -15.02 8.51
N ARG A 53 -7.12 -15.94 7.85
CA ARG A 53 -6.51 -16.72 6.78
C ARG A 53 -7.22 -16.46 5.45
N LYS A 54 -8.52 -16.22 5.53
CA LYS A 54 -9.32 -15.96 4.33
C LYS A 54 -9.25 -14.48 3.94
N SER A 55 -9.15 -14.22 2.64
CA SER A 55 -9.07 -12.85 2.15
C SER A 55 -10.34 -12.46 1.41
N LYS A 56 -10.68 -11.19 1.46
CA LYS A 56 -11.88 -10.69 0.78
C LYS A 56 -11.54 -9.52 -0.13
N TYR A 57 -11.26 -9.82 -1.39
CA TYR A 57 -10.91 -8.80 -2.36
C TYR A 57 -12.17 -8.15 -2.94
N PHE A 58 -12.68 -7.14 -2.24
CA PHE A 58 -13.88 -6.44 -2.68
C PHE A 58 -13.88 -6.27 -4.20
N GLU A 59 -13.10 -5.31 -4.68
CA GLU A 59 -13.01 -5.05 -6.12
C GLU A 59 -11.98 -3.95 -6.41
N SER A 60 -11.02 -4.28 -7.26
CA SER A 60 -9.97 -3.33 -7.62
C SER A 60 -9.06 -3.91 -8.70
N LYS A 61 -8.61 -3.05 -9.61
CA LYS A 61 -7.74 -3.47 -10.71
C LYS A 61 -6.64 -4.39 -10.18
N PHE A 62 -6.11 -4.07 -9.00
CA PHE A 62 -5.05 -4.86 -8.39
C PHE A 62 -5.52 -6.27 -8.10
N LYS A 63 -6.79 -6.40 -7.75
CA LYS A 63 -7.38 -7.70 -7.44
C LYS A 63 -7.03 -8.73 -8.51
N GLY A 64 -6.15 -9.66 -8.18
CA GLY A 64 -5.75 -10.68 -9.12
C GLY A 64 -4.25 -10.87 -9.17
N ARG A 65 -3.51 -9.77 -9.12
CA ARG A 65 -2.05 -9.82 -9.16
C ARG A 65 -1.47 -9.62 -7.76
N VAL A 66 -2.04 -8.69 -7.01
CA VAL A 66 -1.58 -8.41 -5.66
C VAL A 66 -1.69 -9.64 -4.76
N ARG A 67 -1.10 -9.56 -3.58
CA ARG A 67 -1.14 -10.66 -2.63
C ARG A 67 -0.85 -10.17 -1.21
N LEU A 68 -1.89 -10.14 -0.39
CA LEU A 68 -1.75 -9.70 1.00
C LEU A 68 -1.12 -10.78 1.87
N ASP A 69 0.00 -10.45 2.50
CA ASP A 69 0.68 -11.41 3.36
C ASP A 69 0.30 -11.20 4.83
N PRO A 70 -0.46 -12.15 5.39
CA PRO A 70 -0.90 -12.09 6.78
C PRO A 70 0.24 -12.28 7.77
N GLN A 71 1.44 -12.51 7.24
CA GLN A 71 2.62 -12.71 8.08
C GLN A 71 3.22 -11.37 8.50
N SER A 72 3.28 -10.44 7.55
CA SER A 72 3.84 -9.12 7.81
C SER A 72 2.80 -8.03 7.56
N GLY A 73 1.90 -8.28 6.61
CA GLY A 73 0.88 -7.31 6.29
C GLY A 73 1.27 -6.40 5.15
N ALA A 74 2.13 -6.90 4.26
CA ALA A 74 2.58 -6.12 3.12
C ALA A 74 1.87 -6.54 1.84
N LEU A 75 1.31 -5.57 1.13
CA LEU A 75 0.59 -5.84 -0.12
C LEU A 75 1.53 -5.75 -1.31
N TYR A 76 1.98 -6.90 -1.79
CA TYR A 76 2.88 -6.96 -2.95
C TYR A 76 2.13 -6.68 -4.24
N ILE A 77 2.50 -5.59 -4.90
CA ILE A 77 1.86 -5.20 -6.16
C ILE A 77 2.77 -5.51 -7.34
N SER A 78 2.30 -6.38 -8.23
CA SER A 78 3.06 -6.76 -9.41
C SER A 78 2.72 -5.86 -10.60
N LYS A 79 3.70 -5.61 -11.45
CA LYS A 79 3.50 -4.77 -12.63
C LYS A 79 2.71 -3.52 -12.27
N VAL A 80 3.14 -2.83 -11.21
CA VAL A 80 2.47 -1.61 -10.76
C VAL A 80 2.27 -0.64 -11.92
N GLN A 81 1.59 0.46 -11.64
CA GLN A 81 1.32 1.47 -12.67
C GLN A 81 1.16 2.85 -12.04
N LYS A 82 1.37 3.89 -12.84
CA LYS A 82 1.25 5.27 -12.36
C LYS A 82 0.05 5.41 -11.43
N GLU A 83 -1.10 4.91 -11.87
CA GLU A 83 -2.32 4.98 -11.06
C GLU A 83 -2.04 4.59 -9.62
N ASP A 84 -1.27 3.51 -9.44
CA ASP A 84 -0.94 3.04 -8.11
C ASP A 84 -0.75 4.20 -7.13
N ASN A 85 -0.10 5.26 -7.61
CA ASN A 85 0.16 6.44 -6.78
C ASN A 85 -1.12 6.90 -6.10
N SER A 86 -1.15 6.80 -4.77
CA SER A 86 -2.31 7.21 -4.00
C SER A 86 -2.03 7.08 -2.50
N THR A 87 -2.88 7.71 -1.69
CA THR A 87 -2.74 7.67 -0.24
C THR A 87 -3.33 6.39 0.33
N TYR A 88 -2.51 5.34 0.39
CA TYR A 88 -2.95 4.06 0.93
C TYR A 88 -3.19 4.14 2.43
N ILE A 89 -4.32 3.59 2.87
CA ILE A 89 -4.67 3.61 4.28
C ILE A 89 -4.95 2.20 4.80
N MET A 90 -3.95 1.60 5.44
CA MET A 90 -4.08 0.25 5.97
C MET A 90 -4.85 0.27 7.30
N ARG A 91 -6.06 -0.27 7.29
CA ARG A 91 -6.89 -0.32 8.48
C ARG A 91 -6.77 -1.68 9.17
N VAL A 92 -6.28 -1.66 10.41
CA VAL A 92 -6.11 -2.89 11.18
C VAL A 92 -6.85 -2.80 12.51
N LEU A 93 -7.55 -3.86 12.86
CA LEU A 93 -8.30 -3.91 14.12
C LEU A 93 -7.46 -4.51 15.24
N LYS A 94 -6.99 -3.66 16.15
CA LYS A 94 -6.18 -4.10 17.26
C LYS A 94 -6.94 -5.11 18.13
N LYS A 95 -6.27 -6.21 18.46
CA LYS A 95 -6.88 -7.25 19.28
C LYS A 95 -7.45 -6.66 20.56
N THR A 96 -6.89 -5.55 21.00
CA THR A 96 -7.34 -4.89 22.22
C THR A 96 -8.72 -4.26 22.01
N GLY A 97 -9.00 -3.83 20.79
CA GLY A 97 -10.28 -3.22 20.49
C GLY A 97 -10.14 -1.83 19.92
N ASN A 98 -9.09 -1.61 19.12
CA ASN A 98 -8.85 -0.32 18.52
C ASN A 98 -8.86 -0.41 16.99
N GLU A 99 -8.77 0.74 16.33
CA GLU A 99 -8.78 0.78 14.88
C GLU A 99 -7.62 1.63 14.35
N GLN A 100 -6.47 0.99 14.19
CA GLN A 100 -5.28 1.68 13.70
C GLN A 100 -5.36 1.91 12.19
N GLU A 101 -4.80 3.02 11.73
CA GLU A 101 -4.83 3.35 10.30
C GLU A 101 -3.60 4.18 9.93
N TRP A 102 -2.87 3.72 8.92
CA TRP A 102 -1.68 4.42 8.45
C TRP A 102 -1.95 5.14 7.14
N LYS A 103 -0.93 5.83 6.62
CA LYS A 103 -1.06 6.56 5.37
C LYS A 103 0.22 6.43 4.53
N ILE A 104 0.06 5.97 3.30
CA ILE A 104 1.19 5.80 2.39
C ILE A 104 0.89 6.35 1.01
N LYS A 105 1.34 7.56 0.74
CA LYS A 105 1.13 8.20 -0.55
C LYS A 105 2.13 7.70 -1.58
N LEU A 106 1.83 6.55 -2.18
CA LEU A 106 2.71 5.97 -3.19
C LEU A 106 3.02 6.97 -4.30
N GLN A 107 4.26 6.97 -4.76
CA GLN A 107 4.68 7.88 -5.83
C GLN A 107 5.35 7.12 -6.97
N VAL A 108 4.58 6.83 -8.01
CA VAL A 108 5.10 6.10 -9.17
C VAL A 108 5.77 7.06 -10.15
N LEU A 109 6.93 6.66 -10.66
CA LEU A 109 7.67 7.48 -11.62
C LEU A 109 7.76 6.78 -12.96
N ASP A 110 7.72 7.57 -14.04
CA ASP A 110 7.81 7.02 -15.38
C ASP A 110 9.26 6.74 -15.76
N PRO A 111 9.55 5.48 -16.11
CA PRO A 111 10.89 5.04 -16.49
C PRO A 111 11.32 5.61 -17.85
N VAL A 112 10.46 5.44 -18.85
CA VAL A 112 10.74 5.94 -20.19
C VAL A 112 9.80 7.07 -20.57
N PRO A 113 10.36 8.15 -21.13
CA PRO A 113 9.58 9.32 -21.55
C PRO A 113 8.71 9.03 -22.77
N LYS A 114 8.12 10.07 -23.33
CA LYS A 114 7.26 9.93 -24.51
C LYS A 114 7.87 10.61 -25.72
N PRO A 115 7.78 9.94 -26.88
CA PRO A 115 8.33 10.46 -28.14
C PRO A 115 7.53 11.66 -28.66
N VAL A 116 8.14 12.43 -29.55
CA VAL A 116 7.49 13.60 -30.13
C VAL A 116 6.30 13.20 -31.00
N ILE A 117 5.11 13.17 -30.40
CA ILE A 117 3.90 12.80 -31.11
C ILE A 117 2.98 14.00 -31.30
N LYS A 118 2.57 14.25 -32.53
CA LYS A 118 1.69 15.37 -32.84
C LYS A 118 0.93 15.12 -34.13
N ILE A 119 -0.25 15.72 -34.25
CA ILE A 119 -1.08 15.57 -35.44
C ILE A 119 -1.44 16.92 -36.03
N GLU A 120 -1.73 16.94 -37.33
CA GLU A 120 -2.10 18.18 -38.02
C GLU A 120 -2.94 17.87 -39.26
N LYS A 121 -3.62 18.91 -39.76
CA LYS A 121 -4.46 18.76 -40.94
C LYS A 121 -4.01 19.70 -42.06
N GLY A 1 13.55 13.99 2.87
CA GLY A 1 13.04 15.24 2.33
C GLY A 1 11.81 15.72 3.07
N SER A 2 11.52 17.01 2.94
CA SER A 2 10.36 17.59 3.61
C SER A 2 9.16 17.65 2.67
N SER A 3 7.96 17.51 3.23
CA SER A 3 6.73 17.54 2.44
C SER A 3 5.63 18.29 3.17
N GLY A 4 4.64 18.77 2.42
CA GLY A 4 3.55 19.50 3.01
C GLY A 4 2.29 18.67 3.13
N SER A 5 2.28 17.73 4.06
CA SER A 5 1.13 16.85 4.26
C SER A 5 1.29 16.04 5.54
N SER A 6 0.20 15.88 6.29
CA SER A 6 0.21 15.12 7.52
C SER A 6 -0.79 13.97 7.47
N GLY A 7 -0.78 13.15 8.52
CA GLY A 7 -1.68 12.02 8.57
C GLY A 7 -1.64 11.30 9.91
N GLN A 8 -2.70 10.55 10.21
CA GLN A 8 -2.77 9.81 11.46
C GLN A 8 -1.74 8.69 11.50
N GLY A 9 -1.14 8.49 12.68
CA GLY A 9 -0.14 7.45 12.81
C GLY A 9 1.21 7.86 12.27
N HIS A 10 1.78 7.04 11.40
CA HIS A 10 3.08 7.32 10.81
C HIS A 10 2.95 7.58 9.31
N LEU A 11 3.28 8.80 8.89
CA LEU A 11 3.21 9.18 7.48
C LEU A 11 4.36 8.58 6.69
N VAL A 12 4.04 7.88 5.61
CA VAL A 12 5.06 7.27 4.76
C VAL A 12 4.88 7.67 3.30
N HIS A 13 5.97 8.04 2.65
CA HIS A 13 5.94 8.45 1.25
C HIS A 13 6.83 7.54 0.40
N MET A 14 6.22 6.63 -0.33
CA MET A 14 6.96 5.70 -1.19
C MET A 14 7.25 6.34 -2.54
N THR A 15 8.16 5.73 -3.29
CA THR A 15 8.53 6.23 -4.61
C THR A 15 9.23 5.16 -5.43
N VAL A 16 8.56 4.69 -6.48
CA VAL A 16 9.11 3.67 -7.35
C VAL A 16 8.80 3.95 -8.81
N VAL A 17 9.36 3.15 -9.70
CA VAL A 17 9.13 3.30 -11.14
C VAL A 17 7.94 2.48 -11.60
N SER A 18 7.24 2.97 -12.62
CA SER A 18 6.08 2.27 -13.15
C SER A 18 6.48 0.91 -13.72
N GLY A 19 5.55 -0.06 -13.64
CA GLY A 19 5.83 -1.39 -14.15
C GLY A 19 6.89 -2.10 -13.35
N SER A 20 6.97 -1.79 -12.05
CA SER A 20 7.95 -2.42 -11.18
C SER A 20 7.28 -3.02 -9.94
N ASN A 21 7.87 -4.07 -9.40
CA ASN A 21 7.33 -4.75 -8.23
C ASN A 21 7.34 -3.81 -7.03
N VAL A 22 6.15 -3.58 -6.45
CA VAL A 22 6.01 -2.72 -5.29
C VAL A 22 5.66 -3.51 -4.05
N THR A 23 6.15 -3.05 -2.89
CA THR A 23 5.89 -3.72 -1.63
C THR A 23 5.49 -2.72 -0.55
N LEU A 24 4.19 -2.64 -0.28
CA LEU A 24 3.68 -1.72 0.73
C LEU A 24 3.82 -2.31 2.13
N ASN A 25 4.88 -1.91 2.83
CA ASN A 25 5.13 -2.40 4.18
C ASN A 25 5.24 -1.25 5.17
N ILE A 26 4.20 -1.08 6.00
CA ILE A 26 4.18 -0.01 6.99
C ILE A 26 5.53 0.11 7.70
N SER A 27 6.03 1.34 7.78
CA SER A 27 7.32 1.58 8.43
C SER A 27 7.52 0.67 9.63
N GLU A 28 6.64 0.79 10.62
CA GLU A 28 6.72 -0.03 11.82
C GLU A 28 6.14 -1.41 11.56
N SER A 29 6.28 -2.29 12.55
CA SER A 29 5.77 -3.66 12.43
C SER A 29 4.36 -3.77 13.02
N LEU A 30 3.60 -4.73 12.51
CA LEU A 30 2.23 -4.95 12.97
C LEU A 30 2.18 -4.94 14.50
N PRO A 31 0.97 -4.70 15.05
CA PRO A 31 0.76 -4.67 16.50
C PRO A 31 0.88 -6.05 17.14
N GLU A 32 1.24 -6.07 18.41
CA GLU A 32 1.39 -7.33 19.14
C GLU A 32 0.37 -8.36 18.67
N ASN A 33 -0.88 -7.92 18.52
CA ASN A 33 -1.95 -8.80 18.08
C ASN A 33 -3.07 -8.01 17.41
N TYR A 34 -3.40 -8.38 16.18
CA TYR A 34 -4.45 -7.70 15.43
C TYR A 34 -5.66 -8.61 15.28
N LYS A 35 -6.79 -8.02 14.87
CA LYS A 35 -8.02 -8.76 14.67
C LYS A 35 -8.53 -8.61 13.23
N GLN A 36 -8.44 -7.39 12.71
CA GLN A 36 -8.88 -7.12 11.34
C GLN A 36 -7.76 -6.52 10.51
N LEU A 37 -7.65 -6.97 9.27
CA LEU A 37 -6.60 -6.48 8.37
C LEU A 37 -7.18 -6.17 6.98
N THR A 38 -7.50 -4.91 6.75
CA THR A 38 -8.06 -4.49 5.47
C THR A 38 -7.19 -3.42 4.81
N TRP A 39 -7.10 -3.47 3.48
CA TRP A 39 -6.31 -2.51 2.73
C TRP A 39 -7.20 -1.60 1.90
N PHE A 40 -6.93 -0.30 1.95
CA PHE A 40 -7.71 0.68 1.19
C PHE A 40 -6.84 1.38 0.16
N TYR A 41 -7.25 1.30 -1.10
CA TYR A 41 -6.51 1.92 -2.19
C TYR A 41 -6.69 3.44 -2.18
N THR A 42 -7.89 3.87 -1.83
CA THR A 42 -8.20 5.30 -1.77
C THR A 42 -9.00 5.63 -0.52
N PHE A 43 -9.48 6.88 -0.45
CA PHE A 43 -10.26 7.34 0.69
C PHE A 43 -11.50 6.47 0.88
N ASP A 44 -12.20 6.19 -0.21
CA ASP A 44 -13.40 5.37 -0.17
C ASP A 44 -13.27 4.16 -1.09
N GLN A 45 -12.08 3.57 -1.11
CA GLN A 45 -11.83 2.41 -1.95
C GLN A 45 -11.12 1.31 -1.17
N LYS A 46 -11.51 0.08 -1.41
CA LYS A 46 -10.92 -1.07 -0.72
C LYS A 46 -10.25 -2.02 -1.71
N ILE A 47 -9.17 -2.66 -1.28
CA ILE A 47 -8.45 -3.60 -2.14
C ILE A 47 -8.66 -5.03 -1.67
N VAL A 48 -8.61 -5.24 -0.35
CA VAL A 48 -8.80 -6.58 0.21
C VAL A 48 -9.05 -6.51 1.71
N GLU A 49 -9.94 -7.36 2.20
CA GLU A 49 -10.26 -7.38 3.62
C GLU A 49 -9.98 -8.76 4.22
N TRP A 50 -9.35 -8.77 5.39
CA TRP A 50 -9.02 -10.02 6.06
C TRP A 50 -9.47 -10.00 7.52
N ASP A 51 -10.29 -10.98 7.89
CA ASP A 51 -10.80 -11.07 9.25
C ASP A 51 -10.36 -12.37 9.92
N SER A 52 -9.06 -12.50 10.14
CA SER A 52 -8.51 -13.70 10.76
C SER A 52 -9.24 -14.95 10.29
N ARG A 53 -9.78 -14.88 9.07
CA ARG A 53 -10.52 -16.01 8.50
C ARG A 53 -10.10 -16.24 7.06
N LYS A 54 -10.58 -15.38 6.16
CA LYS A 54 -10.26 -15.49 4.75
C LYS A 54 -10.15 -14.11 4.10
N SER A 55 -9.32 -14.01 3.08
CA SER A 55 -9.12 -12.75 2.37
C SER A 55 -10.31 -12.43 1.48
N LYS A 56 -10.67 -11.15 1.42
CA LYS A 56 -11.79 -10.71 0.61
C LYS A 56 -11.34 -9.75 -0.49
N TYR A 57 -11.04 -10.29 -1.66
CA TYR A 57 -10.58 -9.48 -2.79
C TYR A 57 -11.76 -8.78 -3.46
N PHE A 58 -12.06 -7.57 -2.99
CA PHE A 58 -13.16 -6.80 -3.56
C PHE A 58 -12.89 -6.43 -5.00
N GLU A 59 -13.95 -6.10 -5.74
CA GLU A 59 -13.82 -5.73 -7.15
C GLU A 59 -12.71 -4.69 -7.33
N SER A 60 -11.60 -5.13 -7.92
CA SER A 60 -10.46 -4.25 -8.16
C SER A 60 -9.46 -4.89 -9.12
N LYS A 61 -9.09 -4.14 -10.16
CA LYS A 61 -8.15 -4.64 -11.15
C LYS A 61 -6.95 -5.31 -10.48
N PHE A 62 -6.35 -4.62 -9.52
CA PHE A 62 -5.20 -5.15 -8.80
C PHE A 62 -5.40 -6.63 -8.48
N LYS A 63 -6.61 -6.98 -8.05
CA LYS A 63 -6.93 -8.36 -7.71
C LYS A 63 -6.37 -9.32 -8.74
N GLY A 64 -5.77 -10.42 -8.27
CA GLY A 64 -5.21 -11.41 -9.17
C GLY A 64 -3.70 -11.46 -9.08
N ARG A 65 -3.04 -10.34 -9.41
CA ARG A 65 -1.59 -10.27 -9.37
C ARG A 65 -1.10 -9.92 -7.98
N VAL A 66 -1.77 -8.95 -7.34
CA VAL A 66 -1.39 -8.52 -6.01
C VAL A 66 -1.36 -9.70 -5.04
N ARG A 67 -0.76 -9.49 -3.87
CA ARG A 67 -0.66 -10.53 -2.86
C ARG A 67 -0.57 -9.92 -1.46
N LEU A 68 -1.54 -10.27 -0.61
CA LEU A 68 -1.57 -9.76 0.75
C LEU A 68 -1.00 -10.79 1.73
N ASP A 69 -0.02 -10.36 2.51
CA ASP A 69 0.61 -11.24 3.50
C ASP A 69 0.02 -11.01 4.89
N PRO A 70 -0.79 -11.97 5.36
CA PRO A 70 -1.42 -11.89 6.67
C PRO A 70 -0.42 -12.06 7.82
N GLN A 71 0.83 -12.30 7.46
CA GLN A 71 1.88 -12.48 8.45
C GLN A 71 2.49 -11.14 8.85
N SER A 72 2.85 -10.34 7.85
CA SER A 72 3.44 -9.03 8.08
C SER A 72 2.47 -7.91 7.74
N GLY A 73 1.60 -8.18 6.77
CA GLY A 73 0.61 -7.18 6.37
C GLY A 73 1.13 -6.28 5.26
N ALA A 74 1.99 -6.82 4.40
CA ALA A 74 2.55 -6.04 3.31
C ALA A 74 1.91 -6.43 1.99
N LEU A 75 1.39 -5.43 1.27
CA LEU A 75 0.74 -5.65 -0.02
C LEU A 75 1.74 -5.48 -1.16
N TYR A 76 1.84 -6.50 -2.01
CA TYR A 76 2.75 -6.45 -3.14
C TYR A 76 1.98 -6.45 -4.46
N ILE A 77 2.22 -5.42 -5.27
CA ILE A 77 1.54 -5.30 -6.56
C ILE A 77 2.52 -5.45 -7.71
N SER A 78 2.14 -6.24 -8.71
CA SER A 78 2.99 -6.48 -9.88
C SER A 78 2.56 -5.61 -11.05
N LYS A 79 3.51 -5.26 -11.90
CA LYS A 79 3.22 -4.43 -13.07
C LYS A 79 2.31 -3.27 -12.70
N VAL A 80 2.68 -2.54 -11.65
CA VAL A 80 1.89 -1.40 -11.20
C VAL A 80 1.68 -0.40 -12.32
N GLN A 81 0.92 0.65 -12.04
CA GLN A 81 0.64 1.68 -13.03
C GLN A 81 0.62 3.06 -12.38
N LYS A 82 1.05 4.07 -13.14
CA LYS A 82 1.08 5.44 -12.63
C LYS A 82 -0.10 5.71 -11.71
N GLU A 83 -1.30 5.37 -12.17
CA GLU A 83 -2.51 5.57 -11.38
C GLU A 83 -2.32 5.08 -9.95
N ASP A 84 -1.73 3.89 -9.83
CA ASP A 84 -1.49 3.30 -8.52
C ASP A 84 -1.14 4.38 -7.49
N ASN A 85 -0.33 5.34 -7.91
CA ASN A 85 0.09 6.43 -7.01
C ASN A 85 -1.11 7.02 -6.29
N SER A 86 -1.13 6.88 -4.96
CA SER A 86 -2.23 7.40 -4.15
C SER A 86 -1.95 7.19 -2.67
N THR A 87 -2.84 7.70 -1.83
CA THR A 87 -2.69 7.57 -0.38
C THR A 87 -3.28 6.25 0.11
N TYR A 88 -2.42 5.24 0.27
CA TYR A 88 -2.86 3.94 0.74
C TYR A 88 -3.11 3.95 2.25
N ILE A 89 -4.27 3.44 2.65
CA ILE A 89 -4.63 3.40 4.06
C ILE A 89 -4.90 1.97 4.52
N MET A 90 -4.10 1.51 5.46
CA MET A 90 -4.25 0.15 5.99
C MET A 90 -4.89 0.17 7.37
N ARG A 91 -6.15 -0.24 7.44
CA ARG A 91 -6.87 -0.27 8.70
C ARG A 91 -6.66 -1.60 9.43
N VAL A 92 -6.23 -1.52 10.68
CA VAL A 92 -5.99 -2.72 11.48
C VAL A 92 -6.68 -2.62 12.83
N LEU A 93 -7.61 -3.54 13.09
CA LEU A 93 -8.34 -3.56 14.34
C LEU A 93 -7.48 -4.12 15.47
N LYS A 94 -7.65 -3.57 16.67
CA LYS A 94 -6.89 -4.02 17.83
C LYS A 94 -7.69 -5.04 18.64
N LYS A 95 -6.97 -5.91 19.36
CA LYS A 95 -7.61 -6.94 20.17
C LYS A 95 -8.51 -6.30 21.23
N THR A 96 -8.08 -5.16 21.75
CA THR A 96 -8.86 -4.45 22.78
C THR A 96 -10.11 -3.81 22.18
N GLY A 97 -10.03 -3.43 20.91
CA GLY A 97 -11.16 -2.83 20.24
C GLY A 97 -10.79 -1.54 19.53
N ASN A 98 -9.59 -1.03 19.81
CA ASN A 98 -9.13 0.21 19.19
C ASN A 98 -9.10 0.08 17.67
N GLU A 99 -8.88 1.20 17.00
CA GLU A 99 -8.82 1.22 15.55
C GLU A 99 -7.67 2.09 15.05
N GLN A 100 -6.63 1.44 14.55
CA GLN A 100 -5.45 2.15 14.05
C GLN A 100 -5.29 1.92 12.56
N GLU A 101 -4.67 2.88 11.88
CA GLU A 101 -4.43 2.79 10.45
C GLU A 101 -3.15 3.50 10.05
N TRP A 102 -2.62 3.16 8.87
CA TRP A 102 -1.39 3.77 8.39
C TRP A 102 -1.65 4.57 7.11
N LYS A 103 -0.65 5.33 6.68
CA LYS A 103 -0.77 6.14 5.47
C LYS A 103 0.48 6.01 4.61
N ILE A 104 0.28 5.62 3.35
CA ILE A 104 1.38 5.46 2.42
C ILE A 104 1.08 6.13 1.08
N LYS A 105 1.68 7.29 0.85
CA LYS A 105 1.49 8.03 -0.39
C LYS A 105 2.43 7.53 -1.49
N LEU A 106 2.06 6.41 -2.11
CA LEU A 106 2.88 5.83 -3.17
C LEU A 106 3.14 6.85 -4.27
N GLN A 107 4.39 6.90 -4.73
CA GLN A 107 4.77 7.84 -5.78
C GLN A 107 5.35 7.10 -6.98
N VAL A 108 4.62 7.13 -8.09
CA VAL A 108 5.07 6.46 -9.31
C VAL A 108 5.71 7.45 -10.27
N LEU A 109 6.89 7.08 -10.78
CA LEU A 109 7.61 7.94 -11.72
C LEU A 109 7.74 7.26 -13.08
N ASP A 110 8.18 8.03 -14.07
CA ASP A 110 8.34 7.52 -15.42
C ASP A 110 9.79 7.15 -15.69
N PRO A 111 10.00 6.00 -16.35
CA PRO A 111 11.34 5.50 -16.68
C PRO A 111 12.02 6.34 -17.74
N VAL A 112 11.33 6.59 -18.85
CA VAL A 112 11.87 7.38 -19.94
C VAL A 112 12.35 8.75 -19.44
N PRO A 113 13.64 9.03 -19.67
CA PRO A 113 14.25 10.29 -19.24
C PRO A 113 13.75 11.48 -20.06
N LYS A 114 14.38 12.63 -19.87
CA LYS A 114 13.99 13.84 -20.59
C LYS A 114 14.97 14.13 -21.73
N PRO A 115 14.43 14.58 -22.87
CA PRO A 115 15.23 14.91 -24.06
C PRO A 115 16.09 16.15 -23.85
N VAL A 116 17.12 16.29 -24.67
CA VAL A 116 18.02 17.45 -24.59
C VAL A 116 18.02 18.23 -25.89
N ILE A 117 17.04 19.10 -26.06
CA ILE A 117 16.94 19.92 -27.27
C ILE A 117 18.13 20.86 -27.39
N LYS A 118 19.00 20.57 -28.35
CA LYS A 118 20.19 21.39 -28.58
C LYS A 118 20.60 21.36 -30.05
N ILE A 119 21.11 22.48 -30.54
CA ILE A 119 21.54 22.59 -31.93
C ILE A 119 23.03 22.28 -32.06
N GLU A 120 23.36 21.27 -32.86
CA GLU A 120 24.74 20.88 -33.07
C GLU A 120 24.91 20.15 -34.41
N LYS A 121 26.16 19.94 -34.80
CA LYS A 121 26.45 19.26 -36.06
C LYS A 121 27.35 18.05 -35.82
N GLY A 1 18.11 14.20 21.36
CA GLY A 1 16.98 13.51 21.95
C GLY A 1 16.28 12.59 20.97
N SER A 2 15.01 12.32 21.20
CA SER A 2 14.23 11.45 20.34
C SER A 2 12.78 11.90 20.26
N SER A 3 12.00 11.24 19.42
CA SER A 3 10.58 11.58 19.25
C SER A 3 9.72 10.32 19.24
N GLY A 4 8.65 10.34 20.02
CA GLY A 4 7.75 9.20 20.08
C GLY A 4 6.55 9.35 19.17
N SER A 5 6.36 8.37 18.28
CA SER A 5 5.24 8.40 17.35
C SER A 5 4.16 7.40 17.76
N SER A 6 3.85 7.37 19.06
CA SER A 6 2.83 6.46 19.59
C SER A 6 1.44 6.95 19.23
N GLY A 7 0.57 6.00 18.87
CA GLY A 7 -0.80 6.35 18.51
C GLY A 7 -0.98 6.53 17.02
N GLN A 8 -0.05 7.25 16.39
CA GLN A 8 -0.11 7.48 14.95
C GLN A 8 1.21 7.15 14.28
N GLY A 9 1.22 7.11 12.96
CA GLY A 9 2.43 6.80 12.22
C GLY A 9 2.78 7.88 11.21
N HIS A 10 3.91 8.55 11.44
CA HIS A 10 4.35 9.61 10.55
C HIS A 10 4.01 9.28 9.10
N LEU A 11 3.28 10.19 8.45
CA LEU A 11 2.88 9.99 7.06
C LEU A 11 4.02 9.37 6.25
N VAL A 12 3.74 8.23 5.62
CA VAL A 12 4.74 7.55 4.80
C VAL A 12 4.57 7.86 3.32
N HIS A 13 5.68 7.98 2.61
CA HIS A 13 5.65 8.30 1.19
C HIS A 13 6.42 7.23 0.39
N MET A 14 5.68 6.32 -0.22
CA MET A 14 6.29 5.25 -1.01
C MET A 14 6.86 5.80 -2.31
N THR A 15 7.52 4.94 -3.08
CA THR A 15 8.11 5.34 -4.35
C THR A 15 8.55 4.12 -5.16
N VAL A 16 8.01 4.00 -6.37
CA VAL A 16 8.34 2.89 -7.25
C VAL A 16 8.22 3.28 -8.71
N VAL A 17 8.81 2.48 -9.59
CA VAL A 17 8.76 2.74 -11.02
C VAL A 17 7.53 2.11 -11.65
N SER A 18 6.90 2.83 -12.57
CA SER A 18 5.70 2.33 -13.25
C SER A 18 5.96 0.94 -13.85
N GLY A 19 5.00 0.04 -13.64
CA GLY A 19 5.14 -1.31 -14.17
C GLY A 19 6.06 -2.17 -13.32
N SER A 20 6.31 -1.73 -12.09
CA SER A 20 7.19 -2.46 -11.18
C SER A 20 6.42 -2.97 -9.97
N ASN A 21 6.87 -4.09 -9.42
CA ASN A 21 6.22 -4.69 -8.26
C ASN A 21 6.57 -3.91 -6.99
N VAL A 22 5.54 -3.39 -6.33
CA VAL A 22 5.74 -2.62 -5.10
C VAL A 22 5.41 -3.47 -3.87
N THR A 23 5.86 -3.01 -2.71
CA THR A 23 5.62 -3.72 -1.46
C THR A 23 5.32 -2.75 -0.32
N LEU A 24 4.04 -2.67 0.05
CA LEU A 24 3.62 -1.78 1.13
C LEU A 24 3.63 -2.50 2.48
N ASN A 25 4.56 -2.12 3.34
CA ASN A 25 4.68 -2.73 4.66
C ASN A 25 4.81 -1.66 5.74
N ILE A 26 3.70 -1.41 6.44
CA ILE A 26 3.68 -0.41 7.50
C ILE A 26 4.96 -0.46 8.33
N SER A 27 5.74 0.60 8.27
CA SER A 27 6.99 0.67 9.02
C SER A 27 6.82 0.09 10.42
N GLU A 28 5.70 0.41 11.06
CA GLU A 28 5.42 -0.07 12.40
C GLU A 28 4.92 -1.53 12.36
N SER A 29 5.85 -2.46 12.51
CA SER A 29 5.51 -3.87 12.49
C SER A 29 4.17 -4.13 13.17
N LEU A 30 3.46 -5.15 12.72
CA LEU A 30 2.16 -5.50 13.29
C LEU A 30 2.28 -5.80 14.78
N PRO A 31 1.18 -5.58 15.51
CA PRO A 31 1.14 -5.81 16.96
C PRO A 31 1.19 -7.30 17.30
N GLU A 32 1.51 -7.60 18.56
CA GLU A 32 1.59 -8.99 19.01
C GLU A 32 0.53 -9.85 18.34
N ASN A 33 -0.69 -9.33 18.27
CA ASN A 33 -1.80 -10.05 17.65
C ASN A 33 -2.92 -9.09 17.26
N TYR A 34 -3.23 -9.04 15.97
CA TYR A 34 -4.28 -8.17 15.47
C TYR A 34 -5.58 -8.95 15.27
N LYS A 35 -6.69 -8.22 15.17
CA LYS A 35 -8.00 -8.83 14.97
C LYS A 35 -8.31 -8.96 13.48
N GLN A 36 -8.20 -7.85 12.76
CA GLN A 36 -8.48 -7.85 11.33
C GLN A 36 -7.42 -7.06 10.57
N LEU A 37 -7.36 -7.25 9.26
CA LEU A 37 -6.39 -6.56 8.43
C LEU A 37 -6.99 -6.22 7.06
N THR A 38 -7.10 -4.92 6.78
CA THR A 38 -7.66 -4.46 5.52
C THR A 38 -6.71 -3.47 4.84
N TRP A 39 -6.87 -3.33 3.52
CA TRP A 39 -6.03 -2.42 2.75
C TRP A 39 -6.89 -1.47 1.91
N PHE A 40 -6.46 -0.23 1.81
CA PHE A 40 -7.18 0.78 1.03
C PHE A 40 -6.32 1.32 -0.11
N TYR A 41 -6.90 1.39 -1.29
CA TYR A 41 -6.18 1.89 -2.46
C TYR A 41 -6.16 3.42 -2.48
N THR A 42 -7.25 4.02 -2.02
CA THR A 42 -7.36 5.48 -1.98
C THR A 42 -7.99 5.95 -0.66
N PHE A 43 -8.25 7.24 -0.58
CA PHE A 43 -8.84 7.82 0.63
C PHE A 43 -9.96 6.93 1.16
N ASP A 44 -10.97 6.69 0.33
CA ASP A 44 -12.11 5.84 0.72
C ASP A 44 -12.25 4.66 -0.23
N GLN A 45 -11.12 4.04 -0.57
CA GLN A 45 -11.12 2.89 -1.47
C GLN A 45 -10.52 1.67 -0.79
N LYS A 46 -11.12 0.51 -1.03
CA LYS A 46 -10.64 -0.74 -0.44
C LYS A 46 -10.06 -1.66 -1.51
N ILE A 47 -9.15 -2.54 -1.11
CA ILE A 47 -8.53 -3.49 -2.03
C ILE A 47 -8.78 -4.92 -1.60
N VAL A 48 -8.58 -5.19 -0.31
CA VAL A 48 -8.79 -6.53 0.23
C VAL A 48 -8.98 -6.49 1.74
N GLU A 49 -9.84 -7.38 2.24
CA GLU A 49 -10.11 -7.43 3.67
C GLU A 49 -9.74 -8.80 4.25
N TRP A 50 -9.39 -8.82 5.53
CA TRP A 50 -9.00 -10.05 6.19
C TRP A 50 -9.49 -10.08 7.64
N ASP A 51 -10.41 -11.00 7.93
CA ASP A 51 -10.97 -11.13 9.27
C ASP A 51 -10.38 -12.34 9.99
N SER A 52 -9.06 -12.32 10.19
CA SER A 52 -8.38 -13.42 10.87
C SER A 52 -8.98 -14.76 10.45
N ARG A 53 -9.54 -14.80 9.25
CA ARG A 53 -10.15 -16.02 8.73
C ARG A 53 -9.71 -16.28 7.29
N LYS A 54 -10.21 -15.47 6.37
CA LYS A 54 -9.87 -15.62 4.96
C LYS A 54 -9.88 -14.26 4.26
N SER A 55 -9.10 -14.15 3.19
CA SER A 55 -9.01 -12.90 2.43
C SER A 55 -10.15 -12.82 1.42
N LYS A 56 -10.75 -11.63 1.32
CA LYS A 56 -11.85 -11.41 0.39
C LYS A 56 -11.52 -10.29 -0.60
N TYR A 57 -10.85 -10.65 -1.68
CA TYR A 57 -10.47 -9.68 -2.70
C TYR A 57 -11.70 -8.94 -3.24
N PHE A 58 -11.79 -7.66 -2.90
CA PHE A 58 -12.90 -6.83 -3.34
C PHE A 58 -12.82 -6.56 -4.84
N GLU A 59 -13.87 -6.94 -5.57
CA GLU A 59 -13.90 -6.74 -7.01
C GLU A 59 -14.06 -5.26 -7.35
N SER A 60 -13.00 -4.49 -7.12
CA SER A 60 -13.03 -3.06 -7.40
C SER A 60 -11.86 -2.66 -8.29
N LYS A 61 -10.65 -3.08 -7.90
CA LYS A 61 -9.45 -2.77 -8.66
C LYS A 61 -8.24 -3.49 -8.09
N PHE A 62 -7.28 -3.81 -8.95
CA PHE A 62 -6.08 -4.51 -8.53
C PHE A 62 -6.41 -5.91 -8.01
N LYS A 63 -7.52 -6.46 -8.47
CA LYS A 63 -7.94 -7.79 -8.06
C LYS A 63 -7.39 -8.85 -9.00
N GLY A 64 -6.53 -9.71 -8.49
CA GLY A 64 -5.94 -10.77 -9.29
C GLY A 64 -4.43 -10.66 -9.38
N ARG A 65 -3.90 -9.46 -9.13
CA ARG A 65 -2.46 -9.23 -9.18
C ARG A 65 -1.90 -8.99 -7.79
N VAL A 66 -2.57 -8.14 -7.03
CA VAL A 66 -2.14 -7.82 -5.66
C VAL A 66 -2.05 -9.07 -4.81
N ARG A 67 -1.29 -8.99 -3.73
CA ARG A 67 -1.12 -10.13 -2.82
C ARG A 67 -1.08 -9.66 -1.37
N LEU A 68 -1.78 -10.39 -0.50
CA LEU A 68 -1.83 -10.05 0.91
C LEU A 68 -1.25 -11.17 1.77
N ASP A 69 -0.33 -10.81 2.66
CA ASP A 69 0.31 -11.79 3.54
C ASP A 69 -0.23 -11.68 4.96
N PRO A 70 -0.91 -12.74 5.42
CA PRO A 70 -1.49 -12.78 6.76
C PRO A 70 -0.42 -12.87 7.85
N GLN A 71 0.84 -12.82 7.44
CA GLN A 71 1.96 -12.90 8.37
C GLN A 71 2.57 -11.51 8.61
N SER A 72 2.75 -10.76 7.52
CA SER A 72 3.33 -9.42 7.62
C SER A 72 2.27 -8.35 7.36
N GLY A 73 1.30 -8.68 6.51
CA GLY A 73 0.24 -7.75 6.19
C GLY A 73 0.64 -6.76 5.11
N ALA A 74 1.65 -7.14 4.32
CA ALA A 74 2.13 -6.29 3.24
C ALA A 74 1.36 -6.55 1.95
N LEU A 75 1.04 -5.48 1.23
CA LEU A 75 0.30 -5.59 -0.02
C LEU A 75 1.21 -5.34 -1.21
N TYR A 76 1.54 -6.40 -1.94
CA TYR A 76 2.40 -6.29 -3.11
C TYR A 76 1.58 -6.14 -4.39
N ILE A 77 1.83 -5.06 -5.11
CA ILE A 77 1.11 -4.80 -6.36
C ILE A 77 1.99 -5.10 -7.57
N SER A 78 1.51 -5.98 -8.44
CA SER A 78 2.24 -6.35 -9.65
C SER A 78 1.78 -5.53 -10.85
N LYS A 79 2.74 -5.11 -11.68
CA LYS A 79 2.43 -4.32 -12.86
C LYS A 79 1.68 -3.05 -12.48
N VAL A 80 2.22 -2.31 -11.51
CA VAL A 80 1.60 -1.08 -11.06
C VAL A 80 1.46 -0.08 -12.21
N GLN A 81 0.81 1.05 -11.93
CA GLN A 81 0.61 2.08 -12.94
C GLN A 81 0.72 3.47 -12.33
N LYS A 82 1.17 4.43 -13.13
CA LYS A 82 1.31 5.80 -12.67
C LYS A 82 0.11 6.23 -11.83
N GLU A 83 -1.08 5.82 -12.26
CA GLU A 83 -2.31 6.16 -11.56
C GLU A 83 -2.23 5.71 -10.10
N ASP A 84 -1.67 4.54 -9.87
CA ASP A 84 -1.54 4.00 -8.52
C ASP A 84 -1.11 5.08 -7.54
N ASN A 85 -0.32 6.03 -8.03
CA ASN A 85 0.17 7.14 -7.20
C ASN A 85 -0.98 7.79 -6.44
N SER A 86 -1.21 7.33 -5.21
CA SER A 86 -2.27 7.88 -4.38
C SER A 86 -1.98 7.64 -2.90
N THR A 87 -2.91 8.07 -2.05
CA THR A 87 -2.76 7.91 -0.62
C THR A 87 -3.38 6.61 -0.13
N TYR A 88 -2.54 5.60 0.10
CA TYR A 88 -3.03 4.30 0.56
C TYR A 88 -3.19 4.28 2.07
N ILE A 89 -4.17 3.51 2.54
CA ILE A 89 -4.43 3.40 3.97
C ILE A 89 -4.67 1.95 4.38
N MET A 90 -4.03 1.55 5.47
CA MET A 90 -4.17 0.18 5.97
C MET A 90 -4.76 0.18 7.39
N ARG A 91 -5.99 -0.30 7.51
CA ARG A 91 -6.66 -0.36 8.79
C ARG A 91 -6.42 -1.70 9.47
N VAL A 92 -6.29 -1.67 10.80
CA VAL A 92 -6.05 -2.89 11.57
C VAL A 92 -6.71 -2.81 12.94
N LEU A 93 -7.66 -3.69 13.19
CA LEU A 93 -8.38 -3.72 14.46
C LEU A 93 -7.51 -4.32 15.55
N LYS A 94 -7.46 -3.66 16.71
CA LYS A 94 -6.66 -4.13 17.83
C LYS A 94 -7.51 -4.94 18.79
N LYS A 95 -6.91 -5.95 19.41
CA LYS A 95 -7.61 -6.81 20.37
C LYS A 95 -8.38 -5.97 21.38
N THR A 96 -7.67 -5.06 22.04
CA THR A 96 -8.28 -4.19 23.05
C THR A 96 -9.57 -3.57 22.52
N GLY A 97 -9.65 -3.41 21.20
CA GLY A 97 -10.84 -2.83 20.61
C GLY A 97 -10.58 -1.44 20.02
N ASN A 98 -9.40 -1.26 19.46
CA ASN A 98 -9.03 0.01 18.86
C ASN A 98 -8.87 -0.11 17.35
N GLU A 99 -8.67 1.03 16.68
CA GLU A 99 -8.51 1.04 15.23
C GLU A 99 -7.42 2.03 14.82
N GLN A 100 -6.36 1.51 14.21
CA GLN A 100 -5.25 2.34 13.76
C GLN A 100 -5.14 2.32 12.24
N GLU A 101 -5.30 3.50 11.63
CA GLU A 101 -5.22 3.62 10.18
C GLU A 101 -3.92 4.31 9.76
N TRP A 102 -3.16 3.65 8.91
CA TRP A 102 -1.89 4.20 8.43
C TRP A 102 -2.09 5.00 7.15
N LYS A 103 -1.02 5.61 6.65
CA LYS A 103 -1.07 6.40 5.44
C LYS A 103 0.22 6.27 4.64
N ILE A 104 0.10 5.81 3.39
CA ILE A 104 1.26 5.64 2.53
C ILE A 104 1.00 6.21 1.15
N LYS A 105 1.55 7.39 0.88
CA LYS A 105 1.38 8.04 -0.41
C LYS A 105 2.35 7.47 -1.44
N LEU A 106 1.84 6.62 -2.32
CA LEU A 106 2.65 6.02 -3.36
C LEU A 106 3.15 7.06 -4.37
N GLN A 107 4.42 6.97 -4.74
CA GLN A 107 5.00 7.90 -5.69
C GLN A 107 5.58 7.16 -6.89
N VAL A 108 4.80 7.07 -7.96
CA VAL A 108 5.23 6.40 -9.18
C VAL A 108 6.17 7.28 -9.99
N LEU A 109 7.31 6.71 -10.39
CA LEU A 109 8.30 7.44 -11.17
C LEU A 109 8.45 6.83 -12.56
N ASP A 110 8.87 7.65 -13.52
CA ASP A 110 9.07 7.19 -14.88
C ASP A 110 10.52 6.82 -15.13
N PRO A 111 10.73 5.70 -15.85
CA PRO A 111 12.08 5.21 -16.17
C PRO A 111 12.80 6.10 -17.17
N VAL A 112 12.12 6.44 -18.26
CA VAL A 112 12.69 7.29 -19.29
C VAL A 112 13.59 8.36 -18.67
N PRO A 113 14.82 8.47 -19.19
CA PRO A 113 15.80 9.44 -18.71
C PRO A 113 15.42 10.88 -19.09
N LYS A 114 16.37 11.80 -18.93
CA LYS A 114 16.13 13.20 -19.26
C LYS A 114 16.91 13.60 -20.50
N PRO A 115 16.29 14.43 -21.36
CA PRO A 115 16.91 14.91 -22.60
C PRO A 115 18.05 15.89 -22.33
N VAL A 116 18.68 16.35 -23.41
CA VAL A 116 19.79 17.30 -23.29
C VAL A 116 19.62 18.45 -24.26
N ILE A 117 18.83 19.45 -23.85
CA ILE A 117 18.59 20.62 -24.68
C ILE A 117 19.79 21.55 -24.70
N LYS A 118 20.52 21.56 -25.81
CA LYS A 118 21.70 22.40 -25.95
C LYS A 118 21.55 23.36 -27.13
N ILE A 119 22.33 24.44 -27.12
CA ILE A 119 22.28 25.43 -28.17
C ILE A 119 23.00 24.93 -29.43
N GLU A 120 22.41 25.19 -30.58
CA GLU A 120 23.01 24.77 -31.85
C GLU A 120 23.00 25.91 -32.86
N LYS A 121 23.94 25.89 -33.79
CA LYS A 121 24.04 26.92 -34.82
C LYS A 121 22.67 27.25 -35.38
N GLY A 1 23.46 19.14 3.63
CA GLY A 1 22.12 18.62 3.44
C GLY A 1 21.46 18.19 4.74
N SER A 2 20.21 17.77 4.66
CA SER A 2 19.47 17.34 5.84
C SER A 2 18.13 16.74 5.45
N SER A 3 17.68 15.75 6.21
CA SER A 3 16.40 15.09 5.94
C SER A 3 16.06 14.10 7.05
N GLY A 4 14.76 13.92 7.29
CA GLY A 4 14.33 13.00 8.32
C GLY A 4 12.95 13.33 8.86
N SER A 5 12.68 12.91 10.09
CA SER A 5 11.38 13.17 10.71
C SER A 5 11.46 12.95 12.22
N SER A 6 10.51 13.54 12.95
CA SER A 6 10.46 13.41 14.40
C SER A 6 9.07 12.98 14.87
N GLY A 7 9.02 11.92 15.66
CA GLY A 7 7.75 11.43 16.16
C GLY A 7 7.37 10.08 15.57
N GLN A 8 6.69 9.26 16.35
CA GLN A 8 6.26 7.94 15.90
C GLN A 8 4.98 8.02 15.07
N GLY A 9 4.74 7.00 14.26
CA GLY A 9 3.55 6.98 13.43
C GLY A 9 3.35 8.28 12.67
N HIS A 10 3.96 8.39 11.50
CA HIS A 10 3.84 9.59 10.67
C HIS A 10 3.45 9.22 9.24
N LEU A 11 3.21 10.24 8.42
CA LEU A 11 2.84 10.04 7.03
C LEU A 11 4.03 9.54 6.22
N VAL A 12 3.86 8.37 5.60
CA VAL A 12 4.92 7.79 4.78
C VAL A 12 4.68 8.06 3.30
N HIS A 13 5.76 8.31 2.57
CA HIS A 13 5.67 8.59 1.13
C HIS A 13 6.55 7.62 0.35
N MET A 14 5.93 6.59 -0.22
CA MET A 14 6.65 5.60 -1.01
C MET A 14 6.99 6.15 -2.40
N THR A 15 8.08 5.64 -2.96
CA THR A 15 8.51 6.08 -4.29
C THR A 15 9.09 4.93 -5.09
N VAL A 16 8.40 4.56 -6.17
CA VAL A 16 8.84 3.48 -7.03
C VAL A 16 8.59 3.79 -8.50
N VAL A 17 9.05 2.91 -9.38
CA VAL A 17 8.86 3.09 -10.82
C VAL A 17 7.68 2.28 -11.33
N SER A 18 7.05 2.79 -12.40
CA SER A 18 5.90 2.12 -12.98
C SER A 18 6.30 0.78 -13.60
N GLY A 19 5.40 -0.20 -13.51
CA GLY A 19 5.68 -1.51 -14.07
C GLY A 19 6.69 -2.29 -13.23
N SER A 20 6.71 -2.00 -11.93
CA SER A 20 7.64 -2.68 -11.01
C SER A 20 6.90 -3.16 -9.76
N ASN A 21 7.28 -4.33 -9.29
CA ASN A 21 6.67 -4.91 -8.09
C ASN A 21 6.91 -4.01 -6.88
N VAL A 22 5.83 -3.55 -6.27
CA VAL A 22 5.92 -2.70 -5.09
C VAL A 22 5.59 -3.46 -3.81
N THR A 23 6.08 -2.97 -2.69
CA THR A 23 5.85 -3.60 -1.40
C THR A 23 5.44 -2.59 -0.34
N LEU A 24 4.14 -2.51 -0.07
CA LEU A 24 3.62 -1.59 0.93
C LEU A 24 3.71 -2.18 2.33
N ASN A 25 4.58 -1.62 3.15
CA ASN A 25 4.76 -2.09 4.52
C ASN A 25 4.70 -0.93 5.51
N ILE A 26 4.00 -1.15 6.62
CA ILE A 26 3.85 -0.12 7.64
C ILE A 26 5.06 -0.11 8.58
N SER A 27 6.22 -0.46 8.05
CA SER A 27 7.44 -0.51 8.84
C SER A 27 7.15 -0.90 10.28
N GLU A 28 6.17 -1.79 10.46
CA GLU A 28 5.79 -2.25 11.79
C GLU A 28 5.11 -3.62 11.72
N SER A 29 5.84 -4.65 12.13
CA SER A 29 5.31 -6.02 12.12
C SER A 29 4.00 -6.10 12.90
N LEU A 30 2.95 -6.51 12.22
CA LEU A 30 1.63 -6.64 12.86
C LEU A 30 1.76 -7.15 14.29
N PRO A 31 0.76 -6.85 15.13
CA PRO A 31 0.74 -7.27 16.52
C PRO A 31 0.55 -8.78 16.68
N GLU A 32 0.86 -9.29 17.86
CA GLU A 32 0.72 -10.71 18.14
C GLU A 32 -0.47 -11.31 17.39
N ASN A 33 -1.67 -10.81 17.70
CA ASN A 33 -2.88 -11.28 17.06
C ASN A 33 -3.86 -10.13 16.82
N TYR A 34 -4.11 -9.83 15.55
CA TYR A 34 -5.02 -8.75 15.19
C TYR A 34 -6.44 -9.28 15.00
N LYS A 35 -7.40 -8.36 14.89
CA LYS A 35 -8.79 -8.73 14.69
C LYS A 35 -9.16 -8.75 13.21
N GLN A 36 -8.76 -7.70 12.50
CA GLN A 36 -9.04 -7.60 11.06
C GLN A 36 -7.96 -6.80 10.36
N LEU A 37 -7.75 -7.10 9.08
CA LEU A 37 -6.74 -6.41 8.29
C LEU A 37 -7.29 -6.02 6.92
N THR A 38 -7.65 -4.75 6.76
CA THR A 38 -8.18 -4.25 5.50
C THR A 38 -7.25 -3.22 4.86
N TRP A 39 -7.18 -3.23 3.55
CA TRP A 39 -6.32 -2.29 2.82
C TRP A 39 -7.16 -1.32 1.99
N PHE A 40 -6.90 -0.04 2.15
CA PHE A 40 -7.63 0.99 1.42
C PHE A 40 -6.77 1.58 0.31
N TYR A 41 -7.39 1.80 -0.85
CA TYR A 41 -6.69 2.35 -2.00
C TYR A 41 -6.77 3.87 -2.02
N THR A 42 -7.90 4.40 -1.54
CA THR A 42 -8.10 5.85 -1.50
C THR A 42 -8.95 6.24 -0.30
N PHE A 43 -9.28 7.53 -0.21
CA PHE A 43 -10.09 8.04 0.89
C PHE A 43 -11.14 7.02 1.31
N ASP A 44 -12.08 6.73 0.41
CA ASP A 44 -13.14 5.78 0.69
C ASP A 44 -13.08 4.60 -0.27
N GLN A 45 -11.86 4.13 -0.53
CA GLN A 45 -11.65 3.00 -1.42
C GLN A 45 -11.03 1.82 -0.68
N LYS A 46 -11.41 0.60 -1.09
CA LYS A 46 -10.90 -0.60 -0.46
C LYS A 46 -10.20 -1.49 -1.49
N ILE A 47 -9.31 -2.35 -1.02
CA ILE A 47 -8.59 -3.26 -1.89
C ILE A 47 -8.78 -4.70 -1.47
N VAL A 48 -8.69 -4.96 -0.17
CA VAL A 48 -8.86 -6.31 0.36
C VAL A 48 -9.16 -6.26 1.86
N GLU A 49 -9.91 -7.24 2.33
CA GLU A 49 -10.27 -7.33 3.74
C GLU A 49 -9.96 -8.71 4.31
N TRP A 50 -9.33 -8.73 5.49
CA TRP A 50 -8.98 -9.98 6.13
C TRP A 50 -9.68 -10.12 7.48
N ASP A 51 -10.79 -10.84 7.49
CA ASP A 51 -11.55 -11.05 8.72
C ASP A 51 -11.00 -12.23 9.51
N SER A 52 -9.74 -12.13 9.93
CA SER A 52 -9.10 -13.19 10.69
C SER A 52 -9.56 -14.56 10.21
N ARG A 53 -9.90 -14.64 8.92
CA ARG A 53 -10.36 -15.90 8.33
C ARG A 53 -9.67 -16.15 6.99
N LYS A 54 -10.08 -15.41 5.97
CA LYS A 54 -9.51 -15.55 4.64
C LYS A 54 -9.65 -14.26 3.85
N SER A 55 -8.55 -13.80 3.26
CA SER A 55 -8.56 -12.58 2.47
C SER A 55 -9.75 -12.55 1.52
N LYS A 56 -10.37 -11.38 1.39
CA LYS A 56 -11.53 -11.21 0.52
C LYS A 56 -11.30 -10.07 -0.46
N TYR A 57 -10.69 -10.39 -1.60
CA TYR A 57 -10.41 -9.39 -2.63
C TYR A 57 -11.70 -8.76 -3.12
N PHE A 58 -11.82 -7.45 -2.93
CA PHE A 58 -13.01 -6.72 -3.36
C PHE A 58 -12.96 -6.44 -4.87
N GLU A 59 -14.13 -6.36 -5.49
CA GLU A 59 -14.23 -6.09 -6.92
C GLU A 59 -13.41 -4.85 -7.29
N SER A 60 -12.23 -5.08 -7.87
CA SER A 60 -11.37 -3.98 -8.27
C SER A 60 -10.27 -4.47 -9.21
N LYS A 61 -9.98 -3.69 -10.25
CA LYS A 61 -8.95 -4.05 -11.22
C LYS A 61 -7.74 -4.68 -10.52
N PHE A 62 -7.28 -4.04 -9.44
CA PHE A 62 -6.15 -4.54 -8.69
C PHE A 62 -6.23 -6.05 -8.50
N LYS A 63 -7.43 -6.54 -8.19
CA LYS A 63 -7.65 -7.97 -7.98
C LYS A 63 -7.08 -8.77 -9.14
N GLY A 64 -6.20 -9.72 -8.83
CA GLY A 64 -5.60 -10.54 -9.87
C GLY A 64 -4.09 -10.58 -9.77
N ARG A 65 -3.49 -9.45 -9.46
CA ARG A 65 -2.03 -9.35 -9.34
C ARG A 65 -1.62 -9.08 -7.90
N VAL A 66 -2.21 -8.04 -7.31
CA VAL A 66 -1.90 -7.67 -5.93
C VAL A 66 -1.90 -8.89 -5.02
N ARG A 67 -1.31 -8.75 -3.84
CA ARG A 67 -1.24 -9.83 -2.88
C ARG A 67 -1.12 -9.31 -1.45
N LEU A 68 -1.84 -9.92 -0.53
CA LEU A 68 -1.82 -9.51 0.87
C LEU A 68 -1.28 -10.62 1.75
N ASP A 69 -0.31 -10.29 2.60
CA ASP A 69 0.30 -11.26 3.50
C ASP A 69 -0.16 -11.02 4.94
N PRO A 70 -1.01 -11.92 5.45
CA PRO A 70 -1.54 -11.81 6.82
C PRO A 70 -0.47 -12.09 7.87
N GLN A 71 0.72 -12.47 7.41
CA GLN A 71 1.83 -12.75 8.32
C GLN A 71 2.52 -11.47 8.76
N SER A 72 2.73 -10.56 7.81
CA SER A 72 3.38 -9.29 8.10
C SER A 72 2.43 -8.12 7.85
N GLY A 73 1.66 -8.21 6.78
CA GLY A 73 0.72 -7.16 6.45
C GLY A 73 1.20 -6.29 5.31
N ALA A 74 1.99 -6.87 4.42
CA ALA A 74 2.52 -6.14 3.27
C ALA A 74 1.75 -6.47 2.00
N LEU A 75 1.38 -5.43 1.25
CA LEU A 75 0.64 -5.62 0.01
C LEU A 75 1.55 -5.48 -1.19
N TYR A 76 1.86 -6.60 -1.83
CA TYR A 76 2.73 -6.61 -3.00
C TYR A 76 1.92 -6.41 -4.29
N ILE A 77 2.23 -5.34 -5.00
CA ILE A 77 1.53 -5.05 -6.25
C ILE A 77 2.44 -5.27 -7.45
N SER A 78 2.05 -6.18 -8.33
CA SER A 78 2.83 -6.48 -9.53
C SER A 78 2.38 -5.62 -10.70
N LYS A 79 3.31 -5.36 -11.62
CA LYS A 79 3.02 -4.54 -12.79
C LYS A 79 2.14 -3.35 -12.42
N VAL A 80 2.52 -2.66 -11.35
CA VAL A 80 1.77 -1.50 -10.89
C VAL A 80 1.45 -0.56 -12.04
N GLN A 81 0.65 0.47 -11.77
CA GLN A 81 0.27 1.44 -12.79
C GLN A 81 0.33 2.87 -12.24
N LYS A 82 0.76 3.80 -13.08
CA LYS A 82 0.86 5.19 -12.68
C LYS A 82 -0.30 5.59 -11.77
N GLU A 83 -1.51 5.24 -12.19
CA GLU A 83 -2.70 5.56 -11.41
C GLU A 83 -2.55 5.11 -9.96
N ASP A 84 -2.00 3.91 -9.78
CA ASP A 84 -1.80 3.36 -8.45
C ASP A 84 -1.36 4.45 -7.47
N ASN A 85 -0.50 5.34 -7.95
CA ASN A 85 0.01 6.43 -7.11
C ASN A 85 -1.13 7.09 -6.33
N SER A 86 -1.32 6.65 -5.09
CA SER A 86 -2.37 7.18 -4.24
C SER A 86 -2.01 7.03 -2.77
N THR A 87 -2.83 7.61 -1.89
CA THR A 87 -2.60 7.54 -0.47
C THR A 87 -3.20 6.28 0.15
N TYR A 88 -2.40 5.22 0.22
CA TYR A 88 -2.85 3.96 0.76
C TYR A 88 -3.06 4.06 2.28
N ILE A 89 -4.10 3.39 2.77
CA ILE A 89 -4.40 3.41 4.20
C ILE A 89 -4.72 2.00 4.70
N MET A 90 -3.73 1.39 5.35
CA MET A 90 -3.91 0.05 5.91
C MET A 90 -4.64 0.09 7.23
N ARG A 91 -5.92 -0.29 7.22
CA ARG A 91 -6.73 -0.29 8.42
C ARG A 91 -6.57 -1.61 9.18
N VAL A 92 -6.40 -1.50 10.50
CA VAL A 92 -6.24 -2.69 11.34
C VAL A 92 -6.93 -2.51 12.68
N LEU A 93 -7.71 -3.50 13.09
CA LEU A 93 -8.42 -3.46 14.35
C LEU A 93 -7.69 -4.26 15.43
N LYS A 94 -6.84 -3.58 16.18
CA LYS A 94 -6.08 -4.23 17.24
C LYS A 94 -7.00 -4.99 18.20
N LYS A 95 -6.54 -6.13 18.68
CA LYS A 95 -7.32 -6.95 19.61
C LYS A 95 -8.01 -6.08 20.65
N THR A 96 -7.21 -5.43 21.48
CA THR A 96 -7.73 -4.56 22.53
C THR A 96 -8.67 -3.51 21.96
N GLY A 97 -8.55 -3.26 20.65
CA GLY A 97 -9.39 -2.27 20.01
C GLY A 97 -8.68 -0.95 19.81
N ASN A 98 -7.94 -0.84 18.71
CA ASN A 98 -7.21 0.39 18.41
C ASN A 98 -7.73 1.02 17.12
N GLU A 99 -8.22 0.19 16.22
CA GLU A 99 -8.75 0.67 14.94
C GLU A 99 -7.85 1.76 14.37
N GLN A 100 -6.57 1.46 14.24
CA GLN A 100 -5.60 2.42 13.70
C GLN A 100 -5.17 2.02 12.30
N GLU A 101 -4.74 3.01 11.51
CA GLU A 101 -4.30 2.75 10.14
C GLU A 101 -3.05 3.56 9.82
N TRP A 102 -2.31 3.13 8.81
CA TRP A 102 -1.09 3.81 8.40
C TRP A 102 -1.25 4.44 7.02
N LYS A 103 -0.79 5.68 6.88
CA LYS A 103 -0.89 6.39 5.61
C LYS A 103 0.39 6.25 4.81
N ILE A 104 0.28 5.72 3.60
CA ILE A 104 1.43 5.53 2.73
C ILE A 104 1.14 6.00 1.30
N LYS A 105 1.64 7.18 0.95
CA LYS A 105 1.43 7.73 -0.38
C LYS A 105 2.42 7.14 -1.37
N LEU A 106 1.91 6.40 -2.34
CA LEU A 106 2.75 5.77 -3.36
C LEU A 106 3.12 6.77 -4.43
N GLN A 107 4.43 6.95 -4.65
CA GLN A 107 4.92 7.88 -5.65
C GLN A 107 5.55 7.14 -6.83
N VAL A 108 4.79 6.99 -7.91
CA VAL A 108 5.27 6.30 -9.10
C VAL A 108 6.07 7.24 -10.00
N LEU A 109 7.20 6.75 -10.49
CA LEU A 109 8.06 7.55 -11.37
C LEU A 109 8.26 6.85 -12.71
N ASP A 110 8.30 7.64 -13.78
CA ASP A 110 8.49 7.11 -15.12
C ASP A 110 9.81 6.33 -15.21
N PRO A 111 9.77 5.18 -15.90
CA PRO A 111 10.95 4.33 -16.09
C PRO A 111 11.99 4.96 -17.00
N VAL A 112 11.55 5.40 -18.17
CA VAL A 112 12.44 6.03 -19.14
C VAL A 112 11.96 7.42 -19.51
N PRO A 113 12.83 8.42 -19.29
CA PRO A 113 12.52 9.82 -19.59
C PRO A 113 12.43 10.09 -21.09
N LYS A 114 12.34 11.36 -21.46
CA LYS A 114 12.27 11.75 -22.86
C LYS A 114 13.55 11.39 -23.61
N PRO A 115 13.39 10.85 -24.82
CA PRO A 115 14.52 10.45 -25.66
C PRO A 115 15.31 11.64 -26.19
N VAL A 116 16.57 11.42 -26.52
CA VAL A 116 17.43 12.48 -27.04
C VAL A 116 17.91 12.15 -28.45
N ILE A 117 17.11 12.50 -29.44
CA ILE A 117 17.45 12.25 -30.84
C ILE A 117 18.75 12.95 -31.21
N LYS A 118 19.87 12.28 -31.00
CA LYS A 118 21.18 12.84 -31.33
C LYS A 118 21.91 11.96 -32.33
N ILE A 119 21.67 12.20 -33.62
CA ILE A 119 22.31 11.43 -34.68
C ILE A 119 22.99 12.36 -35.69
N GLU A 120 24.27 12.09 -35.93
CA GLU A 120 25.05 12.90 -36.87
C GLU A 120 25.38 12.10 -38.13
N LYS A 121 24.86 12.54 -39.26
CA LYS A 121 25.10 11.86 -40.53
C LYS A 121 25.70 12.82 -41.55
#